data_8PNQ
#
_entry.id   8PNQ
#
_cell.length_a   1.00
_cell.length_b   1.00
_cell.length_c   1.00
_cell.angle_alpha   90.00
_cell.angle_beta   90.00
_cell.angle_gamma   90.00
#
_symmetry.space_group_name_H-M   'P 1'
#
loop_
_entity.id
_entity.type
_entity.pdbx_description
1 polymer 'Polymerase acidic protein'
2 polymer 'RNA-directed RNA polymerase catalytic subunit'
3 polymer 'Polymerase basic protein 2'
4 polymer '51-mer vRNA loop (v51_mut_S)'
5 polymer 'Replication product'
6 polymer 'RNA Pol II CTD 6 repeats (site 1A/2A)'
7 non-polymer "5'-O-[(S)-hydroxy{[(S)-hydroxy(phosphonooxy)phosphoryl]amino}phosphoryl]uridine"
8 non-polymer 'MAGNESIUM ION'
#
loop_
_entity_poly.entity_id
_entity_poly.type
_entity_poly.pdbx_seq_one_letter_code
_entity_poly.pdbx_strand_id
1 'polypeptide(L)'
;MHHHHHHHHGSGSMEDFVRQCFNPMIVELAEKAMKEYGEDPKIETNKFASICTHLEVCFMYSDFHFIDERGESTIIESGD
PNVLLKHRFEIIEGRDRTMAWTVVNSICNTTGVEKPKFLPDLYDYKENRFIEIGVTRREVHIYYLEKANKIKSEKTHIHI
FSFTGEEMATKADYTLDEESRARIKTRLFTIRQEMASRGLWDSFRQSERGEETIEERFEITGTMRRLADQSLPPNFSSLE
NFRAYVDGFEPNGCIEGKLSQMSKEVNARIEPFLRTTPRPLRLPDGPPCSQRSKFLLMDALKLSIEDPSHEGEGIPLYDA
IKCMKTFFGWKEPNIIKPHEKGINPNYLLTWKQVLAELQDIKNEEKIPRTKNMKKTSQLKWALGENMAPEKVDFEDCKDV
NDLKQYDSDEPEPRSLACWIQSEFNKACELTDSSWVELDEIGEDVAPIEHIASMRRNYFTAEVSHCRATEYIMKGVYINT
ALLNASCAAMDDFQLIPMISKCITKEGRRKTNLYGFIIKGRSHLRNDTDVVNFVSMEFSLTDPRLEPHKWEKYCVLEIGD
MLLRTAVGQVSRPMFLYVRTNGTSKIKMKWGMEMRRCLLQSLQQIESMIEAESSVKEKDLTKEFFENKSETWPIGESPKG
VEEGSIGKVCRTLLAKSVFNSLYASPQLEGFSAESRKLLLIVQALRDNLEPGTFDLEGLYEAIEECLINDPWVLLNASWF
NSFLTHALR
;
A
2 'polypeptide(L)'
;MDVNPTLLFLKVPVQNAISTTFPYTGDPPYSHGTGTGYTMDTVNRTHKYSEKGKWTTNTETGAPQLNPIDGPLPEDNEPS
GYAQTDCVLEAMAFLEESHPGIFENSCLETMEIVQQTRVDKLTQGRQTYDWTLNRNQPAATALANTIEVFRSNGLTANES
GRLIDFLKDVMDSMDKEEMEITTHFQRKRRVRDNMTKKMVTQRTIGKKKQRLNKRSYLIRALTLNTMTKDAERGKLKRRA
IATPGMQIRGFVYFVEALARSICEKLEQSGLPVGGNEKKAKLANVVRKMMTNSQDTELSFTITGDNTKWNENQNPRMFLA
MITYITRNQPEWFRNVLSIAPIMFSNKMARLGKGYMFESKSMKLRTQVPAEMLANIDLKYFNKSTREKIEKIRPLLIDGT
ASLSPGMMMGMFNMLSTVLGVSILNLGQKKYTKTTYWWDGLQSSDDFALIVNAPNHEGIQAGVDRFYRTCKLVGINMSKK
KSYINRTGTFEFTSFFYRYGFVANFSMELPSFGVSGINESADMSVGVTVIKNNMINNDLGPATAQMALQLFIKDYRYTYR
CHRGDTQIQTRRAFELGKLWEQTRSKAGLLVSDGGPNLYNIRNLHIPEVCLKWELMDEDYQGRLCNPMNPFVSHKEIDSV
NNAVVMPAHGPAKSMEYDAVATTHSWIPKRNRSILNTSQRGILEDEQMYQKCCNLFEKFFPSSSYRRPVGISSMVEAMVS
RARIDARIDFESGRIKKEEFAEIMKICSTIEELRRQK
;
B
3 'polypeptide(L)'
;MERIKELRDLMSQSRTREILTKTTVDHMAIIKKYTSGRQEKNPALRMKWMMAMKYPITADKRIMEMIPERNEQRQTLWSK
TNDAGSDRVMVSPLAVTWWNRNGPTTSTVHYPKVYKTYFEKVERLKHGTFGPVHFRNQVKIRRRVDINPGHADLSAKEAQ
DVIMEVVFPNEVGARILTSESQLTITKEKKKELQDCKIAPLMVAYMLERELVRKTRFLPVAGGTSSVYIEVLHLTQGTCW
EQMYTPGGEVRNDDVDQSLIIAARNIVRRATVSADPLASLLEMCHSTQIGGVRMVDILRQNPTEEQAVDICKAAMGLRIS
SSFSFGGFTFKRTSGSSVKREEEVLTGNLQTLKIRVHEGYEEFTMVGRRATAILRKATRRLIQLIVSGKDEQSIAEAIIV
AMVFSQEDCMIKAVRGDLNFVNRANQRLNPMHQLLRHFQKDAKVLFQNWGIEPIDNVMGMIGILPDMTPSTEMSLRGVRV
SKMGVDEYSSTERVVVSIDRFLRVRDQRGNVLLSPEEVSETQGTEKLTITYSSSMMWEINGPESVLVNTYQWIIRNWENV
KIQWSQDPTMLYNKMEFEPFQSLVPKAARGQYSGFVRVLFQQMRDVLGTFDTVQIIKLLPFAAAPPEQSRMQFSSLTVNV
RGSGMRIVVRGNSPVFNYNKATKRLTVLGKDAGALMEDPDEGTAGVESAVLRGFLILGKENKRYGPALSINELSNLAKGE
KANVLIGQGDVVLVMKRKRDSSILTDSQTATKRIRMAINGWSHPQFEKGGGSGGGSGGSAWSHPQFEK
;
C
4 'polyribonucleotide' AGUAGAAACAAGGGUGUAUUUUCCCCUCUUUUUGUUUCCCCUGCUUUUGCU V
5 'polyribonucleotide' AGCAAAAGCAGGGGAAACAAAAAGAGGGGAAAA M
6 'polypeptide(L)' YSPT(SEP)PSYSPT(SEP)PSYSPTSPSYSPT(SEP)PSYSPT(SEP)PSYSPT(SEP)PS G
#
# COMPACT_ATOMS: atom_id res chain seq x y z
N MET A 14 27.45 20.40 -40.93
CA MET A 14 27.00 21.78 -40.84
C MET A 14 26.88 22.27 -39.40
N GLU A 15 26.83 21.37 -38.43
CA GLU A 15 26.69 21.79 -37.03
C GLU A 15 27.87 22.63 -36.58
N ASP A 16 29.10 22.24 -36.97
CA ASP A 16 30.27 23.00 -36.58
C ASP A 16 30.21 24.42 -37.14
N PHE A 17 29.67 24.57 -38.35
CA PHE A 17 29.49 25.91 -38.92
C PHE A 17 28.60 26.76 -38.03
N VAL A 18 27.49 26.18 -37.55
CA VAL A 18 26.59 26.92 -36.67
C VAL A 18 27.30 27.25 -35.37
N ARG A 19 28.07 26.31 -34.83
CA ARG A 19 28.77 26.56 -33.58
C ARG A 19 29.74 27.72 -33.72
N GLN A 20 30.47 27.78 -34.83
CA GLN A 20 31.45 28.84 -35.04
C GLN A 20 30.85 30.14 -35.52
N CYS A 21 29.58 30.13 -35.97
CA CYS A 21 28.97 31.34 -36.51
C CYS A 21 28.26 32.16 -35.44
N PHE A 22 27.29 31.55 -34.76
CA PHE A 22 26.45 32.29 -33.82
C PHE A 22 27.13 32.43 -32.46
N ASN A 23 26.59 33.33 -31.65
CA ASN A 23 27.12 33.57 -30.32
C ASN A 23 26.92 32.35 -29.44
N PRO A 24 27.80 32.13 -28.46
CA PRO A 24 27.65 30.94 -27.61
C PRO A 24 26.32 30.89 -26.87
N MET A 25 25.82 32.04 -26.41
CA MET A 25 24.54 32.02 -25.69
C MET A 25 23.40 31.65 -26.63
N ILE A 26 23.43 32.16 -27.86
CA ILE A 26 22.40 31.79 -28.83
C ILE A 26 22.50 30.30 -29.14
N VAL A 27 23.71 29.79 -29.30
CA VAL A 27 23.90 28.38 -29.61
C VAL A 27 23.34 27.50 -28.49
N GLU A 28 23.65 27.85 -27.24
CA GLU A 28 23.20 27.01 -26.14
C GLU A 28 21.69 27.13 -25.94
N LEU A 29 21.13 28.32 -26.18
CA LEU A 29 19.69 28.47 -26.13
C LEU A 29 19.02 27.58 -27.16
N ALA A 30 19.54 27.57 -28.39
CA ALA A 30 18.96 26.73 -29.44
C ALA A 30 19.10 25.26 -29.09
N GLU A 31 20.26 24.87 -28.56
CA GLU A 31 20.46 23.48 -28.16
C GLU A 31 19.44 23.07 -27.10
N LYS A 32 19.23 23.91 -26.10
CA LYS A 32 18.25 23.61 -25.08
C LYS A 32 16.84 23.53 -25.66
N ALA A 33 16.48 24.48 -26.52
CA ALA A 33 15.15 24.49 -27.10
C ALA A 33 14.88 23.22 -27.89
N MET A 34 15.87 22.75 -28.66
CA MET A 34 15.66 21.55 -29.44
C MET A 34 15.65 20.30 -28.55
N LYS A 35 16.58 20.22 -27.61
CA LYS A 35 16.62 19.07 -26.72
C LYS A 35 15.36 18.97 -25.87
N GLU A 36 14.64 20.09 -25.70
CA GLU A 36 13.39 20.05 -24.95
C GLU A 36 12.40 19.07 -25.57
N TYR A 37 12.51 18.80 -26.87
CA TYR A 37 11.61 17.89 -27.56
C TYR A 37 12.34 16.65 -28.08
N GLY A 38 13.44 16.27 -27.43
CA GLY A 38 14.15 15.06 -27.81
C GLY A 38 14.68 15.08 -29.22
N GLU A 39 15.20 16.22 -29.67
CA GLU A 39 15.81 16.36 -30.98
C GLU A 39 17.31 16.51 -30.81
N ASP A 40 18.08 15.73 -31.55
CA ASP A 40 19.53 15.73 -31.42
C ASP A 40 20.12 16.74 -32.39
N PRO A 41 20.83 17.77 -31.91
CA PRO A 41 21.43 18.74 -32.85
C PRO A 41 22.45 18.12 -33.79
N LYS A 42 22.99 16.95 -33.46
CA LYS A 42 23.99 16.33 -34.33
C LYS A 42 23.39 15.91 -35.66
N ILE A 43 22.15 15.43 -35.64
CA ILE A 43 21.54 14.87 -36.85
C ILE A 43 20.52 15.85 -37.43
N GLU A 44 19.98 16.73 -36.60
CA GLU A 44 19.06 17.77 -37.06
C GLU A 44 19.80 19.10 -37.15
N THR A 45 20.73 19.17 -38.11
CA THR A 45 21.56 20.36 -38.24
C THR A 45 20.80 21.51 -38.88
N ASN A 46 19.94 21.21 -39.87
CA ASN A 46 19.20 22.26 -40.54
C ASN A 46 18.25 22.96 -39.56
N LYS A 47 17.52 22.17 -38.77
CA LYS A 47 16.64 22.76 -37.77
C LYS A 47 17.45 23.52 -36.72
N PHE A 48 18.63 23.00 -36.37
CA PHE A 48 19.51 23.70 -35.45
C PHE A 48 19.85 25.09 -35.96
N ALA A 49 20.26 25.18 -37.23
CA ALA A 49 20.60 26.47 -37.80
C ALA A 49 19.38 27.38 -37.88
N SER A 50 18.23 26.82 -38.24
CA SER A 50 17.02 27.63 -38.34
C SER A 50 16.66 28.24 -36.98
N ILE A 51 16.71 27.43 -35.93
CA ILE A 51 16.37 27.93 -34.60
C ILE A 51 17.41 28.95 -34.13
N CYS A 52 18.69 28.69 -34.41
CA CYS A 52 19.72 29.64 -34.03
C CYS A 52 19.50 30.99 -34.70
N THR A 53 19.20 30.97 -36.00
CA THR A 53 18.96 32.20 -36.73
C THR A 53 17.73 32.93 -36.19
N HIS A 54 16.66 32.19 -35.90
CA HIS A 54 15.46 32.81 -35.36
C HIS A 54 15.74 33.46 -34.01
N LEU A 55 16.47 32.78 -33.14
CA LEU A 55 16.81 33.34 -31.84
C LEU A 55 17.66 34.60 -32.00
N GLU A 56 18.66 34.55 -32.89
CA GLU A 56 19.50 35.72 -33.10
C GLU A 56 18.67 36.89 -33.61
N VAL A 57 17.77 36.64 -34.55
CA VAL A 57 16.94 37.71 -35.09
C VAL A 57 16.06 38.30 -33.99
N CYS A 58 15.46 37.45 -33.17
CA CYS A 58 14.60 37.95 -32.08
C CYS A 58 15.41 38.80 -31.10
N PHE A 59 16.60 38.34 -30.72
CA PHE A 59 17.41 39.10 -29.79
C PHE A 59 17.83 40.44 -30.38
N MET A 60 18.24 40.45 -31.65
CA MET A 60 18.60 41.71 -32.29
C MET A 60 17.41 42.65 -32.38
N TYR A 61 16.23 42.10 -32.66
CA TYR A 61 15.02 42.92 -32.71
C TYR A 61 14.74 43.56 -31.36
N SER A 62 14.86 42.80 -30.27
CA SER A 62 14.53 43.32 -28.96
C SER A 62 15.60 44.28 -28.44
N ASP A 63 16.87 43.94 -28.62
CA ASP A 63 17.96 44.67 -27.98
C ASP A 63 18.04 46.10 -28.48
N PHE A 64 18.68 46.95 -27.67
CA PHE A 64 18.93 48.34 -28.03
C PHE A 64 17.62 49.12 -28.21
N HIS A 65 16.64 48.81 -27.38
CA HIS A 65 15.36 49.52 -27.39
C HIS A 65 14.85 49.56 -25.95
N PHE A 66 14.81 50.75 -25.37
CA PHE A 66 14.47 50.94 -23.97
C PHE A 66 13.28 51.90 -23.86
N ILE A 67 12.80 52.07 -22.64
CA ILE A 67 11.71 53.00 -22.34
C ILE A 67 12.16 53.89 -21.18
N ASP A 68 12.08 55.20 -21.39
CA ASP A 68 12.42 56.16 -20.36
C ASP A 68 11.26 56.31 -19.38
N GLU A 69 11.55 56.96 -18.24
CA GLU A 69 10.51 57.16 -17.23
C GLU A 69 9.35 57.96 -17.78
N ARG A 70 9.59 58.81 -18.77
CA ARG A 70 8.49 59.56 -19.38
C ARG A 70 7.48 58.63 -20.03
N GLY A 71 7.97 57.60 -20.72
CA GLY A 71 7.10 56.61 -21.32
C GLY A 71 7.23 56.54 -22.83
N GLU A 72 8.39 56.94 -23.35
CA GLU A 72 8.66 56.91 -24.78
C GLU A 72 9.83 55.98 -25.07
N SER A 73 9.80 55.36 -26.25
CA SER A 73 10.88 54.47 -26.64
C SER A 73 12.20 55.23 -26.72
N THR A 74 13.25 54.63 -26.14
CA THR A 74 14.59 55.20 -26.17
C THR A 74 15.58 54.11 -26.54
N ILE A 75 16.62 54.50 -27.26
CA ILE A 75 17.66 53.58 -27.72
C ILE A 75 19.01 54.07 -27.20
N ILE A 76 19.78 53.16 -26.62
CA ILE A 76 21.10 53.48 -26.10
C ILE A 76 22.12 52.53 -26.72
N LEU A 85 16.87 50.03 -16.77
CA LEU A 85 15.81 50.80 -17.42
C LEU A 85 14.79 49.86 -18.06
N LYS A 86 13.55 50.34 -18.17
CA LYS A 86 12.46 49.53 -18.72
C LYS A 86 12.75 49.22 -20.18
N HIS A 87 12.98 47.95 -20.49
CA HIS A 87 13.24 47.54 -21.85
C HIS A 87 12.00 47.72 -22.71
N ARG A 88 12.22 48.13 -23.97
CA ARG A 88 11.10 48.33 -24.88
C ARG A 88 10.35 47.03 -25.14
N PHE A 89 11.09 45.94 -25.36
CA PHE A 89 10.51 44.66 -25.73
C PHE A 89 10.86 43.61 -24.69
N GLU A 90 9.91 42.69 -24.47
CA GLU A 90 10.12 41.54 -23.60
C GLU A 90 10.23 40.28 -24.45
N ILE A 91 11.27 39.50 -24.20
CA ILE A 91 11.52 38.28 -24.94
C ILE A 91 10.63 37.17 -24.39
N ILE A 92 10.12 36.33 -25.30
CA ILE A 92 9.36 35.15 -24.90
C ILE A 92 9.99 33.92 -25.55
N GLU A 93 10.66 34.11 -26.67
CA GLU A 93 11.37 33.02 -27.32
C GLU A 93 12.67 32.74 -26.58
N GLY A 94 13.14 31.50 -26.70
CA GLY A 94 14.34 31.07 -26.00
C GLY A 94 14.12 30.65 -24.56
N ARG A 95 12.88 30.65 -24.09
CA ARG A 95 12.54 30.23 -22.74
C ARG A 95 11.84 28.88 -22.78
N ASP A 96 11.62 28.32 -21.59
CA ASP A 96 10.88 27.08 -21.49
C ASP A 96 9.41 27.30 -21.85
N ARG A 97 8.75 26.20 -22.20
CA ARG A 97 7.32 26.29 -22.50
C ARG A 97 6.55 26.82 -21.30
N THR A 98 6.82 26.26 -20.12
CA THR A 98 6.15 26.75 -18.91
C THR A 98 6.59 28.17 -18.58
N MET A 99 7.89 28.46 -18.69
CA MET A 99 8.37 29.80 -18.41
C MET A 99 7.76 30.82 -19.37
N ALA A 100 7.76 30.51 -20.66
CA ALA A 100 7.18 31.41 -21.63
C ALA A 100 5.69 31.61 -21.38
N TRP A 101 4.98 30.53 -21.09
CA TRP A 101 3.54 30.64 -20.89
C TRP A 101 3.21 31.42 -19.64
N THR A 102 3.97 31.25 -18.55
CA THR A 102 3.70 32.04 -17.36
C THR A 102 4.05 33.51 -17.58
N VAL A 103 5.09 33.80 -18.36
CA VAL A 103 5.39 35.19 -18.69
C VAL A 103 4.22 35.80 -19.47
N VAL A 104 3.72 35.05 -20.46
CA VAL A 104 2.59 35.54 -21.25
C VAL A 104 1.37 35.77 -20.37
N ASN A 105 1.10 34.82 -19.46
CA ASN A 105 -0.06 34.94 -18.58
C ASN A 105 0.06 36.15 -17.67
N SER A 106 1.26 36.38 -17.11
CA SER A 106 1.45 37.55 -16.27
C SER A 106 1.24 38.83 -17.05
N ILE A 107 1.78 38.90 -18.27
CA ILE A 107 1.61 40.10 -19.08
C ILE A 107 0.13 40.33 -19.38
N CYS A 108 -0.59 39.27 -19.76
CA CYS A 108 -2.00 39.41 -20.07
C CYS A 108 -2.80 39.85 -18.85
N ASN A 109 -2.50 39.26 -17.69
CA ASN A 109 -3.23 39.60 -16.48
C ASN A 109 -2.99 41.05 -16.08
N THR A 110 -1.76 41.54 -16.24
CA THR A 110 -1.44 42.90 -15.82
C THR A 110 -1.96 43.92 -16.82
N THR A 111 -1.51 43.85 -18.08
CA THR A 111 -1.89 44.83 -19.08
C THR A 111 -3.31 44.61 -19.61
N GLY A 112 -3.86 43.41 -19.45
CA GLY A 112 -5.21 43.14 -19.89
C GLY A 112 -5.36 42.86 -21.37
N VAL A 113 -4.26 42.65 -22.09
CA VAL A 113 -4.34 42.35 -23.51
C VAL A 113 -4.88 40.93 -23.69
N GLU A 114 -5.31 40.60 -24.91
CA GLU A 114 -5.84 39.27 -25.17
C GLU A 114 -4.75 38.21 -25.06
N LYS A 115 -5.15 37.02 -24.66
CA LYS A 115 -4.21 35.91 -24.51
C LYS A 115 -4.00 35.25 -25.87
N PRO A 116 -2.78 35.25 -26.43
CA PRO A 116 -2.57 34.61 -27.72
C PRO A 116 -2.83 33.10 -27.64
N LYS A 117 -3.34 32.56 -28.75
CA LYS A 117 -3.62 31.13 -28.80
C LYS A 117 -2.35 30.31 -28.83
N PHE A 118 -1.28 30.84 -29.43
CA PHE A 118 0.01 30.18 -29.49
C PHE A 118 1.09 31.11 -28.97
N LEU A 119 2.19 30.53 -28.54
CA LEU A 119 3.25 31.30 -27.91
C LEU A 119 3.82 32.31 -28.90
N PRO A 120 3.78 33.60 -28.60
CA PRO A 120 4.44 34.59 -29.47
C PRO A 120 5.93 34.64 -29.18
N ASP A 121 6.60 35.58 -29.84
CA ASP A 121 8.05 35.72 -29.72
C ASP A 121 8.48 36.97 -28.97
N LEU A 122 7.72 38.06 -29.06
CA LEU A 122 8.08 39.29 -28.37
C LEU A 122 6.82 39.95 -27.84
N TYR A 123 7.00 40.81 -26.84
CA TYR A 123 5.91 41.67 -26.37
C TYR A 123 6.40 43.10 -26.35
N ASP A 124 5.62 43.99 -26.95
CA ASP A 124 5.93 45.42 -26.98
C ASP A 124 5.08 46.13 -25.94
N TYR A 125 5.75 46.73 -24.95
CA TYR A 125 5.04 47.48 -23.92
C TYR A 125 4.50 48.80 -24.47
N LYS A 126 5.32 49.53 -25.22
CA LYS A 126 4.88 50.81 -25.76
C LYS A 126 3.67 50.63 -26.66
N GLU A 127 3.74 49.67 -27.59
CA GLU A 127 2.58 49.33 -28.40
C GLU A 127 1.61 48.42 -27.67
N ASN A 128 2.06 47.78 -26.59
CA ASN A 128 1.21 46.94 -25.76
C ASN A 128 0.54 45.84 -26.58
N ARG A 129 1.38 44.99 -27.17
CA ARG A 129 0.84 43.89 -27.98
C ARG A 129 1.94 42.88 -28.24
N PHE A 130 1.51 41.66 -28.57
CA PHE A 130 2.43 40.56 -28.87
C PHE A 130 2.81 40.59 -30.35
N ILE A 131 4.06 40.22 -30.62
CA ILE A 131 4.62 40.22 -31.96
C ILE A 131 5.25 38.86 -32.24
N GLU A 132 4.98 38.32 -33.42
CA GLU A 132 5.61 37.09 -33.89
C GLU A 132 6.65 37.45 -34.94
N ILE A 133 7.87 36.94 -34.74
CA ILE A 133 8.98 37.21 -35.65
C ILE A 133 9.31 35.90 -36.38
N GLY A 134 9.31 35.97 -37.70
CA GLY A 134 9.59 34.80 -38.53
C GLY A 134 10.72 35.09 -39.50
N VAL A 135 11.59 34.09 -39.67
CA VAL A 135 12.70 34.16 -40.62
C VAL A 135 12.55 33.01 -41.59
N THR A 136 12.64 33.31 -42.89
CA THR A 136 12.33 32.34 -43.92
C THR A 136 13.35 32.40 -45.04
N ARG A 137 13.46 31.28 -45.76
CA ARG A 137 14.30 31.20 -46.95
C ARG A 137 13.52 31.37 -48.25
N ARG A 138 12.20 31.16 -48.22
CA ARG A 138 11.36 31.27 -49.39
C ARG A 138 10.80 32.68 -49.50
N GLU A 139 9.83 32.87 -50.38
CA GLU A 139 9.21 34.18 -50.57
C GLU A 139 8.46 34.59 -49.31
N VAL A 140 8.46 35.90 -49.03
CA VAL A 140 7.90 36.41 -47.78
C VAL A 140 6.38 36.27 -47.77
N HIS A 141 5.73 36.52 -48.91
CA HIS A 141 4.27 36.58 -48.92
C HIS A 141 3.65 35.23 -48.57
N ILE A 142 4.20 34.14 -49.10
CA ILE A 142 3.64 32.82 -48.81
C ILE A 142 3.70 32.55 -47.32
N TYR A 143 4.85 32.81 -46.71
CA TYR A 143 5.01 32.55 -45.28
C TYR A 143 4.13 33.46 -44.45
N TYR A 144 3.98 34.73 -44.86
CA TYR A 144 3.09 35.63 -44.15
C TYR A 144 1.65 35.12 -44.19
N LEU A 145 1.20 34.68 -45.36
CA LEU A 145 -0.15 34.13 -45.45
C LEU A 145 -0.29 32.90 -44.56
N GLU A 146 0.71 32.02 -44.58
CA GLU A 146 0.67 30.84 -43.73
C GLU A 146 0.53 31.21 -42.26
N LYS A 147 1.37 32.15 -41.79
CA LYS A 147 1.33 32.54 -40.39
C LYS A 147 0.01 33.22 -40.04
N ALA A 148 -0.48 34.11 -40.90
CA ALA A 148 -1.73 34.80 -40.62
C ALA A 148 -2.88 33.81 -40.52
N ASN A 149 -2.92 32.82 -41.41
CA ASN A 149 -3.95 31.79 -41.30
C ASN A 149 -3.77 30.96 -40.03
N LYS A 150 -2.52 30.66 -39.67
CA LYS A 150 -2.26 29.81 -38.53
C LYS A 150 -2.73 30.47 -37.23
N ILE A 151 -2.29 31.70 -36.98
CA ILE A 151 -2.66 32.36 -35.73
C ILE A 151 -4.13 32.74 -35.76
N LYS A 152 -4.61 33.25 -36.89
CA LYS A 152 -6.02 33.61 -37.06
C LYS A 152 -6.51 34.48 -35.91
N SER A 153 -5.82 35.60 -35.70
CA SER A 153 -6.19 36.52 -34.63
C SER A 153 -5.62 37.88 -34.97
N GLU A 154 -6.50 38.86 -35.20
CA GLU A 154 -6.08 40.21 -35.56
C GLU A 154 -5.67 41.06 -34.36
N LYS A 155 -4.79 40.51 -33.52
CA LYS A 155 -4.28 41.23 -32.36
C LYS A 155 -2.79 41.01 -32.13
N THR A 156 -2.19 40.01 -32.77
CA THR A 156 -0.76 39.72 -32.63
C THR A 156 -0.06 40.17 -33.90
N HIS A 157 0.93 41.05 -33.75
CA HIS A 157 1.66 41.57 -34.91
C HIS A 157 2.53 40.47 -35.51
N ILE A 158 2.66 40.50 -36.84
CA ILE A 158 3.49 39.57 -37.58
C ILE A 158 4.59 40.37 -38.26
N HIS A 159 5.82 39.86 -38.18
CA HIS A 159 6.96 40.48 -38.84
C HIS A 159 7.82 39.38 -39.44
N ILE A 160 7.97 39.38 -40.76
CA ILE A 160 8.70 38.36 -41.47
C ILE A 160 9.89 39.00 -42.18
N PHE A 161 11.06 38.39 -41.99
CA PHE A 161 12.29 38.79 -42.67
C PHE A 161 12.72 37.68 -43.61
N SER A 162 13.54 38.05 -44.60
CA SER A 162 14.06 37.10 -45.57
C SER A 162 15.56 37.32 -45.74
N PHE A 163 16.26 36.22 -46.00
CA PHE A 163 17.70 36.30 -46.25
C PHE A 163 18.02 37.05 -47.54
N THR A 164 17.03 37.26 -48.41
CA THR A 164 17.25 38.03 -49.63
C THR A 164 17.15 39.53 -49.42
N GLY A 165 16.77 39.98 -48.22
CA GLY A 165 16.66 41.39 -47.92
C GLY A 165 15.24 41.93 -47.90
N GLU A 166 14.23 41.08 -48.06
CA GLU A 166 12.85 41.50 -48.05
C GLU A 166 12.28 41.38 -46.63
N GLU A 167 11.41 42.33 -46.27
CA GLU A 167 10.77 42.36 -44.97
C GLU A 167 9.32 42.78 -45.12
N MET A 168 8.45 42.22 -44.30
CA MET A 168 7.04 42.61 -44.31
C MET A 168 6.48 42.51 -42.90
N ALA A 169 5.45 43.32 -42.65
CA ALA A 169 4.79 43.36 -41.35
C ALA A 169 3.28 43.41 -41.58
N THR A 170 2.53 43.63 -40.50
CA THR A 170 1.08 43.73 -40.57
C THR A 170 0.68 45.20 -40.67
N LYS A 171 -0.11 45.52 -41.69
CA LYS A 171 -0.54 46.90 -41.95
C LYS A 171 0.65 47.81 -42.21
N ALA A 172 1.75 47.23 -42.70
CA ALA A 172 2.96 48.00 -43.00
C ALA A 172 3.43 48.80 -41.80
N ASP A 173 3.24 48.25 -40.60
CA ASP A 173 3.61 48.91 -39.35
C ASP A 173 4.90 48.28 -38.85
N TYR A 174 6.02 48.82 -39.32
CA TYR A 174 7.35 48.38 -38.86
C TYR A 174 7.68 49.19 -37.61
N THR A 175 7.41 48.60 -36.45
CA THR A 175 7.61 49.31 -35.19
C THR A 175 9.07 49.69 -35.00
N LEU A 176 9.99 48.77 -35.33
CA LEU A 176 11.40 49.04 -35.18
C LEU A 176 11.85 50.12 -36.15
N ASP A 177 12.83 50.92 -35.70
CA ASP A 177 13.34 52.01 -36.53
C ASP A 177 14.07 51.45 -37.75
N GLU A 178 14.15 52.28 -38.79
CA GLU A 178 14.78 51.85 -40.03
C GLU A 178 16.18 51.33 -39.80
N GLU A 179 16.91 51.93 -38.87
CA GLU A 179 18.30 51.53 -38.63
C GLU A 179 18.37 50.11 -38.10
N SER A 180 17.52 49.77 -37.13
CA SER A 180 17.55 48.42 -36.55
C SER A 180 17.17 47.37 -37.59
N ARG A 181 16.15 47.65 -38.39
CA ARG A 181 15.77 46.72 -39.46
C ARG A 181 16.91 46.58 -40.47
N ALA A 182 17.62 47.67 -40.75
CA ALA A 182 18.76 47.59 -41.64
C ALA A 182 19.83 46.68 -41.07
N ARG A 183 20.11 46.80 -39.77
CA ARG A 183 21.09 45.90 -39.16
C ARG A 183 20.64 44.46 -39.26
N ILE A 184 19.35 44.20 -39.01
CA ILE A 184 18.84 42.83 -39.08
C ILE A 184 19.01 42.28 -40.49
N LYS A 185 18.66 43.07 -41.49
CA LYS A 185 18.78 42.61 -42.88
C LYS A 185 20.24 42.39 -43.26
N THR A 186 21.14 43.28 -42.83
CA THR A 186 22.55 43.09 -43.12
C THR A 186 23.08 41.82 -42.48
N ARG A 187 22.69 41.55 -41.23
CA ARG A 187 23.11 40.32 -40.57
C ARG A 187 22.58 39.10 -41.32
N LEU A 188 21.31 39.14 -41.73
CA LEU A 188 20.74 38.01 -42.45
C LEU A 188 21.47 37.77 -43.76
N PHE A 189 21.79 38.85 -44.48
CA PHE A 189 22.52 38.72 -45.73
C PHE A 189 23.92 38.16 -45.49
N THR A 190 24.57 38.59 -44.40
CA THR A 190 25.89 38.07 -44.08
C THR A 190 25.83 36.57 -43.82
N ILE A 191 24.84 36.13 -43.03
CA ILE A 191 24.68 34.70 -42.80
C ILE A 191 24.42 33.96 -44.11
N ARG A 192 23.58 34.54 -44.97
CA ARG A 192 23.29 33.90 -46.25
C ARG A 192 24.55 33.72 -47.08
N GLN A 193 25.36 34.78 -47.19
CA GLN A 193 26.59 34.70 -47.98
C GLN A 193 27.55 33.68 -47.37
N GLU A 194 27.70 33.70 -46.05
CA GLU A 194 28.62 32.77 -45.41
C GLU A 194 28.19 31.33 -45.63
N MET A 195 26.89 31.06 -45.49
CA MET A 195 26.37 29.72 -45.75
C MET A 195 26.58 29.32 -47.21
N ALA A 196 26.31 30.24 -48.14
CA ALA A 196 26.45 29.91 -49.56
C ALA A 196 27.89 29.63 -49.93
N SER A 197 28.85 30.28 -49.25
CA SER A 197 30.25 30.01 -49.53
C SER A 197 30.58 28.53 -49.36
N ARG A 198 29.91 27.85 -48.43
CA ARG A 198 30.12 26.44 -48.19
C ARG A 198 29.12 25.56 -48.95
N GLY A 199 28.27 26.15 -49.78
CA GLY A 199 27.32 25.38 -50.57
C GLY A 199 26.32 24.62 -49.73
N LEU A 200 25.92 25.16 -48.58
CA LEU A 200 24.94 24.54 -47.71
C LEU A 200 23.57 25.20 -47.81
N TRP A 201 23.39 26.16 -48.72
CA TRP A 201 22.14 26.89 -48.79
C TRP A 201 21.02 26.08 -49.42
N ASP A 202 21.34 25.21 -50.37
CA ASP A 202 20.29 24.44 -51.05
C ASP A 202 19.49 23.60 -50.05
N SER A 203 20.19 22.81 -49.24
CA SER A 203 19.50 21.97 -48.26
C SER A 203 18.74 22.82 -47.25
N PHE A 204 19.36 23.91 -46.78
CA PHE A 204 18.71 24.75 -45.79
C PHE A 204 17.40 25.32 -46.32
N ARG A 205 17.39 25.77 -47.58
CA ARG A 205 16.18 26.35 -48.15
C ARG A 205 15.15 25.28 -48.46
N GLN A 206 15.59 24.10 -48.91
CA GLN A 206 14.64 23.06 -49.29
C GLN A 206 14.05 22.34 -48.09
N SER A 207 14.70 22.39 -46.93
CA SER A 207 14.20 21.68 -45.75
C SER A 207 13.18 22.48 -44.94
N GLU A 208 12.96 23.75 -45.28
CA GLU A 208 12.02 24.57 -44.51
C GLU A 208 10.61 23.99 -44.56
N ARG A 209 10.26 23.26 -45.62
CA ARG A 209 8.91 22.73 -45.74
C ARG A 209 8.55 21.82 -44.58
N GLY A 210 9.47 20.93 -44.19
CA GLY A 210 9.19 19.94 -43.18
C GLY A 210 9.92 20.16 -41.87
N GLU A 211 10.14 21.41 -41.49
CA GLU A 211 10.79 21.73 -40.23
C GLU A 211 9.82 21.81 -39.05
N GLU A 212 8.52 21.78 -39.30
CA GLU A 212 7.51 21.89 -38.26
C GLU A 212 7.03 20.53 -37.77
N THR A 213 7.58 19.43 -38.28
CA THR A 213 7.20 18.09 -37.87
C THR A 213 8.37 17.45 -37.13
N ILE A 214 8.09 16.88 -35.96
CA ILE A 214 9.10 16.22 -35.14
C ILE A 214 8.99 14.72 -35.39
N GLU A 215 10.06 14.14 -35.92
CA GLU A 215 10.10 12.71 -36.22
C GLU A 215 10.71 11.98 -35.03
N GLU A 216 9.90 11.16 -34.37
CA GLU A 216 10.40 10.37 -33.25
C GLU A 216 11.38 9.31 -33.73
N ARG A 217 12.50 9.18 -33.02
CA ARG A 217 13.55 8.24 -33.38
C ARG A 217 13.86 7.36 -32.18
N PHE A 218 13.90 6.05 -32.41
CA PHE A 218 14.25 5.10 -31.36
C PHE A 218 14.78 3.85 -32.05
N GLU A 219 16.08 3.60 -31.95
CA GLU A 219 16.74 2.54 -32.70
C GLU A 219 17.42 1.57 -31.74
N ILE A 220 17.48 0.32 -32.17
CA ILE A 220 18.12 -0.76 -31.41
C ILE A 220 19.43 -1.07 -32.13
N THR A 221 20.56 -0.78 -31.47
CA THR A 221 21.87 -1.01 -32.05
C THR A 221 22.84 -1.38 -30.94
N GLY A 222 23.97 -1.97 -31.34
CA GLY A 222 25.00 -2.31 -30.38
C GLY A 222 24.64 -3.51 -29.54
N THR A 223 24.96 -3.44 -28.24
CA THR A 223 24.70 -4.58 -27.36
C THR A 223 23.22 -4.92 -27.33
N MET A 224 22.35 -3.92 -27.40
CA MET A 224 20.92 -4.18 -27.35
C MET A 224 20.47 -4.97 -28.57
N ARG A 225 21.03 -4.66 -29.75
CA ARG A 225 20.69 -5.43 -30.94
C ARG A 225 21.10 -6.89 -30.79
N ARG A 226 22.29 -7.13 -30.24
CA ARG A 226 22.75 -8.50 -30.03
C ARG A 226 21.86 -9.22 -29.02
N LEU A 227 21.46 -8.53 -27.95
CA LEU A 227 20.53 -9.12 -26.99
C LEU A 227 19.21 -9.48 -27.66
N ALA A 228 18.70 -8.59 -28.51
CA ALA A 228 17.46 -8.87 -29.21
C ALA A 228 17.61 -10.10 -30.11
N ASP A 229 18.73 -10.21 -30.81
CA ASP A 229 18.95 -11.37 -31.67
C ASP A 229 19.00 -12.67 -30.88
N GLN A 230 19.23 -12.60 -29.58
CA GLN A 230 19.32 -13.78 -28.72
C GLN A 230 18.04 -14.03 -27.94
N SER A 231 16.97 -13.29 -28.23
CA SER A 231 15.72 -13.37 -27.48
C SER A 231 14.56 -13.77 -28.40
N LEU A 232 14.79 -14.72 -29.28
CA LEU A 232 13.83 -15.15 -30.28
C LEU A 232 13.63 -16.66 -30.17
N PRO A 233 12.64 -17.20 -30.86
CA PRO A 233 12.48 -18.66 -30.90
C PRO A 233 13.72 -19.32 -31.48
N PRO A 234 13.88 -20.63 -31.28
CA PRO A 234 15.13 -21.29 -31.67
C PRO A 234 15.47 -21.15 -33.15
N ASN A 235 14.47 -21.14 -34.03
CA ASN A 235 14.71 -21.18 -35.47
C ASN A 235 14.79 -19.80 -36.10
N PHE A 236 15.19 -18.79 -35.33
CA PHE A 236 15.35 -17.43 -35.84
C PHE A 236 16.71 -16.90 -35.42
N SER A 237 17.36 -16.18 -36.33
CA SER A 237 18.72 -15.68 -36.10
C SER A 237 18.80 -14.18 -35.88
N SER A 238 17.80 -13.42 -36.30
CA SER A 238 17.82 -11.97 -36.15
C SER A 238 16.44 -11.47 -35.78
N LEU A 239 16.40 -10.31 -35.12
CA LEU A 239 15.12 -9.70 -34.77
C LEU A 239 14.35 -9.30 -36.03
N GLU A 240 15.05 -8.78 -37.04
CA GLU A 240 14.37 -8.37 -38.26
C GLU A 240 13.72 -9.56 -38.96
N ASN A 241 14.40 -10.71 -38.98
CA ASN A 241 13.80 -11.90 -39.57
C ASN A 241 12.53 -12.31 -38.84
N PHE A 242 12.56 -12.29 -37.50
CA PHE A 242 11.38 -12.64 -36.73
C PHE A 242 10.25 -11.66 -37.00
N ARG A 243 10.57 -10.36 -37.07
CA ARG A 243 9.54 -9.37 -37.35
C ARG A 243 8.94 -9.58 -38.72
N ALA A 244 9.77 -9.88 -39.71
CA ALA A 244 9.25 -10.15 -41.05
C ALA A 244 8.34 -11.37 -41.05
N TYR A 245 8.74 -12.43 -40.33
CA TYR A 245 7.91 -13.63 -40.27
C TYR A 245 6.57 -13.32 -39.60
N VAL A 246 6.59 -12.53 -38.52
CA VAL A 246 5.36 -12.23 -37.81
C VAL A 246 4.44 -11.35 -38.64
N ASP A 247 5.01 -10.37 -39.34
CA ASP A 247 4.19 -9.44 -40.11
C ASP A 247 3.39 -10.16 -41.19
N GLY A 248 4.03 -11.10 -41.90
CA GLY A 248 3.35 -11.87 -42.92
C GLY A 248 2.62 -13.08 -42.42
N PHE A 249 2.60 -13.32 -41.11
CA PHE A 249 1.97 -14.52 -40.57
C PHE A 249 0.46 -14.47 -40.77
N GLU A 250 -0.10 -15.61 -41.18
CA GLU A 250 -1.53 -15.80 -41.27
C GLU A 250 -1.89 -17.11 -40.61
N PRO A 251 -3.05 -17.20 -39.95
CA PRO A 251 -3.41 -18.43 -39.24
C PRO A 251 -4.01 -19.46 -40.19
N ASN A 252 -3.35 -20.62 -40.32
CA ASN A 252 -3.88 -21.76 -41.08
C ASN A 252 -3.79 -23.04 -40.24
N GLY A 253 -4.80 -23.24 -39.40
CA GLY A 253 -4.92 -24.48 -38.66
C GLY A 253 -3.71 -24.85 -37.84
N CYS A 254 -2.93 -23.86 -37.39
CA CYS A 254 -1.76 -24.16 -36.57
C CYS A 254 -2.17 -24.82 -35.27
N ILE A 255 -3.12 -24.22 -34.56
CA ILE A 255 -3.58 -24.79 -33.29
C ILE A 255 -4.21 -26.16 -33.52
N GLU A 256 -5.02 -26.29 -34.56
CA GLU A 256 -5.70 -27.55 -34.81
C GLU A 256 -4.71 -28.65 -35.13
N GLY A 257 -3.74 -28.37 -36.00
CA GLY A 257 -2.74 -29.37 -36.33
C GLY A 257 -1.90 -29.76 -35.14
N LYS A 258 -1.46 -28.77 -34.36
CA LYS A 258 -0.65 -29.07 -33.18
C LYS A 258 -1.45 -29.89 -32.17
N LEU A 259 -2.74 -29.58 -32.02
CA LEU A 259 -3.59 -30.38 -31.13
C LEU A 259 -3.70 -31.82 -31.65
N SER A 260 -3.87 -31.97 -32.97
CA SER A 260 -3.98 -33.31 -33.53
C SER A 260 -2.70 -34.10 -33.28
N GLN A 261 -1.54 -33.45 -33.40
CA GLN A 261 -0.28 -34.12 -33.10
C GLN A 261 -0.15 -34.42 -31.60
N MET A 262 -0.77 -33.61 -30.75
CA MET A 262 -0.60 -33.77 -29.31
C MET A 262 -1.11 -35.13 -28.86
N SER A 263 -0.34 -35.77 -27.98
CA SER A 263 -0.71 -37.08 -27.46
C SER A 263 -1.99 -37.00 -26.64
N LYS A 264 -2.81 -38.04 -26.73
CA LYS A 264 -4.08 -38.07 -26.04
C LYS A 264 -3.94 -38.34 -24.54
N GLU A 265 -2.75 -38.69 -24.07
CA GLU A 265 -2.54 -38.84 -22.64
C GLU A 265 -2.56 -37.49 -21.91
N VAL A 266 -2.54 -36.39 -22.64
CA VAL A 266 -2.68 -35.06 -22.06
C VAL A 266 -4.16 -34.69 -22.12
N ASN A 267 -4.81 -34.64 -20.96
CA ASN A 267 -6.25 -34.41 -20.91
C ASN A 267 -6.63 -33.93 -19.52
N ALA A 268 -7.86 -33.44 -19.42
CA ALA A 268 -8.48 -33.05 -18.15
C ALA A 268 -9.74 -33.90 -18.00
N ARG A 269 -9.58 -35.10 -17.44
CA ARG A 269 -10.68 -36.04 -17.30
C ARG A 269 -11.41 -35.76 -15.99
N ILE A 270 -12.72 -35.56 -16.08
CA ILE A 270 -13.52 -35.24 -14.91
C ILE A 270 -13.89 -36.52 -14.18
N GLU A 271 -13.60 -36.57 -12.89
CA GLU A 271 -13.98 -37.70 -12.05
C GLU A 271 -15.13 -37.29 -11.16
N PRO A 272 -16.32 -37.89 -11.29
CA PRO A 272 -17.47 -37.42 -10.51
C PRO A 272 -17.20 -37.49 -9.02
N PHE A 273 -17.72 -36.49 -8.30
CA PHE A 273 -17.61 -36.43 -6.84
C PHE A 273 -18.93 -36.93 -6.26
N LEU A 274 -19.03 -38.24 -6.12
CA LEU A 274 -20.25 -38.86 -5.62
C LEU A 274 -20.28 -38.83 -4.10
N ARG A 275 -21.36 -39.36 -3.53
CA ARG A 275 -21.52 -39.39 -2.08
C ARG A 275 -20.61 -40.41 -1.41
N THR A 276 -19.92 -41.25 -2.17
CA THR A 276 -19.01 -42.24 -1.63
C THR A 276 -17.55 -41.95 -1.95
N THR A 277 -17.27 -40.85 -2.67
CA THR A 277 -15.92 -40.54 -3.10
C THR A 277 -15.07 -39.99 -1.95
N PRO A 278 -15.47 -38.90 -1.30
CA PRO A 278 -14.58 -38.29 -0.29
C PRO A 278 -14.30 -39.24 0.86
N ARG A 279 -13.08 -39.13 1.40
CA ARG A 279 -12.60 -39.95 2.49
C ARG A 279 -12.12 -39.06 3.63
N PRO A 280 -12.11 -39.57 4.86
CA PRO A 280 -11.65 -38.75 5.98
C PRO A 280 -10.19 -38.38 5.84
N LEU A 281 -9.85 -37.19 6.33
CA LEU A 281 -8.47 -36.74 6.32
C LEU A 281 -7.63 -37.60 7.26
N ARG A 282 -6.36 -37.74 6.91
CA ARG A 282 -5.42 -38.56 7.69
C ARG A 282 -4.59 -37.63 8.56
N LEU A 283 -4.88 -37.63 9.86
CA LEU A 283 -4.11 -36.82 10.79
C LEU A 283 -2.75 -37.46 11.06
N PRO A 284 -1.75 -36.67 11.44
CA PRO A 284 -0.41 -37.22 11.66
C PRO A 284 -0.34 -38.13 12.87
N ASP A 285 0.83 -38.75 13.08
CA ASP A 285 1.05 -39.65 14.20
C ASP A 285 2.26 -39.16 15.00
N GLY A 286 2.26 -39.48 16.29
CA GLY A 286 3.34 -39.10 17.16
C GLY A 286 2.86 -38.92 18.59
N PRO A 287 3.72 -38.37 19.45
CA PRO A 287 3.31 -38.11 20.82
C PRO A 287 2.20 -37.08 20.86
N PRO A 288 1.34 -37.12 21.87
CA PRO A 288 0.22 -36.17 21.92
C PRO A 288 0.71 -34.73 21.93
N CYS A 289 -0.09 -33.86 21.31
CA CYS A 289 0.24 -32.44 21.25
C CYS A 289 0.10 -31.82 22.64
N SER A 290 0.81 -30.71 22.83
CA SER A 290 0.87 -30.03 24.11
C SER A 290 0.36 -28.60 23.97
N GLN A 291 -0.04 -28.03 25.10
CA GLN A 291 -0.51 -26.65 25.12
C GLN A 291 0.61 -25.71 24.69
N ARG A 292 0.26 -24.71 23.86
CA ARG A 292 1.21 -23.72 23.39
C ARG A 292 0.68 -22.30 23.49
N SER A 293 -0.45 -22.10 24.16
CA SER A 293 -1.00 -20.75 24.32
C SER A 293 -0.10 -19.92 25.23
N LYS A 294 -0.13 -18.60 25.02
CA LYS A 294 0.68 -17.70 25.83
C LYS A 294 0.20 -17.61 27.27
N PHE A 295 -0.99 -18.11 27.58
CA PHE A 295 -1.49 -18.15 28.95
C PHE A 295 -2.50 -19.28 29.07
N LEU A 296 -2.73 -19.70 30.31
CA LEU A 296 -3.71 -20.74 30.56
C LEU A 296 -5.11 -20.26 30.22
N LEU A 297 -5.94 -21.17 29.73
CA LEU A 297 -7.29 -20.85 29.30
C LEU A 297 -8.35 -21.44 30.22
N MET A 298 -8.36 -22.75 30.39
CA MET A 298 -9.37 -23.40 31.24
C MET A 298 -8.84 -23.75 32.63
N ASP A 299 -7.53 -23.84 32.80
CA ASP A 299 -6.94 -24.14 34.09
C ASP A 299 -6.52 -22.89 34.85
N ALA A 300 -6.83 -21.71 34.33
CA ALA A 300 -6.44 -20.47 34.99
C ALA A 300 -7.19 -20.30 36.30
N LEU A 301 -6.48 -19.82 37.31
CA LEU A 301 -7.06 -19.45 38.60
C LEU A 301 -6.72 -18.00 38.87
N LYS A 302 -7.69 -17.23 39.34
CA LYS A 302 -7.54 -15.80 39.54
C LYS A 302 -7.84 -15.44 40.99
N LEU A 303 -6.97 -14.64 41.59
CA LEU A 303 -7.21 -14.05 42.91
C LEU A 303 -7.80 -12.67 42.70
N SER A 304 -8.98 -12.44 43.27
CA SER A 304 -9.77 -11.27 42.95
C SER A 304 -9.98 -10.38 44.17
N ILE A 305 -10.09 -9.07 43.90
CA ILE A 305 -10.46 -8.08 44.89
C ILE A 305 -11.78 -7.46 44.48
N GLU A 306 -12.64 -7.25 45.46
CA GLU A 306 -14.01 -6.78 45.23
C GLU A 306 -14.06 -5.27 45.43
N ASP A 307 -14.67 -4.57 44.48
CA ASP A 307 -14.85 -3.12 44.58
C ASP A 307 -13.55 -2.44 44.95
N PRO A 308 -12.51 -2.55 44.12
CA PRO A 308 -11.22 -1.93 44.46
C PRO A 308 -11.36 -0.42 44.58
N SER A 309 -11.05 0.10 45.78
CA SER A 309 -11.09 1.53 46.04
C SER A 309 -9.84 2.01 46.77
N HIS A 310 -8.82 1.18 46.87
CA HIS A 310 -7.60 1.55 47.57
C HIS A 310 -6.87 2.66 46.82
N GLU A 311 -6.07 3.41 47.56
CA GLU A 311 -5.26 4.46 46.95
C GLU A 311 -4.30 3.84 45.93
N GLY A 312 -4.14 4.52 44.80
CA GLY A 312 -3.33 4.01 43.72
C GLY A 312 -4.01 3.00 42.83
N GLU A 313 -5.33 2.86 42.94
CA GLU A 313 -6.05 1.94 42.07
C GLU A 313 -5.84 2.32 40.62
N GLY A 314 -5.61 1.31 39.78
CA GLY A 314 -5.33 1.53 38.37
C GLY A 314 -3.94 1.05 38.00
N ILE A 315 -2.98 1.27 38.89
CA ILE A 315 -1.62 0.79 38.65
C ILE A 315 -1.60 -0.73 38.77
N PRO A 316 -1.13 -1.47 37.76
CA PRO A 316 -1.21 -2.94 37.85
C PRO A 316 -0.52 -3.52 39.08
N LEU A 317 0.63 -2.97 39.48
CA LEU A 317 1.36 -3.54 40.60
C LEU A 317 0.57 -3.43 41.90
N TYR A 318 -0.08 -2.29 42.12
CA TYR A 318 -0.86 -2.12 43.34
C TYR A 318 -1.99 -3.15 43.42
N ASP A 319 -2.71 -3.32 42.32
CA ASP A 319 -3.80 -4.30 42.28
C ASP A 319 -3.26 -5.71 42.49
N ALA A 320 -2.12 -6.02 41.87
CA ALA A 320 -1.54 -7.35 42.05
C ALA A 320 -1.17 -7.60 43.51
N ILE A 321 -0.57 -6.59 44.16
CA ILE A 321 -0.20 -6.74 45.56
C ILE A 321 -1.44 -6.95 46.42
N LYS A 322 -2.49 -6.18 46.16
CA LYS A 322 -3.72 -6.36 46.93
C LYS A 322 -4.31 -7.75 46.72
N CYS A 323 -4.36 -8.21 45.46
CA CYS A 323 -4.91 -9.52 45.18
C CYS A 323 -4.12 -10.61 45.87
N MET A 324 -2.79 -10.51 45.85
CA MET A 324 -1.97 -11.48 46.58
C MET A 324 -2.23 -11.41 48.07
N LYS A 325 -2.42 -10.21 48.60
CA LYS A 325 -2.71 -10.06 50.03
C LYS A 325 -4.04 -10.69 50.42
N THR A 326 -5.01 -10.74 49.51
CA THR A 326 -6.31 -11.30 49.84
C THR A 326 -6.28 -12.80 50.11
N PHE A 327 -5.21 -13.50 49.77
CA PHE A 327 -5.14 -14.94 49.88
C PHE A 327 -4.16 -15.33 50.99
N PHE A 328 -4.61 -16.21 51.88
CA PHE A 328 -3.77 -16.80 52.92
C PHE A 328 -3.71 -18.30 52.70
N GLY A 329 -2.51 -18.86 52.82
CA GLY A 329 -2.32 -20.28 52.59
C GLY A 329 -1.05 -20.60 51.83
N TRP A 330 -0.23 -19.59 51.56
CA TRP A 330 1.05 -19.83 50.91
C TRP A 330 1.89 -20.78 51.75
N LYS A 331 2.50 -21.76 51.10
CA LYS A 331 3.38 -22.73 51.74
C LYS A 331 4.74 -22.67 51.07
N GLU A 332 5.61 -23.60 51.43
CA GLU A 332 6.92 -23.71 50.80
C GLU A 332 6.75 -24.32 49.41
N PRO A 333 7.11 -23.62 48.33
CA PRO A 333 6.95 -24.21 47.00
C PRO A 333 7.88 -25.40 46.80
N ASN A 334 7.40 -26.36 46.02
CA ASN A 334 8.18 -27.54 45.69
C ASN A 334 7.77 -28.05 44.33
N ILE A 335 8.68 -28.76 43.67
CA ILE A 335 8.43 -29.24 42.32
C ILE A 335 7.45 -30.41 42.38
N ILE A 336 6.40 -30.33 41.58
CA ILE A 336 5.44 -31.42 41.41
C ILE A 336 5.56 -32.05 40.04
N LYS A 337 5.59 -31.24 38.99
CA LYS A 337 5.77 -31.72 37.62
C LYS A 337 6.97 -30.99 37.01
N PRO A 338 8.15 -31.61 36.97
CA PRO A 338 9.32 -30.90 36.44
C PRO A 338 9.28 -30.77 34.93
N HIS A 339 9.99 -29.75 34.44
CA HIS A 339 10.20 -29.58 33.02
C HIS A 339 11.33 -30.49 32.58
N GLU A 340 11.05 -31.36 31.61
CA GLU A 340 12.02 -32.40 31.25
C GLU A 340 13.30 -31.79 30.71
N LYS A 341 13.20 -30.79 29.85
CA LYS A 341 14.37 -30.21 29.21
C LYS A 341 14.97 -29.05 29.97
N GLY A 342 14.34 -28.58 31.04
CA GLY A 342 14.78 -27.39 31.74
C GLY A 342 15.51 -27.70 33.04
N ILE A 343 15.93 -26.63 33.70
CA ILE A 343 16.58 -26.70 35.01
C ILE A 343 15.52 -26.23 36.00
N ASN A 344 14.79 -27.18 36.57
CA ASN A 344 13.68 -26.84 37.45
C ASN A 344 14.08 -25.98 38.63
N PRO A 345 15.22 -26.20 39.29
CA PRO A 345 15.62 -25.29 40.38
C PRO A 345 15.64 -23.83 39.95
N ASN A 346 15.96 -23.55 38.69
CA ASN A 346 15.90 -22.16 38.22
C ASN A 346 14.48 -21.63 38.28
N TYR A 347 13.49 -22.43 37.89
CA TYR A 347 12.10 -22.00 37.97
C TYR A 347 11.68 -21.79 39.41
N LEU A 348 12.09 -22.69 40.31
CA LEU A 348 11.75 -22.53 41.72
C LEU A 348 12.35 -21.24 42.28
N LEU A 349 13.62 -20.98 41.94
CA LEU A 349 14.26 -19.74 42.38
C LEU A 349 13.59 -18.53 41.78
N THR A 350 13.12 -18.63 40.53
CA THR A 350 12.40 -17.51 39.92
C THR A 350 11.13 -17.18 40.69
N TRP A 351 10.36 -18.21 41.06
CA TRP A 351 9.15 -17.95 41.83
C TRP A 351 9.49 -17.35 43.18
N LYS A 352 10.51 -17.89 43.87
CA LYS A 352 10.89 -17.35 45.16
C LYS A 352 11.35 -15.90 45.03
N GLN A 353 12.11 -15.59 43.98
CA GLN A 353 12.57 -14.22 43.76
C GLN A 353 11.40 -13.29 43.49
N VAL A 354 10.40 -13.76 42.74
CA VAL A 354 9.22 -12.93 42.51
C VAL A 354 8.53 -12.62 43.82
N LEU A 355 8.37 -13.63 44.68
CA LEU A 355 7.74 -13.39 45.97
C LEU A 355 8.55 -12.40 46.81
N ALA A 356 9.88 -12.57 46.83
CA ALA A 356 10.73 -11.67 47.60
C ALA A 356 10.65 -10.25 47.08
N GLU A 357 10.65 -10.09 45.75
CA GLU A 357 10.57 -8.74 45.18
C GLU A 357 9.22 -8.09 45.49
N LEU A 358 8.13 -8.87 45.44
CA LEU A 358 6.84 -8.32 45.83
C LEU A 358 6.86 -7.87 47.28
N GLN A 359 7.44 -8.68 48.16
CA GLN A 359 7.54 -8.29 49.57
C GLN A 359 8.35 -7.01 49.72
N ASP A 360 9.47 -6.91 49.00
CA ASP A 360 10.32 -5.74 49.12
C ASP A 360 9.61 -4.49 48.63
N ILE A 361 8.89 -4.59 47.50
CA ILE A 361 8.18 -3.44 46.98
C ILE A 361 7.04 -3.04 47.91
N LYS A 362 6.39 -4.03 48.54
CA LYS A 362 5.36 -3.72 49.51
C LYS A 362 5.96 -3.04 50.75
N ASN A 363 7.20 -3.37 51.09
CA ASN A 363 7.84 -2.74 52.25
C ASN A 363 7.94 -1.23 52.05
N GLU A 364 8.32 -0.79 50.86
CA GLU A 364 8.44 0.64 50.60
C GLU A 364 7.07 1.30 50.59
N GLU A 365 7.06 2.61 50.77
CA GLU A 365 5.82 3.37 50.85
C GLU A 365 5.28 3.69 49.45
N LYS A 366 6.05 4.45 48.67
CA LYS A 366 5.63 4.85 47.32
C LYS A 366 6.09 3.77 46.35
N ILE A 367 5.20 2.82 46.07
CA ILE A 367 5.52 1.75 45.13
C ILE A 367 5.70 2.35 43.73
N PRO A 368 6.74 1.99 43.00
CA PRO A 368 6.93 2.57 41.65
C PRO A 368 5.89 2.05 40.68
N ARG A 369 5.74 2.80 39.58
CA ARG A 369 4.80 2.40 38.55
C ARG A 369 5.17 1.03 37.97
N THR A 370 6.46 0.81 37.71
CA THR A 370 6.95 -0.46 37.19
C THR A 370 8.13 -0.92 38.02
N LYS A 371 8.30 -2.24 38.09
CA LYS A 371 9.34 -2.85 38.91
C LYS A 371 10.24 -3.69 38.01
N ASN A 372 11.54 -3.42 38.06
CA ASN A 372 12.53 -4.25 37.40
C ASN A 372 13.03 -5.32 38.35
N MET A 373 13.47 -6.44 37.79
CA MET A 373 13.93 -7.58 38.56
C MET A 373 15.44 -7.73 38.44
N LYS A 374 16.08 -8.11 39.54
CA LYS A 374 17.51 -8.33 39.52
C LYS A 374 17.87 -9.41 38.49
N LYS A 375 18.95 -9.18 37.77
CA LYS A 375 19.39 -10.11 36.72
C LYS A 375 20.18 -11.25 37.37
N THR A 376 19.46 -12.09 38.09
CA THR A 376 20.04 -13.24 38.75
C THR A 376 20.30 -14.36 37.76
N SER A 377 21.01 -15.38 38.22
CA SER A 377 21.35 -16.50 37.34
C SER A 377 20.11 -17.23 36.85
N GLN A 378 19.15 -17.45 37.74
CA GLN A 378 17.94 -18.17 37.34
C GLN A 378 17.17 -17.41 36.25
N LEU A 379 17.07 -16.09 36.39
CA LEU A 379 16.38 -15.31 35.37
C LEU A 379 17.19 -15.21 34.10
N LYS A 380 18.52 -15.14 34.22
CA LYS A 380 19.36 -15.12 33.04
C LYS A 380 19.19 -16.39 32.22
N TRP A 381 19.13 -17.54 32.89
CA TRP A 381 18.94 -18.79 32.17
C TRP A 381 17.51 -18.91 31.63
N ALA A 382 16.52 -18.59 32.46
CA ALA A 382 15.13 -18.77 32.05
C ALA A 382 14.79 -17.87 30.87
N LEU A 383 15.34 -16.66 30.84
CA LEU A 383 15.08 -15.72 29.76
C LEU A 383 16.05 -15.87 28.60
N GLY A 384 16.92 -16.86 28.63
CA GLY A 384 17.81 -17.12 27.51
C GLY A 384 18.80 -16.02 27.23
N GLU A 385 19.34 -15.40 28.26
CA GLU A 385 20.32 -14.35 28.07
C GLU A 385 21.67 -14.94 27.66
N ASN A 386 22.35 -14.28 26.73
CA ASN A 386 23.66 -14.71 26.26
C ASN A 386 23.61 -16.13 25.70
N MET A 387 22.51 -16.45 25.00
CA MET A 387 22.36 -17.75 24.35
C MET A 387 22.64 -17.70 22.86
N ALA A 388 22.59 -16.52 22.26
CA ALA A 388 22.86 -16.41 20.82
C ALA A 388 24.36 -16.37 20.56
N PRO A 389 24.85 -17.12 19.57
CA PRO A 389 26.25 -16.95 19.18
C PRO A 389 26.50 -15.53 18.68
N GLU A 390 27.69 -15.01 18.98
CA GLU A 390 28.01 -13.64 18.61
C GLU A 390 28.04 -13.51 17.08
N LYS A 391 27.42 -12.45 16.57
CA LYS A 391 27.38 -12.20 15.14
C LYS A 391 28.66 -11.50 14.69
N VAL A 392 29.23 -11.98 13.60
CA VAL A 392 30.47 -11.41 13.06
C VAL A 392 30.37 -11.39 11.54
N ASP A 393 30.93 -10.33 10.94
CA ASP A 393 30.93 -10.20 9.50
C ASP A 393 31.76 -11.32 8.87
N PHE A 394 31.32 -11.78 7.70
CA PHE A 394 32.01 -12.88 7.03
C PHE A 394 33.43 -12.49 6.63
N GLU A 395 33.71 -11.20 6.49
CA GLU A 395 35.06 -10.79 6.11
C GLU A 395 36.08 -11.12 7.20
N ASP A 396 35.67 -11.04 8.46
CA ASP A 396 36.57 -11.27 9.58
C ASP A 396 36.57 -12.71 10.07
N CYS A 397 35.75 -13.58 9.47
CA CYS A 397 35.65 -14.98 9.90
C CYS A 397 35.95 -15.93 8.75
N LYS A 398 36.55 -15.46 7.66
CA LYS A 398 36.83 -16.31 6.52
C LYS A 398 37.79 -17.44 6.88
N ASP A 399 38.57 -17.30 7.95
CA ASP A 399 39.52 -18.31 8.35
C ASP A 399 38.95 -19.36 9.30
N VAL A 400 37.67 -19.23 9.68
CA VAL A 400 37.06 -20.23 10.55
C VAL A 400 36.84 -21.51 9.77
N ASN A 401 37.15 -22.65 10.39
CA ASN A 401 37.19 -23.93 9.71
C ASN A 401 36.02 -24.84 10.02
N ASP A 402 35.20 -24.52 11.01
CA ASP A 402 34.12 -25.40 11.46
C ASP A 402 32.77 -24.72 11.35
N LEU A 403 32.54 -23.99 10.26
CA LEU A 403 31.28 -23.31 10.03
C LEU A 403 30.29 -24.27 9.37
N LYS A 404 29.08 -24.33 9.92
CA LYS A 404 28.02 -25.19 9.40
C LYS A 404 26.74 -24.40 9.26
N GLN A 405 25.96 -24.74 8.24
CA GLN A 405 24.72 -24.02 7.96
C GLN A 405 23.68 -24.27 9.05
N TYR A 406 22.84 -23.27 9.28
CA TYR A 406 21.76 -23.38 10.24
C TYR A 406 20.88 -24.58 9.90
N ASP A 407 20.18 -25.08 10.91
CA ASP A 407 19.25 -26.19 10.73
C ASP A 407 17.91 -25.66 10.22
N SER A 408 17.30 -26.40 9.31
CA SER A 408 16.00 -26.07 8.75
C SER A 408 15.10 -27.30 8.74
N ASP A 409 15.13 -28.07 9.82
CA ASP A 409 14.35 -29.29 9.88
C ASP A 409 12.86 -28.99 9.98
N GLU A 410 12.05 -29.86 9.41
CA GLU A 410 10.61 -29.70 9.47
C GLU A 410 10.10 -29.93 10.89
N PRO A 411 8.93 -29.39 11.23
CA PRO A 411 8.40 -29.61 12.57
C PRO A 411 8.11 -31.10 12.81
N GLU A 412 8.29 -31.52 14.05
CA GLU A 412 8.05 -32.91 14.42
C GLU A 412 6.55 -33.17 14.49
N PRO A 413 6.05 -34.21 13.84
CA PRO A 413 4.60 -34.48 13.88
C PRO A 413 4.14 -34.80 15.30
N ARG A 414 2.90 -34.43 15.59
CA ARG A 414 2.27 -34.72 16.87
C ARG A 414 0.87 -35.24 16.63
N SER A 415 0.38 -36.06 17.56
CA SER A 415 -0.95 -36.62 17.47
C SER A 415 -1.98 -35.70 18.13
N LEU A 416 -3.25 -35.94 17.81
CA LEU A 416 -4.33 -35.12 18.34
C LEU A 416 -4.70 -35.59 19.73
N ALA A 417 -4.68 -34.68 20.70
CA ALA A 417 -5.07 -34.97 22.07
C ALA A 417 -6.48 -34.45 22.34
N CYS A 418 -7.08 -34.98 23.40
CA CYS A 418 -8.47 -34.67 23.72
C CYS A 418 -8.64 -33.40 24.54
N TRP A 419 -7.55 -32.79 25.00
CA TRP A 419 -7.69 -31.61 25.86
C TRP A 419 -8.10 -30.38 25.08
N ILE A 420 -7.77 -30.32 23.79
CA ILE A 420 -8.10 -29.13 23.00
C ILE A 420 -9.61 -29.03 22.82
N GLN A 421 -10.29 -30.16 22.61
CA GLN A 421 -11.74 -30.14 22.49
C GLN A 421 -12.38 -29.65 23.79
N SER A 422 -11.85 -30.11 24.93
CA SER A 422 -12.36 -29.64 26.22
C SER A 422 -12.12 -28.15 26.39
N GLU A 423 -10.96 -27.67 25.95
CA GLU A 423 -10.68 -26.24 26.03
C GLU A 423 -11.69 -25.44 25.22
N PHE A 424 -11.98 -25.90 24.01
CA PHE A 424 -12.96 -25.21 23.17
C PHE A 424 -14.34 -25.25 23.83
N ASN A 425 -14.73 -26.41 24.36
CA ASN A 425 -16.03 -26.53 25.01
C ASN A 425 -16.14 -25.54 26.17
N LYS A 426 -15.09 -25.43 26.97
CA LYS A 426 -15.09 -24.44 28.05
C LYS A 426 -15.19 -23.03 27.49
N ALA A 427 -14.47 -22.75 26.40
CA ALA A 427 -14.48 -21.41 25.84
C ALA A 427 -15.86 -21.02 25.32
N CYS A 428 -16.68 -22.00 24.92
CA CYS A 428 -18.00 -21.71 24.38
C CYS A 428 -19.07 -21.54 25.44
N GLU A 429 -18.73 -21.67 26.73
CA GLU A 429 -19.74 -21.67 27.78
C GLU A 429 -20.15 -20.25 28.15
N LEU A 430 -21.22 -20.16 28.94
CA LEU A 430 -21.74 -18.89 29.44
C LEU A 430 -21.22 -18.65 30.84
N THR A 431 -20.70 -17.45 31.09
CA THR A 431 -20.15 -17.08 32.38
C THR A 431 -21.16 -16.27 33.18
N ASP A 432 -20.85 -16.07 34.46
CA ASP A 432 -21.70 -15.30 35.35
C ASP A 432 -21.36 -13.82 35.36
N SER A 433 -20.08 -13.47 35.16
CA SER A 433 -19.63 -12.09 35.23
C SER A 433 -19.47 -11.51 33.84
N SER A 434 -19.86 -10.25 33.68
CA SER A 434 -19.62 -9.55 32.42
C SER A 434 -18.14 -9.30 32.24
N TRP A 435 -17.67 -9.37 30.99
CA TRP A 435 -16.26 -9.26 30.68
C TRP A 435 -15.91 -8.07 29.80
N VAL A 436 -16.89 -7.42 29.17
CA VAL A 436 -16.63 -6.26 28.33
C VAL A 436 -17.69 -5.20 28.63
N GLU A 437 -17.25 -3.95 28.70
CA GLU A 437 -18.13 -2.81 28.96
C GLU A 437 -18.02 -1.86 27.77
N LEU A 438 -18.97 -1.96 26.85
CA LEU A 438 -18.93 -1.16 25.64
C LEU A 438 -19.27 0.29 25.92
N ASP A 439 -18.62 1.20 25.19
CA ASP A 439 -18.84 2.62 25.38
C ASP A 439 -20.20 3.03 24.80
N GLU A 440 -20.67 4.18 25.27
CA GLU A 440 -21.94 4.73 24.80
C GLU A 440 -21.81 5.26 23.38
N ILE A 441 -22.95 5.45 22.73
CA ILE A 441 -23.03 5.99 21.38
C ILE A 441 -24.10 7.08 21.35
N GLY A 442 -24.33 7.62 20.16
CA GLY A 442 -25.30 8.68 20.01
C GLY A 442 -26.73 8.20 20.17
N GLU A 443 -27.62 9.15 20.43
CA GLU A 443 -29.02 8.83 20.63
C GLU A 443 -29.64 8.27 19.35
N ASP A 444 -30.54 7.30 19.51
CA ASP A 444 -31.23 6.71 18.37
C ASP A 444 -32.41 7.58 17.97
N VAL A 445 -32.50 7.90 16.68
CA VAL A 445 -33.59 8.71 16.14
C VAL A 445 -34.33 7.96 15.04
N ALA A 446 -33.61 7.39 14.08
CA ALA A 446 -34.26 6.66 13.01
C ALA A 446 -34.84 5.34 13.54
N PRO A 447 -35.95 4.88 12.98
CA PRO A 447 -36.49 3.59 13.41
C PRO A 447 -35.50 2.45 13.24
N ILE A 448 -34.73 2.46 12.15
CA ILE A 448 -33.71 1.44 11.95
C ILE A 448 -32.70 1.49 13.08
N GLU A 449 -32.39 2.70 13.57
CA GLU A 449 -31.46 2.81 14.69
C GLU A 449 -32.02 2.17 15.95
N HIS A 450 -33.33 2.32 16.19
CA HIS A 450 -33.93 1.68 17.35
C HIS A 450 -33.90 0.16 17.22
N ILE A 451 -34.22 -0.36 16.03
CA ILE A 451 -34.14 -1.79 15.80
C ILE A 451 -32.73 -2.30 16.02
N ALA A 452 -31.75 -1.56 15.50
CA ALA A 452 -30.36 -1.93 15.70
C ALA A 452 -29.98 -1.88 17.17
N SER A 453 -30.54 -0.92 17.92
CA SER A 453 -30.23 -0.82 19.34
C SER A 453 -30.76 -2.04 20.10
N MET A 454 -31.98 -2.47 19.80
CA MET A 454 -32.51 -3.64 20.50
C MET A 454 -31.75 -4.91 20.11
N ARG A 455 -31.42 -5.04 18.82
CA ARG A 455 -30.63 -6.18 18.37
C ARG A 455 -29.26 -6.18 19.05
N ARG A 456 -28.65 -5.00 19.17
CA ARG A 456 -27.34 -4.89 19.81
C ARG A 456 -27.44 -5.17 21.30
N ASN A 457 -28.55 -4.81 21.93
CA ASN A 457 -28.74 -5.19 23.33
C ASN A 457 -28.71 -6.71 23.47
N TYR A 458 -29.45 -7.40 22.61
CA TYR A 458 -29.42 -8.86 22.64
C TYR A 458 -28.01 -9.39 22.41
N PHE A 459 -27.32 -8.87 21.38
CA PHE A 459 -25.99 -9.36 21.06
C PHE A 459 -25.01 -9.11 22.19
N THR A 460 -25.04 -7.92 22.78
CA THR A 460 -24.12 -7.60 23.87
C THR A 460 -24.39 -8.46 25.09
N ALA A 461 -25.66 -8.69 25.42
CA ALA A 461 -25.96 -9.58 26.53
C ALA A 461 -25.43 -10.97 26.27
N GLU A 462 -25.60 -11.48 25.04
CA GLU A 462 -25.14 -12.82 24.73
C GLU A 462 -23.61 -12.90 24.76
N VAL A 463 -22.93 -11.87 24.28
CA VAL A 463 -21.48 -11.95 24.07
C VAL A 463 -20.68 -11.49 25.26
N SER A 464 -21.24 -10.64 26.13
CA SER A 464 -20.50 -10.13 27.27
C SER A 464 -20.34 -11.17 28.38
N HIS A 465 -21.08 -12.27 28.33
CA HIS A 465 -21.03 -13.32 29.34
C HIS A 465 -20.48 -14.62 28.78
N CYS A 466 -19.49 -14.52 27.89
CA CYS A 466 -18.86 -15.67 27.26
C CYS A 466 -17.42 -15.78 27.71
N ARG A 467 -16.98 -17.01 27.97
CA ARG A 467 -15.60 -17.23 28.39
C ARG A 467 -14.62 -16.73 27.33
N ALA A 468 -14.99 -16.85 26.06
CA ALA A 468 -14.13 -16.33 24.99
C ALA A 468 -13.89 -14.84 25.16
N THR A 469 -14.86 -14.10 25.68
CA THR A 469 -14.64 -12.68 25.95
C THR A 469 -13.61 -12.48 27.04
N GLU A 470 -13.64 -13.33 28.07
CA GLU A 470 -12.60 -13.26 29.10
C GLU A 470 -11.23 -13.51 28.48
N TYR A 471 -11.12 -14.51 27.60
CA TYR A 471 -9.85 -14.76 26.94
C TYR A 471 -9.43 -13.56 26.10
N ILE A 472 -10.38 -12.94 25.40
CA ILE A 472 -10.06 -11.77 24.59
C ILE A 472 -9.48 -10.67 25.46
N MET A 473 -10.14 -10.35 26.56
CA MET A 473 -9.66 -9.28 27.44
C MET A 473 -8.29 -9.63 28.03
N LYS A 474 -8.12 -10.87 28.47
CA LYS A 474 -6.85 -11.29 29.04
C LYS A 474 -5.72 -11.13 28.02
N GLY A 475 -5.94 -11.63 26.80
CA GLY A 475 -4.91 -11.53 25.78
C GLY A 475 -4.61 -10.10 25.39
N VAL A 476 -5.65 -9.28 25.26
CA VAL A 476 -5.44 -7.89 24.89
C VAL A 476 -4.59 -7.19 25.95
N TYR A 477 -4.95 -7.35 27.22
CA TYR A 477 -4.18 -6.70 28.28
C TYR A 477 -2.75 -7.22 28.31
N ILE A 478 -2.58 -8.53 28.21
CA ILE A 478 -1.23 -9.09 28.31
C ILE A 478 -0.35 -8.60 27.16
N ASN A 479 -0.88 -8.62 25.94
CA ASN A 479 -0.09 -8.17 24.79
C ASN A 479 0.21 -6.68 24.89
N THR A 480 -0.75 -5.87 25.30
CA THR A 480 -0.49 -4.44 25.44
C THR A 480 0.61 -4.19 26.45
N ALA A 481 0.52 -4.83 27.62
CA ALA A 481 1.54 -4.65 28.65
C ALA A 481 2.90 -5.12 28.16
N LEU A 482 2.93 -6.27 27.47
CA LEU A 482 4.20 -6.81 26.99
C LEU A 482 4.85 -5.87 25.99
N LEU A 483 4.08 -5.34 25.04
CA LEU A 483 4.67 -4.43 24.06
C LEU A 483 5.12 -3.14 24.71
N ASN A 484 4.31 -2.60 25.64
CA ASN A 484 4.70 -1.37 26.31
C ASN A 484 6.00 -1.55 27.07
N ALA A 485 6.13 -2.66 27.80
CA ALA A 485 7.36 -2.93 28.53
C ALA A 485 8.53 -3.16 27.58
N SER A 486 8.29 -3.87 26.47
CA SER A 486 9.37 -4.18 25.54
C SER A 486 9.94 -2.93 24.92
N CYS A 487 9.07 -1.98 24.55
CA CYS A 487 9.57 -0.77 23.89
C CYS A 487 10.07 0.26 24.90
N ALA A 488 9.42 0.39 26.04
CA ALA A 488 9.85 1.37 27.04
C ALA A 488 11.15 0.94 27.70
N ALA A 489 11.24 -0.31 28.13
CA ALA A 489 12.41 -0.85 28.82
C ALA A 489 12.92 -2.05 28.02
N MET A 490 14.05 -1.86 27.35
CA MET A 490 14.56 -2.87 26.43
C MET A 490 15.71 -3.69 27.02
N ASP A 491 16.42 -3.16 28.01
CA ASP A 491 17.57 -3.82 28.60
C ASP A 491 17.36 -4.14 30.08
N ASP A 492 16.11 -4.33 30.50
CA ASP A 492 15.79 -4.58 31.89
C ASP A 492 14.80 -5.75 31.99
N PHE A 493 14.87 -6.46 33.10
CA PHE A 493 13.93 -7.53 33.41
C PHE A 493 12.77 -6.95 34.19
N GLN A 494 11.61 -6.84 33.55
CA GLN A 494 10.45 -6.20 34.16
C GLN A 494 9.44 -7.24 34.60
N LEU A 495 8.70 -6.89 35.65
CA LEU A 495 7.63 -7.74 36.19
C LEU A 495 6.29 -7.17 35.75
N ILE A 496 5.49 -8.00 35.10
CA ILE A 496 4.22 -7.58 34.52
C ILE A 496 3.12 -8.49 35.08
N PRO A 497 2.36 -8.02 36.07
CA PRO A 497 1.23 -8.83 36.56
C PRO A 497 0.16 -8.98 35.50
N MET A 498 -0.51 -10.13 35.52
CA MET A 498 -1.60 -10.43 34.59
C MET A 498 -2.91 -10.06 35.26
N ILE A 499 -3.52 -8.96 34.82
CA ILE A 499 -4.68 -8.38 35.48
C ILE A 499 -5.86 -8.37 34.52
N SER A 500 -7.05 -8.47 35.08
CA SER A 500 -8.30 -8.36 34.33
C SER A 500 -9.34 -7.69 35.20
N LYS A 501 -10.33 -7.09 34.55
CA LYS A 501 -11.43 -6.42 35.23
C LYS A 501 -12.74 -7.02 34.77
N CYS A 502 -13.68 -7.19 35.70
CA CYS A 502 -14.97 -7.76 35.36
C CYS A 502 -16.04 -7.17 36.26
N ILE A 503 -17.29 -7.47 35.94
CA ILE A 503 -18.43 -7.07 36.74
C ILE A 503 -19.21 -8.32 37.08
N THR A 504 -19.37 -8.59 38.38
CA THR A 504 -20.00 -9.81 38.84
C THR A 504 -21.51 -9.75 38.60
N LYS A 505 -22.21 -10.81 39.01
CA LYS A 505 -23.65 -10.84 38.88
C LYS A 505 -24.31 -9.73 39.69
N GLU A 506 -23.63 -9.24 40.73
CA GLU A 506 -24.18 -8.20 41.59
C GLU A 506 -23.92 -6.81 41.06
N GLY A 507 -23.25 -6.67 39.94
CA GLY A 507 -22.96 -5.36 39.38
C GLY A 507 -21.79 -4.64 40.02
N ARG A 508 -20.99 -5.32 40.81
CA ARG A 508 -19.86 -4.70 41.50
C ARG A 508 -18.57 -5.04 40.79
N ARG A 509 -17.73 -4.02 40.59
CA ARG A 509 -16.47 -4.21 39.89
C ARG A 509 -15.57 -5.16 40.66
N LYS A 510 -14.82 -5.97 39.92
CA LYS A 510 -13.91 -6.96 40.50
C LYS A 510 -12.63 -6.98 39.69
N THR A 511 -11.49 -6.98 40.37
CA THR A 511 -10.19 -6.97 39.72
C THR A 511 -9.48 -8.28 40.03
N ASN A 512 -9.14 -9.03 38.99
CA ASN A 512 -8.58 -10.37 39.12
C ASN A 512 -7.13 -10.39 38.66
N LEU A 513 -6.31 -11.15 39.39
CA LEU A 513 -4.92 -11.40 39.03
C LEU A 513 -4.77 -12.87 38.70
N TYR A 514 -4.26 -13.16 37.50
CA TYR A 514 -4.04 -14.54 37.07
C TYR A 514 -2.64 -15.03 37.42
N GLY A 515 -1.66 -14.13 37.43
CA GLY A 515 -0.28 -14.54 37.65
C GLY A 515 0.67 -13.41 37.36
N PHE A 516 1.89 -13.77 36.99
CA PHE A 516 2.93 -12.79 36.72
C PHE A 516 3.70 -13.19 35.47
N ILE A 517 4.26 -12.18 34.81
CA ILE A 517 5.12 -12.37 33.64
C ILE A 517 6.38 -11.53 33.85
N ILE A 518 7.53 -12.17 33.67
CA ILE A 518 8.82 -11.49 33.71
C ILE A 518 9.33 -11.37 32.29
N LYS A 519 9.57 -10.15 31.85
CA LYS A 519 9.98 -9.87 30.47
C LYS A 519 11.49 -9.77 30.40
N GLY A 520 12.08 -10.46 29.44
CA GLY A 520 13.51 -10.41 29.21
C GLY A 520 13.89 -9.24 28.34
N ARG A 521 15.16 -9.24 27.93
CA ARG A 521 15.64 -8.18 27.04
C ARG A 521 14.85 -8.19 25.75
N SER A 522 14.47 -6.99 25.29
CA SER A 522 13.56 -6.82 24.16
C SER A 522 14.15 -5.88 23.13
N HIS A 523 15.40 -6.12 22.73
CA HIS A 523 16.04 -5.37 21.67
C HIS A 523 15.57 -5.94 20.32
N LEU A 524 14.32 -5.62 20.00
CA LEU A 524 13.65 -6.18 18.83
C LEU A 524 13.90 -5.30 17.63
N ARG A 525 14.58 -5.84 16.62
CA ARG A 525 14.89 -5.10 15.40
C ARG A 525 13.95 -5.48 14.26
N ASN A 526 13.88 -6.75 13.92
CA ASN A 526 12.95 -7.21 12.90
C ASN A 526 11.58 -7.47 13.51
N ASP A 527 10.57 -7.51 12.65
CA ASP A 527 9.22 -7.80 13.11
C ASP A 527 9.10 -9.21 13.68
N THR A 528 9.95 -10.13 13.25
CA THR A 528 9.93 -11.51 13.72
C THR A 528 10.87 -11.73 14.90
N ASP A 529 11.64 -10.72 15.31
CA ASP A 529 12.48 -10.87 16.49
C ASP A 529 11.63 -11.18 17.71
N VAL A 530 12.08 -12.13 18.51
CA VAL A 530 11.30 -12.66 19.63
C VAL A 530 11.91 -12.15 20.93
N VAL A 531 11.06 -11.64 21.81
CA VAL A 531 11.40 -11.36 23.19
C VAL A 531 10.92 -12.53 24.02
N ASN A 532 11.82 -13.06 24.85
CA ASN A 532 11.49 -14.17 25.74
C ASN A 532 10.96 -13.64 27.07
N PHE A 533 10.03 -14.39 27.65
CA PHE A 533 9.51 -14.05 28.96
C PHE A 533 9.19 -15.33 29.71
N VAL A 534 9.00 -15.18 31.02
CA VAL A 534 8.66 -16.28 31.91
C VAL A 534 7.29 -16.01 32.49
N SER A 535 6.39 -16.98 32.36
CA SER A 535 5.03 -16.85 32.84
C SER A 535 4.81 -17.79 34.02
N MET A 536 4.29 -17.25 35.12
CA MET A 536 3.90 -18.03 36.29
C MET A 536 2.42 -17.77 36.54
N GLU A 537 1.61 -18.83 36.48
CA GLU A 537 0.17 -18.70 36.57
C GLU A 537 -0.40 -19.60 37.64
N PHE A 538 -1.33 -19.08 38.42
CA PHE A 538 -2.01 -19.87 39.44
C PHE A 538 -3.00 -20.82 38.78
N SER A 539 -3.19 -21.98 39.41
CA SER A 539 -4.15 -22.94 38.90
C SER A 539 -4.56 -23.90 40.00
N LEU A 540 -5.71 -24.52 39.82
CA LEU A 540 -6.18 -25.59 40.69
C LEU A 540 -6.13 -26.96 40.02
N THR A 541 -5.64 -27.03 38.78
CA THR A 541 -5.62 -28.27 38.02
C THR A 541 -4.33 -29.04 38.32
N ASP A 542 -4.48 -30.29 38.72
CA ASP A 542 -3.33 -31.13 39.00
C ASP A 542 -2.65 -31.49 37.69
N PRO A 543 -1.36 -31.17 37.51
CA PRO A 543 -0.71 -31.47 36.22
C PRO A 543 -0.60 -32.95 35.92
N ARG A 544 -0.72 -33.82 36.92
CA ARG A 544 -0.49 -35.24 36.71
C ARG A 544 -1.66 -35.94 36.04
N LEU A 545 -2.79 -35.27 35.86
CA LEU A 545 -3.91 -35.90 35.16
C LEU A 545 -3.66 -35.99 33.66
N GLU A 546 -3.12 -34.93 33.06
CA GLU A 546 -2.78 -34.90 31.64
C GLU A 546 -1.36 -34.38 31.49
N PRO A 547 -0.36 -35.17 31.88
CA PRO A 547 1.02 -34.66 31.81
C PRO A 547 1.45 -34.26 30.42
N HIS A 548 0.98 -34.97 29.39
CA HIS A 548 1.40 -34.66 28.03
C HIS A 548 1.01 -33.25 27.63
N LYS A 549 -0.07 -32.72 28.20
CA LYS A 549 -0.49 -31.36 27.90
C LYS A 549 0.49 -30.32 28.41
N TRP A 550 1.30 -30.66 29.42
CA TRP A 550 2.16 -29.71 30.10
C TRP A 550 3.63 -30.05 29.92
N GLU A 551 4.02 -30.42 28.70
CA GLU A 551 5.43 -30.79 28.47
C GLU A 551 6.35 -29.61 28.67
N LYS A 552 5.92 -28.41 28.27
CA LYS A 552 6.76 -27.22 28.37
C LYS A 552 6.76 -26.60 29.75
N TYR A 553 5.82 -26.96 30.62
CA TYR A 553 5.63 -26.29 31.89
C TYR A 553 6.42 -26.98 33.00
N CYS A 554 6.70 -26.20 34.05
CA CYS A 554 7.21 -26.71 35.31
C CYS A 554 6.22 -26.29 36.39
N VAL A 555 5.55 -27.28 36.99
CA VAL A 555 4.42 -27.03 37.88
C VAL A 555 4.85 -27.28 39.31
N LEU A 556 4.65 -26.27 40.16
CA LEU A 556 4.95 -26.32 41.59
C LEU A 556 3.66 -26.43 42.38
N GLU A 557 3.81 -26.76 43.67
CA GLU A 557 2.72 -26.72 44.63
C GLU A 557 2.99 -25.54 45.55
N ILE A 558 2.23 -24.46 45.36
CA ILE A 558 2.54 -23.20 46.03
C ILE A 558 1.59 -22.88 47.17
N GLY A 559 0.42 -23.52 47.25
CA GLY A 559 -0.44 -23.20 48.36
C GLY A 559 -1.53 -24.23 48.60
N ASP A 560 -2.32 -23.97 49.64
CA ASP A 560 -3.52 -24.74 49.95
C ASP A 560 -4.68 -23.78 50.05
N MET A 561 -5.74 -24.04 49.28
CA MET A 561 -6.84 -23.11 49.11
C MET A 561 -8.11 -23.74 49.67
N LEU A 562 -8.84 -22.97 50.48
CA LEU A 562 -10.09 -23.42 51.10
C LEU A 562 -11.25 -22.84 50.29
N LEU A 563 -11.86 -23.68 49.47
CA LEU A 563 -12.97 -23.28 48.61
C LEU A 563 -14.30 -23.65 49.25
N ARG A 564 -15.29 -22.77 49.08
CA ARG A 564 -16.63 -23.02 49.59
C ARG A 564 -17.42 -23.77 48.53
N THR A 565 -17.87 -24.97 48.86
CA THR A 565 -18.72 -25.75 47.98
C THR A 565 -20.18 -25.57 48.40
N ALA A 566 -21.07 -26.32 47.74
CA ALA A 566 -22.49 -26.23 48.08
C ALA A 566 -22.77 -26.77 49.48
N VAL A 567 -22.08 -27.84 49.87
CA VAL A 567 -22.35 -28.51 51.15
C VAL A 567 -21.46 -27.92 52.23
N GLY A 568 -20.21 -27.61 51.89
CA GLY A 568 -19.28 -27.09 52.88
C GLY A 568 -18.02 -26.50 52.28
N GLN A 569 -16.89 -26.67 52.96
CA GLN A 569 -15.61 -26.14 52.53
C GLN A 569 -14.64 -27.30 52.31
N VAL A 570 -13.79 -27.15 51.29
CA VAL A 570 -12.82 -28.18 50.93
C VAL A 570 -11.46 -27.53 50.71
N SER A 571 -10.42 -28.17 51.22
CA SER A 571 -9.05 -27.71 51.03
C SER A 571 -8.42 -28.47 49.87
N ARG A 572 -7.84 -27.73 48.92
CA ARG A 572 -7.23 -28.34 47.75
C ARG A 572 -5.90 -27.66 47.45
N PRO A 573 -4.96 -28.38 46.84
CA PRO A 573 -3.69 -27.76 46.47
C PRO A 573 -3.89 -26.71 45.39
N MET A 574 -3.02 -25.70 45.42
CA MET A 574 -3.00 -24.62 44.44
C MET A 574 -1.60 -24.58 43.85
N PHE A 575 -1.52 -24.83 42.53
CA PHE A 575 -0.26 -24.99 41.83
C PHE A 575 0.09 -23.72 41.05
N LEU A 576 1.37 -23.61 40.70
CA LEU A 576 1.88 -22.52 39.89
C LEU A 576 2.52 -23.11 38.63
N TYR A 577 1.86 -22.93 37.49
CA TYR A 577 2.41 -23.35 36.21
C TYR A 577 3.43 -22.31 35.77
N VAL A 578 4.70 -22.73 35.66
CA VAL A 578 5.80 -21.84 35.32
C VAL A 578 6.42 -22.34 34.02
N ARG A 579 6.62 -21.42 33.08
CA ARG A 579 7.24 -21.81 31.82
C ARG A 579 7.91 -20.59 31.18
N THR A 580 8.73 -20.88 30.18
CA THR A 580 9.37 -19.85 29.37
C THR A 580 8.72 -19.84 27.99
N ASN A 581 8.27 -18.66 27.56
CA ASN A 581 7.64 -18.48 26.26
C ASN A 581 8.35 -17.35 25.54
N GLY A 582 7.94 -17.10 24.31
CA GLY A 582 8.48 -16.00 23.53
C GLY A 582 7.42 -15.42 22.63
N THR A 583 7.55 -14.13 22.32
CA THR A 583 6.59 -13.47 21.46
C THR A 583 7.30 -12.40 20.65
N SER A 584 6.79 -12.14 19.45
CA SER A 584 7.36 -11.16 18.55
C SER A 584 6.45 -9.94 18.45
N LYS A 585 6.96 -8.91 17.76
CA LYS A 585 6.19 -7.67 17.63
C LYS A 585 4.91 -7.90 16.85
N ILE A 586 4.96 -8.73 15.81
CA ILE A 586 3.75 -9.03 15.05
C ILE A 586 2.75 -9.77 15.92
N LYS A 587 3.23 -10.74 16.69
CA LYS A 587 2.33 -11.49 17.56
C LYS A 587 1.66 -10.58 18.58
N MET A 588 2.42 -9.68 19.21
CA MET A 588 1.83 -8.74 20.15
C MET A 588 0.84 -7.82 19.46
N LYS A 589 1.21 -7.31 18.27
CA LYS A 589 0.32 -6.42 17.54
C LYS A 589 -1.03 -7.09 17.30
N TRP A 590 -1.02 -8.30 16.77
CA TRP A 590 -2.28 -8.97 16.48
C TRP A 590 -2.97 -9.47 17.75
N GLY A 591 -2.23 -9.67 18.83
CA GLY A 591 -2.87 -9.98 20.10
C GLY A 591 -3.66 -8.81 20.65
N MET A 592 -3.15 -7.59 20.45
CA MET A 592 -3.89 -6.41 20.91
C MET A 592 -5.22 -6.28 20.18
N GLU A 593 -5.25 -6.58 18.89
CA GLU A 593 -6.46 -6.45 18.09
C GLU A 593 -7.30 -7.73 18.13
N MET A 594 -7.56 -8.22 19.34
CA MET A 594 -8.37 -9.42 19.51
C MET A 594 -9.85 -9.13 19.68
N ARG A 595 -10.22 -7.87 19.99
CA ARG A 595 -11.63 -7.53 20.06
C ARG A 595 -12.29 -7.67 18.70
N ARG A 596 -11.52 -7.56 17.61
CA ARG A 596 -12.08 -7.76 16.28
C ARG A 596 -12.77 -9.11 16.16
N CYS A 597 -12.29 -10.11 16.92
CA CYS A 597 -12.93 -11.42 16.89
C CYS A 597 -14.42 -11.29 17.09
N LEU A 598 -14.84 -10.44 18.03
CA LEU A 598 -16.27 -10.26 18.27
C LEU A 598 -17.00 -9.98 16.97
N LEU A 599 -16.52 -9.00 16.21
CA LEU A 599 -17.17 -8.66 14.95
C LEU A 599 -17.31 -9.89 14.07
N GLN A 600 -16.23 -10.65 13.92
CA GLN A 600 -16.25 -11.80 13.02
C GLN A 600 -17.40 -12.72 13.35
N SER A 601 -17.74 -12.83 14.63
CA SER A 601 -18.91 -13.63 15.02
C SER A 601 -20.20 -12.85 14.77
N LEU A 602 -20.31 -11.66 15.34
CA LEU A 602 -21.58 -10.94 15.31
C LEU A 602 -22.03 -10.71 13.87
N GLN A 603 -21.13 -10.21 13.03
CA GLN A 603 -21.49 -9.96 11.64
C GLN A 603 -22.09 -11.19 11.00
N GLN A 604 -21.54 -12.37 11.29
CA GLN A 604 -22.13 -13.60 10.77
C GLN A 604 -23.53 -13.80 11.35
N ILE A 605 -23.65 -13.75 12.68
CA ILE A 605 -24.91 -14.07 13.32
C ILE A 605 -26.01 -13.14 12.81
N GLU A 606 -25.74 -11.83 12.85
CA GLU A 606 -26.71 -10.88 12.31
C GLU A 606 -27.13 -11.27 10.90
N SER A 607 -26.14 -11.56 10.04
CA SER A 607 -26.45 -11.94 8.67
C SER A 607 -27.46 -13.08 8.67
N MET A 608 -27.19 -14.13 9.43
CA MET A 608 -28.12 -15.24 9.49
C MET A 608 -29.51 -14.76 9.84
N ILE A 609 -29.63 -13.98 10.91
CA ILE A 609 -30.94 -13.45 11.29
C ILE A 609 -31.53 -12.67 10.12
N GLU A 610 -30.73 -11.80 9.52
CA GLU A 610 -31.23 -11.03 8.38
C GLU A 610 -31.74 -11.96 7.30
N ALA A 611 -30.98 -13.02 6.99
CA ALA A 611 -31.38 -13.93 5.93
C ALA A 611 -32.78 -14.48 6.17
N GLU A 612 -33.16 -14.65 7.44
CA GLU A 612 -34.49 -15.16 7.73
C GLU A 612 -35.54 -14.05 7.68
N SER A 613 -35.17 -12.85 8.14
CA SER A 613 -36.15 -11.78 8.24
C SER A 613 -36.74 -11.44 6.87
N SER A 614 -35.88 -11.35 5.85
CA SER A 614 -36.36 -11.08 4.50
C SER A 614 -37.44 -12.07 4.09
N VAL A 615 -37.30 -13.33 4.53
CA VAL A 615 -38.30 -14.34 4.19
C VAL A 615 -39.60 -14.07 4.93
N LYS A 616 -39.52 -13.69 6.20
CA LYS A 616 -40.70 -13.50 7.02
C LYS A 616 -41.20 -12.05 7.02
N GLU A 617 -40.49 -11.14 6.35
CA GLU A 617 -40.92 -9.75 6.26
C GLU A 617 -41.04 -9.10 7.63
N LYS A 618 -40.28 -9.58 8.60
CA LYS A 618 -40.30 -9.02 9.94
C LYS A 618 -38.99 -9.38 10.64
N ASP A 619 -38.72 -8.66 11.72
CA ASP A 619 -37.50 -8.90 12.50
C ASP A 619 -37.72 -10.09 13.41
N LEU A 620 -36.83 -11.09 13.32
CA LEU A 620 -36.94 -12.33 14.07
C LEU A 620 -35.94 -12.41 15.21
N THR A 621 -35.32 -11.29 15.58
CA THR A 621 -34.30 -11.34 16.63
C THR A 621 -34.89 -11.78 17.96
N LYS A 622 -36.02 -11.18 18.36
CA LYS A 622 -36.62 -11.52 19.64
C LYS A 622 -37.07 -12.98 19.66
N GLU A 623 -37.68 -13.45 18.58
CA GLU A 623 -38.09 -14.85 18.51
C GLU A 623 -36.89 -15.78 18.58
N PHE A 624 -35.83 -15.46 17.85
CA PHE A 624 -34.65 -16.32 17.84
C PHE A 624 -33.99 -16.38 19.21
N PHE A 625 -33.86 -15.23 19.88
CA PHE A 625 -33.11 -15.19 21.13
C PHE A 625 -33.95 -15.64 22.32
N GLU A 626 -35.23 -15.28 22.35
CA GLU A 626 -36.07 -15.57 23.50
C GLU A 626 -36.81 -16.89 23.36
N ASN A 627 -37.62 -17.03 22.31
CA ASN A 627 -38.39 -18.26 22.12
C ASN A 627 -37.50 -19.44 21.76
N LYS A 628 -36.33 -19.19 21.17
CA LYS A 628 -35.41 -20.25 20.76
C LYS A 628 -36.11 -21.25 19.82
N SER A 629 -37.03 -20.74 19.00
CA SER A 629 -37.75 -21.62 18.08
C SER A 629 -36.82 -22.21 17.04
N GLU A 630 -35.88 -21.41 16.54
CA GLU A 630 -34.95 -21.84 15.51
C GLU A 630 -33.62 -22.26 16.14
N THR A 631 -33.09 -23.38 15.69
CA THR A 631 -31.83 -23.92 16.20
C THR A 631 -31.00 -24.41 15.02
N TRP A 632 -29.68 -24.43 15.23
CA TRP A 632 -28.75 -24.87 14.21
C TRP A 632 -27.87 -26.00 14.74
N PRO A 633 -27.48 -26.96 13.91
CA PRO A 633 -26.59 -28.02 14.38
C PRO A 633 -25.21 -27.46 14.66
N ILE A 634 -24.79 -27.55 15.92
CA ILE A 634 -23.56 -26.86 16.34
C ILE A 634 -22.65 -27.80 17.13
N GLY A 635 -23.16 -28.96 17.52
CA GLY A 635 -22.39 -29.87 18.33
C GLY A 635 -22.71 -31.31 18.03
N GLU A 636 -21.87 -32.19 18.56
CA GLU A 636 -22.02 -33.63 18.41
C GLU A 636 -22.02 -34.30 19.77
N SER A 637 -22.89 -35.28 19.93
CA SER A 637 -23.01 -36.05 21.16
C SER A 637 -23.11 -37.52 20.78
N PRO A 638 -22.87 -38.42 21.74
CA PRO A 638 -23.02 -39.85 21.43
C PRO A 638 -24.37 -40.19 20.84
N LYS A 639 -25.42 -39.43 21.19
CA LYS A 639 -26.71 -39.61 20.53
C LYS A 639 -26.63 -39.27 19.05
N GLY A 640 -25.92 -38.21 18.71
CA GLY A 640 -25.79 -37.77 17.34
C GLY A 640 -25.51 -36.28 17.30
N VAL A 641 -25.99 -35.63 16.22
CA VAL A 641 -25.83 -34.20 16.07
C VAL A 641 -26.69 -33.48 17.10
N GLU A 642 -26.19 -32.36 17.61
CA GLU A 642 -26.89 -31.57 18.61
C GLU A 642 -27.12 -30.16 18.08
N GLU A 643 -28.29 -29.62 18.39
CA GLU A 643 -28.70 -28.31 17.91
C GLU A 643 -28.66 -27.29 19.05
N GLY A 644 -28.26 -26.07 18.71
CA GLY A 644 -28.22 -25.00 19.68
C GLY A 644 -28.94 -23.77 19.17
N SER A 645 -29.30 -22.90 20.10
CA SER A 645 -30.02 -21.68 19.76
C SER A 645 -29.07 -20.69 19.09
N ILE A 646 -29.60 -19.51 18.76
CA ILE A 646 -28.77 -18.50 18.10
C ILE A 646 -27.67 -18.02 19.02
N GLY A 647 -27.95 -17.91 20.32
CA GLY A 647 -26.92 -17.50 21.26
C GLY A 647 -25.77 -18.48 21.34
N LYS A 648 -26.09 -19.78 21.35
CA LYS A 648 -25.04 -20.79 21.36
C LYS A 648 -24.18 -20.71 20.10
N VAL A 649 -24.82 -20.51 18.95
CA VAL A 649 -24.06 -20.38 17.70
C VAL A 649 -23.16 -19.16 17.75
N CYS A 650 -23.68 -18.04 18.26
CA CYS A 650 -22.86 -16.83 18.37
C CYS A 650 -21.65 -17.09 19.25
N ARG A 651 -21.86 -17.72 20.41
CA ARG A 651 -20.74 -18.00 21.31
C ARG A 651 -19.74 -18.97 20.68
N THR A 652 -20.24 -19.96 19.94
CA THR A 652 -19.34 -20.91 19.29
C THR A 652 -18.48 -20.22 18.23
N LEU A 653 -19.09 -19.35 17.42
CA LEU A 653 -18.32 -18.63 16.40
C LEU A 653 -17.31 -17.69 17.06
N LEU A 654 -17.70 -17.04 18.16
CA LEU A 654 -16.77 -16.18 18.87
C LEU A 654 -15.59 -16.99 19.40
N ALA A 655 -15.86 -18.17 19.98
CA ALA A 655 -14.78 -19.01 20.48
C ALA A 655 -13.87 -19.46 19.35
N LYS A 656 -14.46 -19.80 18.19
CA LYS A 656 -13.66 -20.20 17.05
C LYS A 656 -12.73 -19.07 16.61
N SER A 657 -13.25 -17.84 16.54
CA SER A 657 -12.41 -16.71 16.16
C SER A 657 -11.32 -16.47 17.19
N VAL A 658 -11.65 -16.56 18.47
CA VAL A 658 -10.66 -16.33 19.52
C VAL A 658 -9.56 -17.36 19.45
N PHE A 659 -9.91 -18.63 19.22
CA PHE A 659 -8.90 -19.67 19.12
C PHE A 659 -8.08 -19.53 17.85
N ASN A 660 -8.68 -19.05 16.76
CA ASN A 660 -7.90 -18.72 15.57
C ASN A 660 -6.85 -17.66 15.91
N SER A 661 -7.25 -16.65 16.68
CA SER A 661 -6.30 -15.61 17.07
C SER A 661 -5.20 -16.17 17.98
N LEU A 662 -5.58 -17.02 18.94
CA LEU A 662 -4.60 -17.49 19.92
C LEU A 662 -3.66 -18.52 19.33
N TYR A 663 -4.18 -19.44 18.51
CA TYR A 663 -3.38 -20.51 17.93
C TYR A 663 -3.03 -20.25 16.47
N ALA A 664 -2.86 -19.00 16.09
CA ALA A 664 -2.52 -18.67 14.71
C ALA A 664 -1.17 -19.26 14.34
N SER A 665 -1.06 -19.73 13.11
CA SER A 665 0.18 -20.32 12.61
C SER A 665 0.03 -20.55 11.11
N PRO A 666 1.14 -20.76 10.40
CA PRO A 666 1.03 -21.06 8.96
C PRO A 666 0.23 -22.31 8.68
N GLN A 667 0.29 -23.30 9.56
CA GLN A 667 -0.48 -24.52 9.36
C GLN A 667 -1.97 -24.22 9.30
N LEU A 668 -2.45 -23.37 10.21
CA LEU A 668 -3.87 -23.03 10.23
C LEU A 668 -4.27 -22.32 8.94
N GLU A 669 -3.47 -21.35 8.50
CA GLU A 669 -3.79 -20.61 7.29
C GLU A 669 -3.85 -21.55 6.08
N GLY A 670 -2.82 -22.37 5.91
CA GLY A 670 -2.82 -23.30 4.80
C GLY A 670 -3.97 -24.27 4.84
N PHE A 671 -4.28 -24.81 6.03
CA PHE A 671 -5.37 -25.77 6.15
C PHE A 671 -6.70 -25.13 5.80
N SER A 672 -6.95 -23.92 6.31
CA SER A 672 -8.21 -23.26 6.00
C SER A 672 -8.32 -22.99 4.51
N ALA A 673 -7.24 -22.49 3.90
CA ALA A 673 -7.30 -22.17 2.48
C ALA A 673 -7.56 -23.42 1.64
N GLU A 674 -6.88 -24.53 1.98
CA GLU A 674 -7.01 -25.73 1.17
C GLU A 674 -8.23 -26.57 1.52
N SER A 675 -8.89 -26.31 2.65
CA SER A 675 -10.11 -27.00 3.01
C SER A 675 -11.35 -26.24 2.58
N ARG A 676 -11.23 -24.94 2.32
CA ARG A 676 -12.36 -24.22 1.75
C ARG A 676 -12.81 -24.86 0.43
N LYS A 677 -11.85 -25.29 -0.39
CA LYS A 677 -12.21 -25.91 -1.67
C LYS A 677 -12.98 -27.20 -1.46
N LEU A 678 -12.53 -28.04 -0.53
CA LEU A 678 -13.24 -29.29 -0.26
C LEU A 678 -14.63 -29.01 0.30
N LEU A 679 -14.75 -28.01 1.17
CA LEU A 679 -16.07 -27.65 1.68
C LEU A 679 -16.99 -27.20 0.55
N LEU A 680 -16.47 -26.40 -0.38
CA LEU A 680 -17.29 -25.93 -1.49
C LEU A 680 -17.70 -27.09 -2.40
N ILE A 681 -16.79 -28.03 -2.63
CA ILE A 681 -17.14 -29.20 -3.45
C ILE A 681 -18.23 -30.01 -2.76
N VAL A 682 -18.11 -30.21 -1.45
CA VAL A 682 -19.14 -30.95 -0.73
C VAL A 682 -20.47 -30.22 -0.79
N GLN A 683 -20.44 -28.89 -0.65
CA GLN A 683 -21.67 -28.11 -0.75
C GLN A 683 -22.30 -28.26 -2.13
N ALA A 684 -21.49 -28.22 -3.18
CA ALA A 684 -22.01 -28.43 -4.53
C ALA A 684 -22.64 -29.80 -4.68
N LEU A 685 -22.03 -30.81 -4.06
CA LEU A 685 -22.64 -32.14 -4.07
C LEU A 685 -23.98 -32.13 -3.36
N ARG A 686 -24.08 -31.42 -2.23
CA ARG A 686 -25.33 -31.31 -1.51
C ARG A 686 -26.36 -30.47 -2.26
N ASP A 687 -25.92 -29.68 -3.23
CA ASP A 687 -26.83 -28.86 -4.03
C ASP A 687 -27.28 -29.56 -5.30
N ASN A 688 -26.88 -30.82 -5.51
CA ASN A 688 -27.24 -31.55 -6.73
C ASN A 688 -26.77 -30.82 -7.99
N LEU A 689 -25.55 -30.30 -7.93
CA LEU A 689 -24.94 -29.62 -9.07
C LEU A 689 -23.95 -30.50 -9.81
N GLU A 690 -23.92 -31.80 -9.51
CA GLU A 690 -23.03 -32.74 -10.18
C GLU A 690 -21.58 -32.26 -10.15
N PRO A 691 -21.01 -32.07 -8.96
CA PRO A 691 -19.63 -31.59 -8.88
C PRO A 691 -18.67 -32.61 -9.49
N GLY A 692 -17.58 -32.09 -10.03
CA GLY A 692 -16.53 -32.94 -10.58
C GLY A 692 -15.18 -32.38 -10.23
N THR A 693 -14.21 -33.28 -10.06
CA THR A 693 -12.85 -32.92 -9.72
C THR A 693 -11.90 -33.39 -10.81
N PHE A 694 -10.64 -33.01 -10.67
CA PHE A 694 -9.59 -33.42 -11.58
C PHE A 694 -8.49 -34.20 -10.88
N ASP A 695 -8.00 -33.71 -9.75
CA ASP A 695 -6.90 -34.33 -9.00
C ASP A 695 -7.22 -34.36 -7.51
N LEU A 696 -8.41 -34.89 -7.18
CA LEU A 696 -8.87 -34.85 -5.80
C LEU A 696 -7.84 -35.41 -4.82
N GLU A 697 -7.09 -36.42 -5.25
CA GLU A 697 -6.03 -36.96 -4.39
C GLU A 697 -4.97 -35.90 -4.12
N GLY A 698 -4.64 -35.10 -5.14
CA GLY A 698 -3.71 -34.00 -4.92
C GLY A 698 -4.24 -32.98 -3.93
N LEU A 699 -5.54 -32.68 -4.01
CA LEU A 699 -6.14 -31.77 -3.04
C LEU A 699 -6.06 -32.34 -1.63
N TYR A 700 -6.33 -33.64 -1.47
CA TYR A 700 -6.21 -34.25 -0.16
C TYR A 700 -4.78 -34.19 0.35
N GLU A 701 -3.81 -34.45 -0.52
CA GLU A 701 -2.41 -34.36 -0.11
C GLU A 701 -2.05 -32.95 0.32
N ALA A 702 -2.50 -31.94 -0.43
CA ALA A 702 -2.23 -30.56 -0.06
C ALA A 702 -2.85 -30.21 1.28
N ILE A 703 -4.08 -30.67 1.53
CA ILE A 703 -4.72 -30.40 2.81
C ILE A 703 -3.94 -31.08 3.93
N GLU A 704 -3.54 -32.33 3.74
CA GLU A 704 -2.87 -33.08 4.80
C GLU A 704 -1.46 -32.60 5.04
N GLU A 705 -0.84 -31.93 4.06
CA GLU A 705 0.50 -31.39 4.26
C GLU A 705 0.54 -30.33 5.36
N CYS A 706 -0.60 -29.74 5.69
CA CYS A 706 -0.66 -28.66 6.66
C CYS A 706 -0.95 -29.14 8.08
N LEU A 707 -1.16 -30.43 8.28
CA LEU A 707 -1.42 -30.99 9.61
C LEU A 707 -0.12 -31.62 10.10
N ILE A 708 0.57 -30.92 11.00
CA ILE A 708 1.84 -31.42 11.51
C ILE A 708 1.80 -31.55 13.02
N ASN A 709 1.69 -30.42 13.74
CA ASN A 709 1.71 -30.45 15.19
C ASN A 709 0.73 -29.51 15.88
N ASP A 710 0.13 -28.56 15.19
CA ASP A 710 -0.69 -27.55 15.86
C ASP A 710 -1.95 -28.17 16.42
N PRO A 711 -2.19 -28.09 17.73
CA PRO A 711 -3.43 -28.68 18.28
C PRO A 711 -4.69 -28.09 17.66
N TRP A 712 -4.71 -26.79 17.40
CA TRP A 712 -5.90 -26.16 16.84
C TRP A 712 -6.18 -26.67 15.43
N VAL A 713 -5.14 -26.81 14.62
CA VAL A 713 -5.34 -27.29 13.25
C VAL A 713 -5.79 -28.75 13.26
N LEU A 714 -5.22 -29.57 14.16
CA LEU A 714 -5.65 -30.95 14.25
C LEU A 714 -7.10 -31.05 14.69
N LEU A 715 -7.51 -30.22 15.65
CA LEU A 715 -8.91 -30.21 16.05
C LEU A 715 -9.81 -29.79 14.89
N ASN A 716 -9.37 -28.81 14.10
CA ASN A 716 -10.15 -28.41 12.94
C ASN A 716 -10.27 -29.54 11.92
N ALA A 717 -9.18 -30.28 11.72
CA ALA A 717 -9.23 -31.42 10.80
C ALA A 717 -10.19 -32.49 11.30
N SER A 718 -10.18 -32.76 12.61
CA SER A 718 -11.14 -33.72 13.16
C SER A 718 -12.57 -33.22 12.98
N TRP A 719 -12.79 -31.92 13.19
CA TRP A 719 -14.10 -31.35 12.94
C TRP A 719 -14.53 -31.54 11.50
N PHE A 720 -13.60 -31.34 10.56
CA PHE A 720 -13.93 -31.53 9.15
C PHE A 720 -14.27 -32.98 8.86
N ASN A 721 -13.54 -33.92 9.48
CA ASN A 721 -13.87 -35.33 9.30
C ASN A 721 -15.28 -35.63 9.80
N SER A 722 -15.64 -35.11 10.97
CA SER A 722 -16.98 -35.33 11.50
C SER A 722 -18.03 -34.71 10.59
N PHE A 723 -17.76 -33.50 10.08
CA PHE A 723 -18.71 -32.86 9.18
C PHE A 723 -18.90 -33.66 7.90
N LEU A 724 -17.80 -34.20 7.35
CA LEU A 724 -17.92 -35.06 6.18
C LEU A 724 -18.77 -36.28 6.49
N THR A 725 -18.54 -36.91 7.64
CA THR A 725 -19.33 -38.08 8.01
C THR A 725 -20.81 -37.74 8.07
N HIS A 726 -21.15 -36.59 8.67
CA HIS A 726 -22.55 -36.26 8.87
C HIS A 726 -23.20 -35.62 7.66
N ALA A 727 -22.42 -35.15 6.69
CA ALA A 727 -22.96 -34.52 5.50
C ALA A 727 -23.06 -35.48 4.32
N LEU A 728 -22.21 -36.51 4.29
CA LEU A 728 -22.30 -37.51 3.23
C LEU A 728 -23.64 -38.24 3.29
N ARG A 729 -24.08 -38.60 4.49
CA ARG A 729 -25.37 -39.28 4.65
C ARG A 729 -26.51 -38.29 4.47
N MET B 1 -21.81 -32.91 25.02
CA MET B 1 -21.86 -32.18 23.73
C MET B 1 -20.48 -31.63 23.38
N ASP B 2 -19.91 -32.11 22.27
CA ASP B 2 -18.65 -31.61 21.76
C ASP B 2 -18.96 -30.60 20.67
N VAL B 3 -18.71 -29.32 20.96
CA VAL B 3 -19.05 -28.26 20.04
C VAL B 3 -18.21 -28.40 18.77
N ASN B 4 -18.87 -28.34 17.61
CA ASN B 4 -18.21 -28.48 16.32
C ASN B 4 -18.76 -27.41 15.38
N PRO B 5 -18.05 -26.28 15.24
CA PRO B 5 -18.59 -25.21 14.37
C PRO B 5 -18.83 -25.66 12.94
N THR B 6 -18.01 -26.57 12.41
CA THR B 6 -18.18 -27.00 11.02
C THR B 6 -19.56 -27.60 10.80
N LEU B 7 -20.13 -28.26 11.82
CA LEU B 7 -21.45 -28.84 11.67
C LEU B 7 -22.50 -27.80 11.32
N LEU B 8 -22.23 -26.52 11.60
CA LEU B 8 -23.16 -25.47 11.23
C LEU B 8 -23.43 -25.48 9.73
N PHE B 9 -22.47 -25.94 8.93
CA PHE B 9 -22.67 -26.00 7.48
C PHE B 9 -23.73 -26.99 7.06
N LEU B 10 -24.18 -27.87 7.96
CA LEU B 10 -25.25 -28.80 7.61
C LEU B 10 -26.53 -28.06 7.27
N LYS B 11 -26.82 -26.96 7.95
CA LYS B 11 -28.03 -26.19 7.73
C LYS B 11 -27.81 -25.02 6.77
N VAL B 12 -26.87 -24.14 7.10
CA VAL B 12 -26.60 -22.96 6.28
C VAL B 12 -25.62 -23.34 5.16
N PRO B 13 -25.84 -22.89 3.93
CA PRO B 13 -24.88 -23.21 2.86
C PRO B 13 -23.50 -22.65 3.16
N VAL B 14 -22.48 -23.32 2.64
CA VAL B 14 -21.10 -22.95 2.95
C VAL B 14 -20.83 -21.51 2.54
N GLN B 15 -21.35 -21.10 1.37
CA GLN B 15 -21.11 -19.74 0.91
C GLN B 15 -21.64 -18.72 1.90
N ASN B 16 -22.87 -18.91 2.37
CA ASN B 16 -23.50 -17.94 3.24
C ASN B 16 -22.77 -17.79 4.57
N ALA B 17 -21.94 -18.77 4.95
CA ALA B 17 -21.12 -18.70 6.14
C ALA B 17 -19.64 -18.75 5.82
N ILE B 18 -19.27 -18.42 4.58
CA ILE B 18 -17.88 -18.52 4.16
C ILE B 18 -16.97 -17.67 5.04
N SER B 19 -17.52 -16.62 5.66
CA SER B 19 -16.72 -15.76 6.51
C SER B 19 -16.10 -16.53 7.66
N THR B 20 -16.70 -17.64 8.07
CA THR B 20 -16.16 -18.41 9.19
C THR B 20 -15.00 -19.31 8.77
N THR B 21 -14.70 -19.40 7.48
CA THR B 21 -13.58 -20.20 6.99
C THR B 21 -12.32 -19.38 6.81
N PHE B 22 -12.34 -18.09 7.15
CA PHE B 22 -11.18 -17.22 6.99
C PHE B 22 -10.61 -16.88 8.36
N PRO B 23 -9.48 -17.48 8.76
CA PRO B 23 -8.90 -17.15 10.08
C PRO B 23 -8.04 -15.89 10.03
N TYR B 24 -8.70 -14.76 9.77
CA TYR B 24 -8.01 -13.49 9.58
C TYR B 24 -7.88 -12.67 10.85
N THR B 25 -8.29 -13.22 11.98
CA THR B 25 -8.08 -12.55 13.26
C THR B 25 -6.68 -12.78 13.83
N GLY B 26 -5.93 -13.73 13.28
CA GLY B 26 -4.59 -14.03 13.75
C GLY B 26 -3.52 -13.43 12.87
N ASP B 27 -2.31 -13.38 13.41
CA ASP B 27 -1.20 -12.81 12.68
C ASP B 27 -0.86 -13.66 11.46
N PRO B 28 -0.61 -13.05 10.31
CA PRO B 28 -0.28 -13.83 9.10
C PRO B 28 1.12 -14.40 9.20
N PRO B 29 1.43 -15.44 8.44
CA PRO B 29 2.78 -15.99 8.46
C PRO B 29 3.82 -15.01 7.94
N TYR B 30 5.03 -15.11 8.48
CA TYR B 30 6.13 -14.24 8.10
C TYR B 30 7.37 -15.07 7.81
N SER B 31 8.19 -14.57 6.90
CA SER B 31 9.49 -15.18 6.65
C SER B 31 10.50 -14.64 7.64
N HIS B 32 11.34 -15.53 8.17
CA HIS B 32 12.25 -15.18 9.26
C HIS B 32 13.64 -14.82 8.78
N GLY B 33 14.28 -15.70 8.00
CA GLY B 33 15.66 -15.47 7.61
C GLY B 33 15.83 -15.05 6.17
N THR B 34 16.77 -15.69 5.48
CA THR B 34 17.11 -15.34 4.11
C THR B 34 16.05 -15.83 3.14
N GLY B 35 15.96 -15.14 2.01
CA GLY B 35 15.16 -15.57 0.88
C GLY B 35 15.96 -16.27 -0.21
N THR B 36 17.23 -16.59 0.05
CA THR B 36 18.05 -17.22 -0.98
C THR B 36 17.53 -18.61 -1.32
N GLY B 37 17.08 -19.37 -0.33
CA GLY B 37 16.57 -20.69 -0.60
C GLY B 37 15.38 -20.68 -1.54
N TYR B 38 14.45 -19.76 -1.33
CA TYR B 38 13.28 -19.67 -2.19
C TYR B 38 13.67 -19.24 -3.61
N THR B 39 14.61 -18.31 -3.74
CA THR B 39 15.06 -17.90 -5.06
C THR B 39 15.72 -19.05 -5.80
N MET B 40 16.58 -19.80 -5.12
CA MET B 40 17.21 -20.96 -5.76
C MET B 40 16.17 -22.00 -6.14
N ASP B 41 15.19 -22.24 -5.27
CA ASP B 41 14.15 -23.20 -5.57
C ASP B 41 13.34 -22.79 -6.78
N THR B 42 12.97 -21.51 -6.87
CA THR B 42 12.17 -21.07 -8.01
C THR B 42 12.97 -21.09 -9.30
N VAL B 43 14.27 -20.75 -9.23
CA VAL B 43 15.11 -20.83 -10.41
C VAL B 43 15.20 -22.27 -10.90
N ASN B 44 15.44 -23.20 -9.98
CA ASN B 44 15.54 -24.60 -10.36
C ASN B 44 14.22 -25.12 -10.91
N ARG B 45 13.10 -24.73 -10.30
CA ARG B 45 11.80 -25.16 -10.80
C ARG B 45 11.53 -24.62 -12.19
N THR B 46 11.88 -23.35 -12.43
CA THR B 46 11.69 -22.79 -13.76
C THR B 46 12.55 -23.52 -14.79
N HIS B 47 13.78 -23.86 -14.42
CA HIS B 47 14.67 -24.55 -15.35
C HIS B 47 14.34 -26.03 -15.51
N LYS B 48 13.54 -26.61 -14.61
CA LYS B 48 13.16 -28.01 -14.73
C LYS B 48 11.93 -28.21 -15.60
N TYR B 49 11.00 -27.25 -15.58
CA TYR B 49 9.84 -27.30 -16.45
C TYR B 49 10.21 -27.08 -17.91
N SER B 50 11.44 -26.66 -18.19
CA SER B 50 11.89 -26.37 -19.54
C SER B 50 13.16 -27.12 -19.91
N GLU B 51 13.52 -28.16 -19.14
CA GLU B 51 14.81 -28.81 -19.34
C GLU B 51 14.96 -29.40 -20.73
N LYS B 52 13.87 -29.66 -21.43
CA LYS B 52 13.94 -30.18 -22.79
C LYS B 52 14.14 -29.10 -23.84
N GLY B 53 14.50 -27.89 -23.42
CA GLY B 53 14.73 -26.79 -24.34
C GLY B 53 16.13 -26.82 -24.91
N LYS B 54 16.50 -25.70 -25.52
CA LYS B 54 17.81 -25.53 -26.12
C LYS B 54 18.67 -24.66 -25.22
N TRP B 55 19.91 -25.10 -24.98
CA TRP B 55 20.86 -24.37 -24.16
C TRP B 55 21.80 -23.58 -25.05
N THR B 56 22.00 -22.30 -24.70
CA THR B 56 22.93 -21.44 -25.41
C THR B 56 23.72 -20.63 -24.40
N THR B 57 24.79 -20.00 -24.86
CA THR B 57 25.60 -19.11 -24.04
C THR B 57 25.46 -17.70 -24.60
N ASN B 58 25.02 -16.77 -23.75
CA ASN B 58 24.85 -15.39 -24.18
C ASN B 58 26.21 -14.80 -24.57
N THR B 59 26.23 -14.10 -25.70
CA THR B 59 27.46 -13.49 -26.19
C THR B 59 27.79 -12.18 -25.50
N GLU B 60 26.84 -11.59 -24.77
CA GLU B 60 27.07 -10.33 -24.06
C GLU B 60 27.35 -10.56 -22.59
N THR B 61 26.42 -11.21 -21.88
CA THR B 61 26.60 -11.49 -20.47
C THR B 61 27.36 -12.78 -20.20
N GLY B 62 27.55 -13.62 -21.21
CA GLY B 62 28.26 -14.87 -21.00
C GLY B 62 27.60 -15.78 -19.99
N ALA B 63 26.28 -15.91 -20.05
CA ALA B 63 25.54 -16.71 -19.10
C ALA B 63 24.69 -17.74 -19.80
N PRO B 64 24.57 -18.95 -19.25
CA PRO B 64 23.70 -19.96 -19.89
C PRO B 64 22.27 -19.47 -19.97
N GLN B 65 21.61 -19.81 -21.08
CA GLN B 65 20.23 -19.43 -21.31
C GLN B 65 19.49 -20.61 -21.92
N LEU B 66 18.25 -20.81 -21.47
CA LEU B 66 17.44 -21.95 -21.87
C LEU B 66 16.22 -21.45 -22.65
N ASN B 67 16.01 -22.03 -23.83
CA ASN B 67 14.92 -21.64 -24.72
C ASN B 67 13.99 -22.82 -24.93
N PRO B 68 12.82 -22.86 -24.29
CA PRO B 68 11.88 -23.96 -24.52
C PRO B 68 10.84 -23.70 -25.61
N ILE B 69 10.84 -22.52 -26.23
CA ILE B 69 9.86 -22.25 -27.27
C ILE B 69 10.03 -23.25 -28.40
N ASP B 70 8.90 -23.69 -28.96
CA ASP B 70 8.90 -24.69 -30.02
C ASP B 70 9.55 -25.99 -29.57
N GLY B 71 9.48 -26.29 -28.28
CA GLY B 71 9.98 -27.54 -27.77
C GLY B 71 9.02 -28.67 -28.02
N PRO B 72 9.43 -29.87 -27.62
CA PRO B 72 8.56 -31.04 -27.83
C PRO B 72 7.23 -30.86 -27.10
N LEU B 73 6.16 -31.32 -27.74
CA LEU B 73 4.85 -31.21 -27.13
C LEU B 73 4.78 -32.09 -25.89
N PRO B 74 4.16 -31.63 -24.82
CA PRO B 74 4.12 -32.43 -23.59
C PRO B 74 3.39 -33.75 -23.82
N GLU B 75 3.89 -34.81 -23.18
CA GLU B 75 3.30 -36.13 -23.28
C GLU B 75 2.43 -36.49 -22.09
N ASP B 76 2.58 -35.78 -20.97
CA ASP B 76 1.82 -36.04 -19.75
C ASP B 76 1.18 -34.73 -19.28
N ASN B 77 0.62 -34.76 -18.09
CA ASN B 77 -0.10 -33.61 -17.54
C ASN B 77 0.76 -32.76 -16.62
N GLU B 78 2.07 -33.02 -16.56
CA GLU B 78 2.95 -32.24 -15.72
C GLU B 78 3.12 -30.83 -16.31
N PRO B 79 3.49 -29.86 -15.47
CA PRO B 79 3.68 -28.49 -15.99
C PRO B 79 4.76 -28.46 -17.07
N SER B 80 4.52 -27.65 -18.10
CA SER B 80 5.42 -27.55 -19.23
C SER B 80 5.44 -26.12 -19.73
N GLY B 81 6.63 -25.59 -19.97
CA GLY B 81 6.81 -24.27 -20.52
C GLY B 81 7.08 -24.22 -22.01
N TYR B 82 6.88 -25.34 -22.72
CA TYR B 82 7.18 -25.42 -24.15
C TYR B 82 5.99 -24.86 -24.93
N ALA B 83 5.91 -23.54 -24.96
CA ALA B 83 4.89 -22.87 -25.76
C ALA B 83 5.30 -22.87 -27.23
N GLN B 84 4.29 -22.93 -28.10
CA GLN B 84 4.51 -22.94 -29.54
C GLN B 84 4.24 -21.53 -30.08
N THR B 85 5.22 -20.98 -30.79
CA THR B 85 5.11 -19.61 -31.27
C THR B 85 3.94 -19.48 -32.25
N ASP B 86 3.77 -20.45 -33.14
CA ASP B 86 2.68 -20.38 -34.10
C ASP B 86 1.32 -20.39 -33.41
N CYS B 87 1.19 -21.21 -32.35
CA CYS B 87 -0.08 -21.24 -31.61
C CYS B 87 -0.38 -19.90 -30.97
N VAL B 88 0.63 -19.27 -30.36
CA VAL B 88 0.42 -17.97 -29.72
C VAL B 88 0.04 -16.93 -30.77
N LEU B 89 0.74 -16.94 -31.92
CA LEU B 89 0.42 -15.98 -32.96
C LEU B 89 -1.00 -16.20 -33.49
N GLU B 90 -1.41 -17.46 -33.66
CA GLU B 90 -2.76 -17.75 -34.13
C GLU B 90 -3.80 -17.29 -33.11
N ALA B 91 -3.53 -17.50 -31.82
CA ALA B 91 -4.45 -17.03 -30.79
C ALA B 91 -4.59 -15.52 -30.82
N MET B 92 -3.47 -14.81 -30.98
CA MET B 92 -3.53 -13.35 -31.07
C MET B 92 -4.30 -12.92 -32.31
N ALA B 93 -4.09 -13.60 -33.44
CA ALA B 93 -4.79 -13.27 -34.67
C ALA B 93 -6.29 -13.46 -34.50
N PHE B 94 -6.71 -14.57 -33.88
CA PHE B 94 -8.12 -14.80 -33.67
C PHE B 94 -8.71 -13.79 -32.69
N LEU B 95 -7.95 -13.41 -31.66
CA LEU B 95 -8.43 -12.38 -30.75
C LEU B 95 -8.65 -11.06 -31.49
N GLU B 96 -7.70 -10.69 -32.36
CA GLU B 96 -7.85 -9.47 -33.14
C GLU B 96 -9.06 -9.57 -34.08
N GLU B 97 -9.25 -10.74 -34.69
CA GLU B 97 -10.38 -10.93 -35.59
C GLU B 97 -11.71 -10.81 -34.86
N SER B 98 -11.78 -11.34 -33.64
CA SER B 98 -13.03 -11.29 -32.87
C SER B 98 -13.35 -9.88 -32.40
N HIS B 99 -12.35 -9.01 -32.25
CA HIS B 99 -12.54 -7.63 -31.83
C HIS B 99 -11.80 -6.72 -32.81
N PRO B 100 -12.36 -6.50 -33.99
CA PRO B 100 -11.63 -5.75 -35.03
C PRO B 100 -11.21 -4.37 -34.53
N GLY B 101 -9.98 -4.00 -34.86
CA GLY B 101 -9.46 -2.69 -34.53
C GLY B 101 -8.98 -2.53 -33.10
N ILE B 102 -9.01 -3.59 -32.30
CA ILE B 102 -8.59 -3.47 -30.90
C ILE B 102 -7.11 -3.12 -30.81
N PHE B 103 -6.28 -3.85 -31.57
CA PHE B 103 -4.84 -3.62 -31.49
C PHE B 103 -4.46 -2.25 -32.02
N GLU B 104 -5.07 -1.81 -33.11
CA GLU B 104 -4.73 -0.51 -33.69
C GLU B 104 -5.06 0.62 -32.71
N ASN B 105 -6.26 0.59 -32.13
CA ASN B 105 -6.65 1.63 -31.18
C ASN B 105 -5.77 1.58 -29.93
N SER B 106 -5.48 0.37 -29.44
CA SER B 106 -4.61 0.23 -28.29
C SER B 106 -3.24 0.83 -28.57
N CYS B 107 -2.70 0.57 -29.76
CA CYS B 107 -1.40 1.10 -30.13
C CYS B 107 -1.42 2.62 -30.23
N LEU B 108 -2.50 3.17 -30.77
CA LEU B 108 -2.62 4.63 -30.84
C LEU B 108 -2.61 5.24 -29.44
N GLU B 109 -3.40 4.67 -28.53
CA GLU B 109 -3.43 5.18 -27.17
C GLU B 109 -2.07 5.04 -26.50
N THR B 110 -1.39 3.91 -26.72
CA THR B 110 -0.09 3.69 -26.13
C THR B 110 0.94 4.68 -26.68
N MET B 111 0.87 4.98 -27.97
CA MET B 111 1.77 5.98 -28.55
C MET B 111 1.54 7.34 -27.90
N GLU B 112 0.27 7.72 -27.75
CA GLU B 112 -0.04 8.99 -27.09
C GLU B 112 0.52 9.01 -25.67
N ILE B 113 0.38 7.90 -24.93
CA ILE B 113 0.90 7.84 -23.57
C ILE B 113 2.42 7.93 -23.58
N VAL B 114 3.07 7.23 -24.51
CA VAL B 114 4.52 7.17 -24.53
C VAL B 114 5.11 8.54 -24.82
N GLN B 115 4.54 9.27 -25.76
CA GLN B 115 5.12 10.55 -26.16
C GLN B 115 5.01 11.59 -25.04
N GLN B 116 3.97 11.52 -24.21
CA GLN B 116 3.69 12.53 -23.21
C GLN B 116 4.08 12.13 -21.79
N THR B 117 4.74 10.99 -21.61
CA THR B 117 5.05 10.47 -20.28
C THR B 117 6.38 11.05 -19.79
N ARG B 118 6.40 11.52 -18.55
CA ARG B 118 7.59 12.11 -17.96
C ARG B 118 8.39 11.06 -17.19
N VAL B 119 9.66 11.38 -16.95
CA VAL B 119 10.56 10.44 -16.29
C VAL B 119 10.15 10.23 -14.83
N ASP B 120 9.72 11.30 -14.15
CA ASP B 120 9.35 11.19 -12.75
C ASP B 120 8.27 10.14 -12.51
N LYS B 121 7.59 9.68 -13.56
CA LYS B 121 6.62 8.61 -13.39
C LYS B 121 7.24 7.40 -12.70
N LEU B 122 8.50 7.10 -13.01
CA LEU B 122 9.16 5.94 -12.42
C LEU B 122 9.26 6.05 -10.91
N THR B 123 9.15 7.27 -10.36
CA THR B 123 9.19 7.42 -8.90
C THR B 123 7.95 6.88 -8.22
N GLN B 124 6.89 6.55 -8.98
CA GLN B 124 5.68 6.03 -8.37
C GLN B 124 5.89 4.65 -7.74
N GLY B 125 6.92 3.93 -8.16
CA GLY B 125 7.13 2.59 -7.65
C GLY B 125 7.63 2.56 -6.23
N ARG B 126 7.42 1.41 -5.58
CA ARG B 126 7.94 1.18 -4.24
C ARG B 126 9.42 0.82 -4.33
N GLN B 127 9.98 0.30 -3.24
CA GLN B 127 11.39 -0.09 -3.21
C GLN B 127 11.82 -0.76 -4.52
N THR B 128 12.98 -0.37 -5.02
CA THR B 128 13.52 -0.88 -6.26
C THR B 128 15.00 -1.22 -6.09
N TYR B 129 15.48 -2.14 -6.92
CA TYR B 129 16.89 -2.49 -6.90
C TYR B 129 17.72 -1.33 -7.45
N ASP B 130 18.88 -1.12 -6.82
CA ASP B 130 19.80 -0.05 -7.21
C ASP B 130 21.14 -0.70 -7.50
N TRP B 131 21.58 -0.60 -8.77
CA TRP B 131 22.85 -1.18 -9.17
C TRP B 131 24.02 -0.35 -8.68
N THR B 132 23.84 0.96 -8.52
CA THR B 132 24.92 1.79 -8.01
C THR B 132 25.33 1.34 -6.62
N LEU B 133 24.37 1.19 -5.71
CA LEU B 133 24.64 0.66 -4.38
C LEU B 133 24.52 -0.84 -4.31
N ASN B 134 23.89 -1.48 -5.30
CA ASN B 134 23.74 -2.93 -5.32
C ASN B 134 22.81 -3.41 -4.20
N ARG B 135 21.72 -2.69 -3.98
CA ARG B 135 20.80 -3.03 -2.90
C ARG B 135 19.47 -2.33 -3.13
N ASN B 136 18.50 -2.63 -2.28
CA ASN B 136 17.18 -2.04 -2.43
C ASN B 136 17.17 -0.62 -1.88
N GLN B 137 16.60 0.31 -2.65
CA GLN B 137 16.46 1.70 -2.25
C GLN B 137 15.10 2.19 -2.70
N PRO B 138 14.59 3.26 -2.09
CA PRO B 138 13.33 3.83 -2.57
C PRO B 138 13.42 4.22 -4.03
N ALA B 139 12.29 4.11 -4.73
CA ALA B 139 12.29 4.33 -6.17
C ALA B 139 12.86 5.70 -6.52
N ALA B 140 12.49 6.74 -5.78
CA ALA B 140 13.02 8.07 -6.05
C ALA B 140 14.53 8.11 -5.88
N THR B 141 15.03 7.51 -4.80
CA THR B 141 16.48 7.48 -4.58
C THR B 141 17.20 6.73 -5.68
N ALA B 142 16.66 5.58 -6.09
CA ALA B 142 17.30 4.82 -7.16
C ALA B 142 17.32 5.60 -8.46
N LEU B 143 16.20 6.25 -8.79
CA LEU B 143 16.15 7.04 -10.03
C LEU B 143 17.14 8.19 -9.97
N ALA B 144 17.22 8.88 -8.84
CA ALA B 144 18.16 9.98 -8.70
C ALA B 144 19.60 9.49 -8.85
N ASN B 145 19.93 8.37 -8.22
CA ASN B 145 21.28 7.83 -8.34
C ASN B 145 21.59 7.45 -9.78
N THR B 146 20.65 6.80 -10.47
CA THR B 146 20.87 6.42 -11.86
C THR B 146 21.08 7.65 -12.73
N ILE B 147 20.26 8.68 -12.54
CA ILE B 147 20.39 9.89 -13.34
C ILE B 147 21.73 10.56 -13.08
N GLU B 148 22.15 10.62 -11.82
CA GLU B 148 23.44 11.21 -11.50
C GLU B 148 24.57 10.45 -12.16
N VAL B 149 24.52 9.11 -12.11
CA VAL B 149 25.58 8.30 -12.71
C VAL B 149 25.60 8.51 -14.22
N PHE B 150 24.44 8.53 -14.85
CA PHE B 150 24.39 8.77 -16.29
C PHE B 150 24.97 10.13 -16.64
N ARG B 151 24.61 11.16 -15.86
CA ARG B 151 25.13 12.49 -16.14
C ARG B 151 26.65 12.53 -15.99
N SER B 152 27.18 11.88 -14.96
CA SER B 152 28.63 11.90 -14.75
C SER B 152 29.38 11.16 -15.84
N ASN B 153 28.73 10.24 -16.55
CA ASN B 153 29.38 9.45 -17.59
C ASN B 153 29.18 10.02 -19.00
N GLY B 154 28.55 11.18 -19.12
CA GLY B 154 28.36 11.83 -20.40
C GLY B 154 27.02 11.57 -21.06
N LEU B 155 26.12 10.85 -20.40
CA LEU B 155 24.79 10.57 -20.93
C LEU B 155 23.82 11.57 -20.31
N THR B 156 23.32 12.49 -21.12
CA THR B 156 22.50 13.58 -20.61
C THR B 156 21.20 13.75 -21.39
N ALA B 157 20.78 12.74 -22.16
CA ALA B 157 19.49 12.82 -22.82
C ALA B 157 18.36 12.85 -21.81
N ASN B 158 18.59 12.40 -20.58
CA ASN B 158 17.56 12.48 -19.54
C ASN B 158 17.28 13.91 -19.13
N GLU B 159 18.11 14.87 -19.57
CA GLU B 159 17.89 16.26 -19.18
C GLU B 159 16.50 16.72 -19.61
N SER B 160 16.02 16.24 -20.74
CA SER B 160 14.62 16.40 -21.09
C SER B 160 13.76 15.54 -20.17
N GLY B 161 12.58 16.04 -19.85
CA GLY B 161 11.73 15.35 -18.89
C GLY B 161 11.05 14.10 -19.40
N ARG B 162 11.08 13.86 -20.70
CA ARG B 162 10.38 12.72 -21.27
C ARG B 162 11.04 11.41 -20.84
N LEU B 163 10.19 10.41 -20.57
CA LEU B 163 10.71 9.11 -20.15
C LEU B 163 11.39 8.38 -21.31
N ILE B 164 10.91 8.58 -22.54
CA ILE B 164 11.53 7.93 -23.69
C ILE B 164 12.97 8.38 -23.83
N ASP B 165 13.27 9.63 -23.51
CA ASP B 165 14.65 10.10 -23.51
C ASP B 165 15.48 9.34 -22.49
N PHE B 166 14.91 9.09 -21.31
CA PHE B 166 15.63 8.29 -20.31
C PHE B 166 15.88 6.89 -20.82
N LEU B 167 14.92 6.31 -21.54
CA LEU B 167 15.14 4.98 -22.13
C LEU B 167 16.25 5.01 -23.15
N LYS B 168 16.30 6.07 -23.97
CA LYS B 168 17.40 6.22 -24.92
C LYS B 168 18.73 6.31 -24.19
N ASP B 169 18.76 7.02 -23.06
CA ASP B 169 19.96 7.11 -22.26
C ASP B 169 20.37 5.74 -21.72
N VAL B 170 19.40 4.95 -21.28
CA VAL B 170 19.71 3.60 -20.81
C VAL B 170 20.32 2.77 -21.93
N MET B 171 19.73 2.84 -23.12
CA MET B 171 20.27 2.10 -24.25
C MET B 171 21.70 2.54 -24.57
N ASP B 172 21.94 3.86 -24.54
CA ASP B 172 23.29 4.35 -24.77
C ASP B 172 24.25 3.83 -23.71
N SER B 173 23.84 3.85 -22.44
CA SER B 173 24.69 3.35 -21.37
C SER B 173 25.03 1.89 -21.57
N MET B 174 24.08 1.13 -22.13
CA MET B 174 24.30 -0.30 -22.34
C MET B 174 25.39 -0.56 -23.37
N ASP B 175 25.92 0.50 -23.99
CA ASP B 175 26.95 0.37 -25.02
C ASP B 175 28.32 0.89 -24.58
N LYS B 176 28.41 1.62 -23.48
CA LYS B 176 29.68 2.20 -23.07
C LYS B 176 30.67 1.12 -22.68
N GLU B 177 31.94 1.36 -22.99
CA GLU B 177 32.99 0.40 -22.67
C GLU B 177 33.23 0.30 -21.16
N GLU B 178 32.84 1.30 -20.39
CA GLU B 178 33.08 1.29 -18.96
C GLU B 178 32.22 2.36 -18.31
N MET B 179 31.86 2.14 -17.04
CA MET B 179 30.98 3.02 -16.30
C MET B 179 31.64 3.43 -14.99
N GLU B 180 31.63 4.72 -14.69
CA GLU B 180 32.15 5.25 -13.44
C GLU B 180 30.97 5.54 -12.51
N ILE B 181 30.93 4.84 -11.38
CA ILE B 181 29.82 4.94 -10.45
C ILE B 181 30.33 5.43 -9.10
N THR B 182 29.40 5.92 -8.29
CA THR B 182 29.67 6.32 -6.92
C THR B 182 28.88 5.40 -6.00
N THR B 183 29.58 4.55 -5.27
CA THR B 183 28.96 3.56 -4.39
C THR B 183 29.28 3.90 -2.94
N HIS B 184 28.79 3.07 -2.03
CA HIS B 184 28.97 3.26 -0.60
C HIS B 184 30.07 2.35 -0.08
N PHE B 185 30.87 2.88 0.85
CA PHE B 185 31.91 2.09 1.50
C PHE B 185 31.77 2.24 3.02
N GLN B 186 32.29 1.22 3.71
CA GLN B 186 32.07 1.02 5.14
C GLN B 186 33.38 1.17 5.89
N ARG B 187 33.32 1.83 7.04
CA ARG B 187 34.46 1.90 7.95
C ARG B 187 34.01 1.49 9.34
N LYS B 188 34.73 0.54 9.94
CA LYS B 188 34.35 -0.07 11.21
C LYS B 188 35.33 0.36 12.29
N ARG B 189 34.79 0.60 13.49
CA ARG B 189 35.60 1.01 14.64
C ARG B 189 35.08 0.31 15.88
N ARG B 190 35.99 -0.32 16.63
CA ARG B 190 35.60 -0.96 17.88
C ARG B 190 35.46 0.09 18.97
N VAL B 191 34.28 0.16 19.57
CA VAL B 191 33.99 1.19 20.58
C VAL B 191 33.24 0.54 21.74
N ARG B 192 33.56 0.96 22.96
CA ARG B 192 32.88 0.47 24.14
C ARG B 192 31.59 1.25 24.35
N ASP B 193 30.48 0.53 24.50
CA ASP B 193 29.21 1.17 24.77
C ASP B 193 29.16 1.65 26.22
N ASN B 194 28.69 2.89 26.41
CA ASN B 194 28.70 3.51 27.72
C ASN B 194 27.51 3.10 28.58
N MET B 195 26.49 2.47 28.01
CA MET B 195 25.33 2.02 28.79
C MET B 195 25.41 0.56 29.21
N THR B 196 26.15 -0.26 28.47
CA THR B 196 26.29 -1.68 28.78
C THR B 196 27.74 -2.13 28.91
N LYS B 197 28.71 -1.26 28.63
CA LYS B 197 30.12 -1.57 28.83
C LYS B 197 30.53 -2.82 28.02
N LYS B 198 30.16 -2.82 26.74
CA LYS B 198 30.49 -3.90 25.84
C LYS B 198 31.07 -3.32 24.55
N MET B 199 31.97 -4.08 23.94
CA MET B 199 32.58 -3.67 22.68
C MET B 199 31.62 -3.92 21.53
N VAL B 200 31.45 -2.91 20.68
CA VAL B 200 30.58 -2.98 19.51
C VAL B 200 31.34 -2.42 18.32
N THR B 201 30.86 -2.78 17.13
CA THR B 201 31.49 -2.35 15.87
C THR B 201 30.69 -1.17 15.33
N GLN B 202 31.06 0.04 15.75
CA GLN B 202 30.46 1.23 15.18
C GLN B 202 30.79 1.31 13.69
N ARG B 203 29.79 1.68 12.90
CA ARG B 203 29.88 1.67 11.45
C ARG B 203 29.68 3.08 10.91
N THR B 204 30.50 3.46 9.93
CA THR B 204 30.34 4.72 9.23
C THR B 204 30.29 4.45 7.74
N ILE B 205 29.29 5.03 7.07
CA ILE B 205 29.05 4.84 5.65
C ILE B 205 29.45 6.12 4.93
N GLY B 206 30.20 5.97 3.84
CA GLY B 206 30.59 7.11 3.03
C GLY B 206 30.52 6.77 1.56
N LYS B 207 30.87 7.76 0.73
CA LYS B 207 30.85 7.61 -0.72
C LYS B 207 32.26 7.46 -1.26
N LYS B 208 32.38 6.71 -2.35
CA LYS B 208 33.66 6.48 -3.02
C LYS B 208 33.40 6.46 -4.52
N LYS B 209 34.43 6.08 -5.28
CA LYS B 209 34.35 5.96 -6.73
C LYS B 209 34.74 4.54 -7.13
N GLN B 210 33.93 3.95 -8.02
CA GLN B 210 34.18 2.61 -8.51
C GLN B 210 34.02 2.59 -10.03
N ARG B 211 34.63 1.59 -10.66
CA ARG B 211 34.62 1.46 -12.11
C ARG B 211 34.11 0.08 -12.46
N LEU B 212 33.13 0.02 -13.36
CA LEU B 212 32.52 -1.23 -13.80
C LEU B 212 32.79 -1.43 -15.29
N ASN B 213 33.36 -2.58 -15.64
CA ASN B 213 33.57 -2.90 -17.04
C ASN B 213 32.22 -3.14 -17.72
N LYS B 214 32.27 -3.41 -19.02
CA LYS B 214 31.04 -3.57 -19.80
C LYS B 214 30.21 -4.74 -19.27
N ARG B 215 30.84 -5.89 -19.07
CA ARG B 215 30.09 -7.08 -18.66
C ARG B 215 29.48 -6.90 -17.28
N SER B 216 30.23 -6.32 -16.34
CA SER B 216 29.71 -6.13 -14.99
C SER B 216 28.51 -5.21 -14.99
N TYR B 217 28.60 -4.10 -15.72
CA TYR B 217 27.47 -3.18 -15.82
C TYR B 217 26.28 -3.86 -16.48
N LEU B 218 26.53 -4.64 -17.53
N LEU B 218 26.53 -4.64 -17.53
CA LEU B 218 25.43 -5.33 -18.20
CA LEU B 218 25.43 -5.33 -18.20
C LEU B 218 24.73 -6.30 -17.26
C LEU B 218 24.73 -6.31 -17.27
N ILE B 219 25.51 -7.06 -16.48
CA ILE B 219 24.90 -7.99 -15.53
C ILE B 219 24.10 -7.23 -14.49
N ARG B 220 24.63 -6.11 -14.00
CA ARG B 220 23.91 -5.32 -13.00
C ARG B 220 22.64 -4.72 -13.57
N ALA B 221 22.62 -4.39 -14.86
CA ALA B 221 21.46 -3.74 -15.45
C ALA B 221 20.32 -4.71 -15.66
N LEU B 222 20.62 -5.97 -15.93
CA LEU B 222 19.60 -7.00 -16.14
C LEU B 222 19.22 -7.72 -14.87
N THR B 223 19.77 -7.33 -13.72
CA THR B 223 19.53 -8.03 -12.47
C THR B 223 18.18 -7.66 -11.88
N LEU B 224 17.55 -8.65 -11.25
CA LEU B 224 16.37 -8.44 -10.42
C LEU B 224 16.68 -8.92 -9.01
N ASN B 225 16.48 -8.04 -8.04
CA ASN B 225 16.70 -8.44 -6.65
C ASN B 225 15.54 -9.31 -6.18
N THR B 226 15.85 -10.28 -5.32
CA THR B 226 14.86 -11.24 -4.86
C THR B 226 14.75 -11.20 -3.35
N MET B 227 13.53 -11.31 -2.85
CA MET B 227 13.28 -11.42 -1.41
C MET B 227 12.08 -12.33 -1.20
N THR B 228 11.60 -12.39 0.03
CA THR B 228 10.49 -13.27 0.40
C THR B 228 9.23 -12.45 0.64
N LYS B 229 8.10 -12.97 0.16
CA LYS B 229 6.81 -12.33 0.38
C LYS B 229 6.37 -12.58 1.82
N ASP B 230 6.08 -11.49 2.53
CA ASP B 230 5.70 -11.55 3.94
C ASP B 230 4.24 -11.17 4.11
N ALA B 231 3.64 -11.68 5.19
CA ALA B 231 2.25 -11.37 5.53
C ALA B 231 1.31 -11.77 4.40
N GLU B 232 1.48 -12.97 3.89
CA GLU B 232 0.62 -13.54 2.87
C GLU B 232 -0.20 -14.65 3.48
N ARG B 233 -1.52 -14.58 3.31
CA ARG B 233 -2.43 -15.54 3.90
C ARG B 233 -2.68 -16.71 2.96
N GLY B 234 -3.08 -17.83 3.54
CA GLY B 234 -3.53 -18.99 2.78
C GLY B 234 -2.43 -19.91 2.28
N LYS B 235 -1.18 -19.68 2.65
CA LYS B 235 -0.08 -20.50 2.20
C LYS B 235 0.71 -21.03 3.39
N LEU B 236 1.04 -22.32 3.36
CA LEU B 236 1.88 -22.89 4.40
C LEU B 236 3.35 -22.53 4.19
N LYS B 237 3.79 -22.44 2.93
CA LYS B 237 5.18 -22.19 2.60
C LYS B 237 5.34 -20.85 1.92
N ARG B 238 6.48 -20.21 2.17
CA ARG B 238 6.77 -18.90 1.62
C ARG B 238 7.24 -19.03 0.18
N ARG B 239 7.20 -17.90 -0.54
CA ARG B 239 7.65 -17.85 -1.93
C ARG B 239 8.38 -16.54 -2.16
N ALA B 240 9.12 -16.50 -3.27
CA ALA B 240 10.02 -15.39 -3.57
C ALA B 240 9.35 -14.38 -4.50
N ILE B 241 9.75 -13.12 -4.34
CA ILE B 241 9.29 -12.02 -5.17
C ILE B 241 10.51 -11.25 -5.66
N ALA B 242 10.34 -10.50 -6.75
CA ALA B 242 11.44 -9.85 -7.43
C ALA B 242 11.15 -8.36 -7.60
N THR B 243 12.22 -7.58 -7.60
CA THR B 243 12.19 -6.15 -7.86
C THR B 243 13.18 -5.85 -8.99
N PRO B 244 12.74 -5.25 -10.09
CA PRO B 244 13.68 -4.93 -11.17
C PRO B 244 14.45 -3.65 -10.89
N GLY B 245 15.53 -3.48 -11.65
CA GLY B 245 16.34 -2.29 -11.54
C GLY B 245 15.72 -1.11 -12.28
N MET B 246 16.41 0.03 -12.21
CA MET B 246 15.90 1.23 -12.83
C MET B 246 15.93 1.16 -14.35
N GLN B 247 16.80 0.34 -14.93
CA GLN B 247 16.91 0.24 -16.38
C GLN B 247 15.76 -0.52 -17.01
N ILE B 248 15.04 -1.33 -16.24
CA ILE B 248 13.98 -2.17 -16.80
C ILE B 248 12.58 -1.59 -16.54
N ARG B 249 12.44 -0.63 -15.62
CA ARG B 249 11.11 -0.24 -15.18
C ARG B 249 10.36 0.58 -16.22
N GLY B 250 11.06 1.41 -17.00
CA GLY B 250 10.37 2.24 -17.99
C GLY B 250 9.78 1.41 -19.13
N PHE B 251 10.57 0.49 -19.67
CA PHE B 251 10.08 -0.37 -20.74
C PHE B 251 8.92 -1.22 -20.26
N VAL B 252 9.06 -1.78 -19.05
CA VAL B 252 7.97 -2.57 -18.48
C VAL B 252 6.73 -1.70 -18.29
N TYR B 253 6.92 -0.45 -17.88
CA TYR B 253 5.79 0.44 -17.70
C TYR B 253 5.05 0.67 -19.02
N PHE B 254 5.80 0.91 -20.09
CA PHE B 254 5.15 1.13 -21.38
C PHE B 254 4.43 -0.12 -21.86
N VAL B 255 5.05 -1.28 -21.69
CA VAL B 255 4.40 -2.53 -22.09
C VAL B 255 3.12 -2.74 -21.30
N GLU B 256 3.16 -2.47 -20.00
CA GLU B 256 1.98 -2.63 -19.17
C GLU B 256 0.90 -1.64 -19.56
N ALA B 257 1.27 -0.43 -19.96
CA ALA B 257 0.28 0.54 -20.44
C ALA B 257 -0.40 0.02 -21.69
N LEU B 258 0.37 -0.52 -22.64
CA LEU B 258 -0.23 -1.10 -23.84
C LEU B 258 -1.17 -2.25 -23.48
N ALA B 259 -0.73 -3.12 -22.58
CA ALA B 259 -1.55 -4.27 -22.20
C ALA B 259 -2.83 -3.83 -21.50
N ARG B 260 -2.73 -2.80 -20.66
CA ARG B 260 -3.93 -2.26 -20.01
C ARG B 260 -4.90 -1.68 -21.01
N SER B 261 -4.39 -0.95 -22.01
CA SER B 261 -5.27 -0.43 -23.05
C SER B 261 -5.96 -1.57 -23.79
N ILE B 262 -5.22 -2.64 -24.08
CA ILE B 262 -5.84 -3.79 -24.73
C ILE B 262 -6.89 -4.43 -23.84
N CYS B 263 -6.58 -4.59 -22.55
CA CYS B 263 -7.49 -5.29 -21.64
C CYS B 263 -8.76 -4.51 -21.41
N GLU B 264 -8.70 -3.17 -21.42
CA GLU B 264 -9.90 -2.37 -21.21
C GLU B 264 -10.98 -2.74 -22.21
N LYS B 265 -10.60 -2.99 -23.47
CA LYS B 265 -11.55 -3.34 -24.52
C LYS B 265 -11.71 -4.85 -24.64
N LEU B 266 -11.99 -5.54 -23.53
CA LEU B 266 -12.16 -6.99 -23.55
C LEU B 266 -13.14 -7.36 -22.45
N GLU B 267 -14.33 -7.84 -22.85
CA GLU B 267 -15.36 -8.19 -21.88
C GLU B 267 -15.00 -9.42 -21.07
N GLN B 268 -14.05 -10.23 -21.52
CA GLN B 268 -13.63 -11.43 -20.81
C GLN B 268 -12.45 -11.19 -19.88
N SER B 269 -11.97 -9.96 -19.80
CA SER B 269 -10.79 -9.63 -19.00
C SER B 269 -11.22 -9.11 -17.64
N GLY B 270 -10.64 -9.67 -16.58
CA GLY B 270 -10.89 -9.22 -15.23
C GLY B 270 -10.07 -8.05 -14.78
N LEU B 271 -9.26 -7.48 -15.66
CA LEU B 271 -8.43 -6.32 -15.38
C LEU B 271 -8.69 -5.25 -16.42
N PRO B 272 -8.46 -3.97 -16.08
CA PRO B 272 -8.00 -3.47 -14.79
C PRO B 272 -9.12 -3.28 -13.77
N VAL B 273 -10.34 -3.67 -14.14
CA VAL B 273 -11.46 -3.49 -13.24
C VAL B 273 -11.24 -4.30 -11.96
N GLY B 274 -11.90 -3.87 -10.89
CA GLY B 274 -11.79 -4.55 -9.61
C GLY B 274 -12.88 -4.11 -8.67
N GLY B 275 -13.03 -4.86 -7.58
CA GLY B 275 -14.05 -4.54 -6.61
C GLY B 275 -15.44 -4.75 -7.17
N ASN B 276 -16.30 -3.74 -6.99
CA ASN B 276 -17.68 -3.85 -7.45
C ASN B 276 -17.75 -3.96 -8.97
N GLU B 277 -16.86 -3.27 -9.67
CA GLU B 277 -16.81 -3.38 -11.13
C GLU B 277 -16.61 -4.82 -11.56
N LYS B 278 -15.62 -5.50 -10.95
CA LYS B 278 -15.33 -6.88 -11.33
C LYS B 278 -16.50 -7.80 -10.98
N LYS B 279 -17.15 -7.57 -9.83
CA LYS B 279 -18.29 -8.39 -9.46
C LYS B 279 -19.43 -8.22 -10.45
N ALA B 280 -19.71 -6.98 -10.86
CA ALA B 280 -20.75 -6.74 -11.84
C ALA B 280 -20.40 -7.42 -13.16
N LYS B 281 -19.14 -7.32 -13.59
CA LYS B 281 -18.72 -7.95 -14.83
C LYS B 281 -18.91 -9.45 -14.77
N LEU B 282 -18.50 -10.07 -13.66
CA LEU B 282 -18.64 -11.52 -13.51
C LEU B 282 -20.11 -11.94 -13.52
N ALA B 283 -20.94 -11.21 -12.78
CA ALA B 283 -22.36 -11.55 -12.75
C ALA B 283 -22.98 -11.41 -14.13
N ASN B 284 -22.63 -10.35 -14.86
CA ASN B 284 -23.15 -10.17 -16.20
C ASN B 284 -22.74 -11.30 -17.12
N VAL B 285 -21.47 -11.70 -17.06
CA VAL B 285 -21.00 -12.79 -17.92
C VAL B 285 -21.75 -14.07 -17.58
N VAL B 286 -21.89 -14.38 -16.28
CA VAL B 286 -22.54 -15.61 -15.87
C VAL B 286 -23.99 -15.62 -16.32
N ARG B 287 -24.70 -14.51 -16.10
CA ARG B 287 -26.11 -14.45 -16.48
C ARG B 287 -26.27 -14.56 -17.99
N LYS B 288 -25.40 -13.89 -18.75
CA LYS B 288 -25.49 -13.96 -20.21
C LYS B 288 -25.24 -15.38 -20.70
N MET B 289 -24.23 -16.05 -20.13
CA MET B 289 -23.95 -17.42 -20.55
C MET B 289 -25.09 -18.36 -20.18
N MET B 290 -25.67 -18.18 -18.99
CA MET B 290 -26.76 -19.05 -18.57
C MET B 290 -28.01 -18.82 -19.41
N THR B 291 -28.30 -17.56 -19.76
CA THR B 291 -29.48 -17.27 -20.56
C THR B 291 -29.31 -17.77 -21.99
N ASN B 292 -28.16 -17.49 -22.60
CA ASN B 292 -27.92 -17.95 -23.96
C ASN B 292 -28.00 -19.47 -24.06
N SER B 293 -27.67 -20.16 -22.98
CA SER B 293 -27.80 -21.62 -22.97
C SER B 293 -29.24 -22.02 -23.22
N GLN B 294 -29.44 -22.95 -24.15
CA GLN B 294 -30.78 -23.42 -24.46
C GLN B 294 -31.31 -24.27 -23.29
N ASP B 295 -32.63 -24.47 -23.30
CA ASP B 295 -33.24 -25.26 -22.24
C ASP B 295 -32.68 -26.67 -22.21
N THR B 296 -32.42 -27.25 -23.39
CA THR B 296 -31.81 -28.57 -23.45
C THR B 296 -30.32 -28.54 -23.17
N GLU B 297 -29.65 -27.43 -23.48
CA GLU B 297 -28.21 -27.37 -23.36
C GLU B 297 -27.77 -27.51 -21.91
N LEU B 298 -26.63 -28.16 -21.71
CA LEU B 298 -26.03 -28.36 -20.40
C LEU B 298 -24.90 -27.37 -20.21
N SER B 299 -24.95 -26.62 -19.12
CA SER B 299 -23.95 -25.60 -18.79
C SER B 299 -23.22 -26.00 -17.52
N PHE B 300 -21.88 -25.96 -17.57
CA PHE B 300 -21.05 -26.32 -16.43
C PHE B 300 -20.00 -25.25 -16.22
N THR B 301 -19.85 -24.80 -14.98
CA THR B 301 -18.85 -23.80 -14.62
C THR B 301 -17.69 -24.49 -13.90
N ILE B 302 -16.47 -24.13 -14.27
CA ILE B 302 -15.26 -24.63 -13.66
C ILE B 302 -14.50 -23.46 -13.07
N THR B 303 -14.19 -23.54 -11.79
CA THR B 303 -13.32 -22.60 -11.11
C THR B 303 -11.90 -23.15 -11.16
N GLY B 304 -10.96 -22.37 -11.68
CA GLY B 304 -9.63 -22.87 -11.91
C GLY B 304 -8.56 -21.86 -11.58
N ASP B 305 -7.45 -22.38 -11.08
CA ASP B 305 -6.20 -21.66 -10.92
C ASP B 305 -5.13 -22.35 -11.75
N ASN B 306 -4.06 -21.62 -12.04
CA ASN B 306 -2.98 -22.12 -12.88
C ASN B 306 -1.74 -22.33 -12.04
N THR B 307 -1.08 -23.47 -12.26
CA THR B 307 0.07 -23.87 -11.45
C THR B 307 1.34 -23.22 -12.00
N LYS B 308 2.08 -22.56 -11.12
CA LYS B 308 3.32 -21.89 -11.48
C LYS B 308 3.11 -20.98 -12.69
N TRP B 309 2.15 -20.06 -12.53
CA TRP B 309 1.77 -19.20 -13.65
C TRP B 309 2.94 -18.39 -14.16
N ASN B 310 3.69 -17.77 -13.24
CA ASN B 310 4.78 -16.89 -13.66
C ASN B 310 5.98 -17.67 -14.16
N GLU B 311 6.15 -18.92 -13.71
CA GLU B 311 7.31 -19.71 -14.09
C GLU B 311 7.17 -20.35 -15.47
N ASN B 312 5.96 -20.36 -16.04
CA ASN B 312 5.73 -20.96 -17.34
C ASN B 312 5.46 -19.94 -18.44
N GLN B 313 5.54 -18.64 -18.12
CA GLN B 313 5.34 -17.59 -19.10
C GLN B 313 6.70 -17.13 -19.61
N ASN B 314 6.93 -17.29 -20.91
CA ASN B 314 8.24 -16.99 -21.45
C ASN B 314 8.29 -15.57 -22.01
N PRO B 315 9.34 -14.80 -21.74
CA PRO B 315 9.43 -13.47 -22.35
C PRO B 315 9.45 -13.50 -23.87
N ARG B 316 9.93 -14.59 -24.47
CA ARG B 316 9.94 -14.68 -25.93
C ARG B 316 8.52 -14.67 -26.49
N MET B 317 7.60 -15.35 -25.81
CA MET B 317 6.20 -15.32 -26.25
C MET B 317 5.62 -13.92 -26.10
N PHE B 318 6.01 -13.20 -25.05
CA PHE B 318 5.58 -11.81 -24.92
C PHE B 318 6.12 -10.96 -26.06
N LEU B 319 7.37 -11.22 -26.45
CA LEU B 319 7.94 -10.50 -27.59
C LEU B 319 7.16 -10.78 -28.86
N ALA B 320 6.80 -12.05 -29.08
CA ALA B 320 6.02 -12.41 -30.27
C ALA B 320 4.66 -11.72 -30.25
N MET B 321 4.00 -11.71 -29.09
CA MET B 321 2.70 -11.07 -28.98
C MET B 321 2.81 -9.57 -29.23
N ILE B 322 3.84 -8.93 -28.68
CA ILE B 322 4.02 -7.50 -28.89
C ILE B 322 4.29 -7.22 -30.36
N THR B 323 5.11 -8.05 -31.00
CA THR B 323 5.39 -7.86 -32.42
C THR B 323 4.10 -7.97 -33.24
N TYR B 324 3.26 -8.96 -32.93
CA TYR B 324 2.00 -9.08 -33.66
C TYR B 324 1.10 -7.89 -33.41
N ILE B 325 1.04 -7.41 -32.17
CA ILE B 325 0.14 -6.32 -31.83
C ILE B 325 0.52 -5.05 -32.57
N THR B 326 1.82 -4.74 -32.62
CA THR B 326 2.32 -3.49 -33.16
C THR B 326 2.58 -3.57 -34.67
N ARG B 327 1.90 -4.46 -35.38
CA ARG B 327 2.05 -4.53 -36.82
C ARG B 327 1.53 -3.25 -37.47
N ASN B 328 2.20 -2.84 -38.55
CA ASN B 328 1.80 -1.64 -39.28
C ASN B 328 1.82 -0.42 -38.38
N GLN B 329 2.90 -0.26 -37.62
CA GLN B 329 3.10 0.85 -36.72
C GLN B 329 4.50 1.40 -36.92
N PRO B 330 4.76 2.64 -36.48
CA PRO B 330 6.10 3.22 -36.65
C PRO B 330 7.15 2.34 -36.00
N GLU B 331 8.32 2.28 -36.65
CA GLU B 331 9.38 1.39 -36.17
C GLU B 331 9.82 1.75 -34.75
N TRP B 332 9.89 3.05 -34.46
CA TRP B 332 10.34 3.46 -33.12
C TRP B 332 9.39 2.96 -32.04
N PHE B 333 8.08 3.02 -32.31
CA PHE B 333 7.11 2.51 -31.35
C PHE B 333 7.30 1.01 -31.14
N ARG B 334 7.47 0.25 -32.22
CA ARG B 334 7.68 -1.18 -32.10
C ARG B 334 8.93 -1.48 -31.28
N ASN B 335 10.01 -0.74 -31.53
CA ASN B 335 11.26 -0.96 -30.80
C ASN B 335 11.06 -0.69 -29.32
N VAL B 336 10.48 0.46 -28.98
CA VAL B 336 10.35 0.84 -27.58
C VAL B 336 9.43 -0.14 -26.85
N LEU B 337 8.40 -0.64 -27.53
CA LEU B 337 7.50 -1.59 -26.90
C LEU B 337 8.12 -2.98 -26.79
N SER B 338 8.99 -3.35 -27.71
CA SER B 338 9.58 -4.69 -27.73
C SER B 338 10.86 -4.79 -26.91
N ILE B 339 11.40 -3.67 -26.43
CA ILE B 339 12.63 -3.74 -25.64
C ILE B 339 12.42 -4.56 -24.37
N ALA B 340 11.32 -4.34 -23.66
CA ALA B 340 11.14 -4.97 -22.36
C ALA B 340 11.20 -6.49 -22.42
N PRO B 341 10.49 -7.16 -23.33
CA PRO B 341 10.68 -8.63 -23.44
C PRO B 341 12.11 -9.02 -23.72
N ILE B 342 12.85 -8.23 -24.51
CA ILE B 342 14.24 -8.53 -24.78
C ILE B 342 15.06 -8.49 -23.49
N MET B 343 14.83 -7.46 -22.67
CA MET B 343 15.54 -7.37 -21.40
C MET B 343 15.17 -8.53 -20.49
N PHE B 344 13.90 -8.91 -20.45
CA PHE B 344 13.47 -9.98 -19.54
C PHE B 344 13.95 -11.35 -20.00
N SER B 345 14.16 -11.53 -21.31
CA SER B 345 14.65 -12.81 -21.80
C SER B 345 16.10 -13.06 -21.42
N ASN B 346 16.82 -12.03 -20.99
CA ASN B 346 18.21 -12.16 -20.56
C ASN B 346 18.39 -11.76 -19.11
N LYS B 347 17.32 -11.81 -18.32
CA LYS B 347 17.38 -11.31 -16.95
C LYS B 347 18.19 -12.26 -16.06
N MET B 348 18.72 -11.69 -14.99
CA MET B 348 19.45 -12.44 -13.97
C MET B 348 18.78 -12.18 -12.63
N ALA B 349 18.68 -13.22 -11.82
CA ALA B 349 18.05 -13.13 -10.50
C ALA B 349 19.13 -13.10 -9.42
N ARG B 350 19.07 -12.08 -8.58
CA ARG B 350 20.00 -12.00 -7.45
C ARG B 350 19.53 -12.94 -6.35
N LEU B 351 20.47 -13.75 -5.83
CA LEU B 351 20.10 -14.78 -4.88
C LEU B 351 19.51 -14.18 -3.61
N GLY B 352 20.13 -13.13 -3.09
CA GLY B 352 19.61 -12.46 -1.91
C GLY B 352 20.64 -12.28 -0.82
N LYS B 353 20.18 -12.29 0.43
CA LYS B 353 21.08 -12.03 1.56
C LYS B 353 22.17 -13.07 1.64
N GLY B 354 21.84 -14.34 1.48
CA GLY B 354 22.80 -15.41 1.59
C GLY B 354 22.34 -16.50 2.54
N TYR B 355 23.21 -16.93 3.45
CA TYR B 355 22.85 -17.94 4.42
C TYR B 355 23.52 -17.59 5.75
N MET B 356 23.09 -18.30 6.81
CA MET B 356 23.65 -18.13 8.14
C MET B 356 24.35 -19.42 8.53
N PHE B 357 25.62 -19.31 8.91
CA PHE B 357 26.42 -20.46 9.34
C PHE B 357 26.73 -20.32 10.82
N GLU B 358 26.76 -21.45 11.52
CA GLU B 358 26.98 -21.47 12.96
C GLU B 358 28.12 -22.43 13.29
N SER B 359 29.13 -21.91 13.99
CA SER B 359 30.22 -22.72 14.53
C SER B 359 29.92 -22.92 16.02
N LYS B 360 29.33 -24.06 16.35
CA LYS B 360 28.95 -24.32 17.74
C LYS B 360 30.18 -24.48 18.62
N SER B 361 31.23 -25.13 18.11
CA SER B 361 32.41 -25.37 18.93
C SER B 361 33.01 -24.06 19.45
N MET B 362 33.13 -23.08 18.58
CA MET B 362 33.64 -21.77 18.95
C MET B 362 32.54 -20.81 19.37
N LYS B 363 31.27 -21.22 19.24
CA LYS B 363 30.12 -20.38 19.61
C LYS B 363 30.14 -19.07 18.82
N LEU B 364 30.00 -19.21 17.50
CA LEU B 364 30.01 -18.06 16.60
C LEU B 364 28.95 -18.25 15.53
N ARG B 365 28.46 -17.15 14.98
CA ARG B 365 27.54 -17.19 13.85
C ARG B 365 27.93 -16.10 12.85
N THR B 366 27.83 -16.45 11.57
CA THR B 366 28.23 -15.54 10.51
C THR B 366 27.22 -15.59 9.37
N GLN B 367 27.17 -14.52 8.59
CA GLN B 367 26.29 -14.39 7.44
C GLN B 367 27.14 -14.48 6.18
N VAL B 368 26.99 -15.59 5.45
CA VAL B 368 27.70 -15.79 4.20
C VAL B 368 26.89 -15.14 3.08
N PRO B 369 27.42 -14.15 2.37
CA PRO B 369 26.68 -13.54 1.26
C PRO B 369 26.54 -14.51 0.10
N ALA B 370 25.61 -14.15 -0.80
CA ALA B 370 25.36 -14.99 -1.98
C ALA B 370 26.61 -15.10 -2.85
N GLU B 371 27.36 -14.00 -2.99
CA GLU B 371 28.51 -14.00 -3.88
C GLU B 371 29.51 -15.08 -3.51
N MET B 372 29.53 -15.49 -2.23
CA MET B 372 30.49 -16.49 -1.78
C MET B 372 29.98 -17.92 -1.96
N LEU B 373 28.68 -18.11 -2.13
CA LEU B 373 28.13 -19.47 -2.18
C LEU B 373 28.70 -20.27 -3.34
N ALA B 374 29.22 -19.61 -4.37
CA ALA B 374 29.79 -20.33 -5.50
C ALA B 374 31.15 -20.94 -5.18
N ASN B 375 31.82 -20.46 -4.15
CA ASN B 375 33.18 -20.89 -3.81
C ASN B 375 33.25 -21.32 -2.34
N ILE B 376 32.30 -22.16 -1.93
CA ILE B 376 32.25 -22.69 -0.58
C ILE B 376 32.11 -24.20 -0.66
N ASP B 377 32.82 -24.91 0.21
CA ASP B 377 32.73 -26.37 0.22
C ASP B 377 31.31 -26.81 0.53
N LEU B 378 30.87 -27.88 -0.13
CA LEU B 378 29.50 -28.33 -0.01
C LEU B 378 29.22 -29.08 1.29
N LYS B 379 30.26 -29.37 2.09
CA LYS B 379 30.03 -30.10 3.33
C LYS B 379 29.32 -29.25 4.38
N TYR B 380 29.42 -27.91 4.27
CA TYR B 380 28.80 -27.06 5.28
C TYR B 380 27.28 -27.04 5.14
N PHE B 381 26.77 -27.07 3.92
CA PHE B 381 25.34 -26.95 3.70
C PHE B 381 24.62 -28.22 4.12
N ASN B 382 23.33 -28.08 4.43
CA ASN B 382 22.48 -29.23 4.68
C ASN B 382 22.01 -29.83 3.35
N LYS B 383 21.34 -30.98 3.44
CA LYS B 383 21.05 -31.77 2.25
C LYS B 383 20.26 -30.96 1.22
N SER B 384 19.21 -30.27 1.65
CA SER B 384 18.38 -29.53 0.71
C SER B 384 19.17 -28.40 0.06
N THR B 385 19.89 -27.62 0.85
CA THR B 385 20.68 -26.53 0.31
C THR B 385 21.82 -27.05 -0.55
N ARG B 386 22.41 -28.18 -0.15
CA ARG B 386 23.47 -28.78 -0.98
C ARG B 386 22.93 -29.14 -2.35
N GLU B 387 21.76 -29.79 -2.39
CA GLU B 387 21.17 -30.14 -3.68
C GLU B 387 20.84 -28.92 -4.50
N LYS B 388 20.27 -27.89 -3.86
CA LYS B 388 19.94 -26.66 -4.59
C LYS B 388 21.20 -26.05 -5.21
N ILE B 389 22.26 -25.92 -4.42
CA ILE B 389 23.49 -25.29 -4.92
C ILE B 389 24.09 -26.14 -6.03
N GLU B 390 24.08 -27.46 -5.88
CA GLU B 390 24.64 -28.32 -6.91
C GLU B 390 23.86 -28.16 -8.21
N LYS B 391 22.53 -28.04 -8.12
CA LYS B 391 21.73 -27.93 -9.33
C LYS B 391 21.84 -26.54 -9.96
N ILE B 392 22.12 -25.51 -9.17
CA ILE B 392 22.15 -24.15 -9.68
C ILE B 392 23.55 -23.65 -10.01
N ARG B 393 24.59 -24.41 -9.66
CA ARG B 393 25.96 -23.93 -9.89
C ARG B 393 26.24 -23.48 -11.31
N PRO B 394 25.83 -24.20 -12.36
CA PRO B 394 26.19 -23.76 -13.71
C PRO B 394 25.67 -22.39 -14.09
N LEU B 395 24.60 -21.91 -13.44
CA LEU B 395 23.98 -20.64 -13.78
C LEU B 395 24.50 -19.47 -12.95
N LEU B 396 25.43 -19.70 -12.03
CA LEU B 396 25.84 -18.68 -11.08
C LEU B 396 26.99 -17.86 -11.67
N ILE B 397 26.81 -16.55 -11.73
CA ILE B 397 27.86 -15.61 -12.10
C ILE B 397 27.67 -14.34 -11.30
N ASP B 398 28.75 -13.87 -10.66
CA ASP B 398 28.74 -12.60 -9.92
C ASP B 398 27.62 -12.58 -8.88
N GLY B 399 27.40 -13.72 -8.23
CA GLY B 399 26.36 -13.82 -7.22
C GLY B 399 24.96 -13.73 -7.76
N THR B 400 24.76 -14.00 -9.05
CA THR B 400 23.46 -13.97 -9.69
C THR B 400 23.26 -15.25 -10.48
N ALA B 401 22.00 -15.67 -10.61
CA ALA B 401 21.64 -16.87 -11.36
C ALA B 401 20.98 -16.45 -12.67
N SER B 402 21.42 -17.06 -13.76
CA SER B 402 20.81 -16.80 -15.06
C SER B 402 19.44 -17.47 -15.12
N LEU B 403 18.43 -16.69 -15.53
CA LEU B 403 17.05 -17.19 -15.59
C LEU B 403 16.39 -16.63 -16.85
N SER B 404 16.49 -17.38 -17.94
CA SER B 404 15.88 -16.96 -19.20
C SER B 404 14.38 -17.19 -19.17
N PRO B 405 13.90 -18.37 -18.82
CA PRO B 405 12.45 -18.61 -18.79
C PRO B 405 11.79 -17.96 -17.59
N GLY B 406 10.48 -17.77 -17.70
CA GLY B 406 9.68 -17.24 -16.63
C GLY B 406 9.65 -15.72 -16.61
N MET B 407 8.58 -15.18 -16.03
CA MET B 407 8.35 -13.74 -15.98
C MET B 407 8.56 -13.16 -14.59
N MET B 408 9.00 -13.96 -13.63
CA MET B 408 9.44 -13.47 -12.32
C MET B 408 8.33 -12.74 -11.56
N MET B 409 7.31 -13.53 -11.21
CA MET B 409 6.35 -13.17 -10.17
C MET B 409 5.64 -11.85 -10.47
N GLY B 410 4.84 -11.88 -11.54
CA GLY B 410 3.89 -10.81 -11.78
C GLY B 410 4.46 -9.55 -12.40
N MET B 411 5.52 -9.67 -13.21
CA MET B 411 6.07 -8.51 -13.89
C MET B 411 5.27 -8.14 -15.13
N PHE B 412 4.45 -9.04 -15.66
CA PHE B 412 3.67 -8.82 -16.87
C PHE B 412 2.24 -9.29 -16.67
N ASN B 413 1.62 -8.87 -15.56
CA ASN B 413 0.28 -9.32 -15.23
C ASN B 413 -0.69 -9.08 -16.39
N MET B 414 -0.65 -7.88 -16.96
CA MET B 414 -1.61 -7.52 -18.00
C MET B 414 -1.40 -8.34 -19.26
N LEU B 415 -0.16 -8.55 -19.67
CA LEU B 415 0.11 -9.33 -20.88
C LEU B 415 -0.30 -10.78 -20.70
N SER B 416 -0.03 -11.35 -19.53
CA SER B 416 -0.47 -12.71 -19.24
C SER B 416 -1.99 -12.80 -19.25
N THR B 417 -2.67 -11.79 -18.70
CA THR B 417 -4.12 -11.76 -18.74
C THR B 417 -4.61 -11.68 -20.18
N VAL B 418 -3.92 -10.93 -21.03
CA VAL B 418 -4.29 -10.82 -22.43
C VAL B 418 -4.18 -12.19 -23.10
N LEU B 419 -3.11 -12.92 -22.83
CA LEU B 419 -2.95 -14.26 -23.39
C LEU B 419 -4.08 -15.18 -22.93
N GLY B 420 -4.39 -15.15 -21.64
CA GLY B 420 -5.48 -15.97 -21.13
C GLY B 420 -6.82 -15.61 -21.76
N VAL B 421 -7.07 -14.32 -21.93
CA VAL B 421 -8.32 -13.88 -22.55
C VAL B 421 -8.38 -14.30 -24.01
N SER B 422 -7.25 -14.32 -24.71
CA SER B 422 -7.22 -14.83 -26.07
C SER B 422 -7.60 -16.30 -26.10
N ILE B 423 -7.04 -17.08 -25.17
CA ILE B 423 -7.40 -18.50 -25.12
C ILE B 423 -8.88 -18.66 -24.84
N LEU B 424 -9.43 -17.83 -23.94
CA LEU B 424 -10.86 -17.88 -23.67
C LEU B 424 -11.67 -17.54 -24.92
N ASN B 425 -11.25 -16.50 -25.64
CA ASN B 425 -11.97 -16.10 -26.86
C ASN B 425 -11.91 -17.18 -27.92
N LEU B 426 -10.91 -18.05 -27.86
CA LEU B 426 -10.81 -19.16 -28.80
C LEU B 426 -11.95 -20.17 -28.62
N GLY B 427 -12.85 -19.93 -27.68
CA GLY B 427 -13.92 -20.85 -27.36
C GLY B 427 -15.25 -20.61 -28.04
N GLN B 428 -15.34 -19.66 -28.96
CA GLN B 428 -16.62 -19.39 -29.61
C GLN B 428 -16.98 -20.54 -30.54
N LYS B 429 -18.28 -20.62 -30.88
CA LYS B 429 -18.74 -21.68 -31.76
C LYS B 429 -18.01 -21.65 -33.10
N LYS B 430 -17.65 -20.46 -33.59
CA LYS B 430 -16.98 -20.35 -34.87
C LYS B 430 -15.56 -20.89 -34.85
N TYR B 431 -15.00 -21.18 -33.67
CA TYR B 431 -13.65 -21.72 -33.56
C TYR B 431 -13.60 -23.16 -33.10
N THR B 432 -14.54 -23.59 -32.27
CA THR B 432 -14.54 -24.98 -31.81
C THR B 432 -15.04 -25.94 -32.89
N LYS B 433 -15.92 -25.48 -33.78
CA LYS B 433 -16.48 -26.33 -34.83
C LYS B 433 -17.18 -27.55 -34.25
N THR B 434 -17.88 -27.36 -33.13
CA THR B 434 -18.57 -28.45 -32.47
C THR B 434 -19.76 -27.88 -31.72
N THR B 435 -20.67 -28.76 -31.31
CA THR B 435 -21.85 -28.35 -30.57
C THR B 435 -21.50 -27.73 -29.23
N TYR B 436 -20.31 -28.02 -28.70
CA TYR B 436 -19.88 -27.44 -27.43
C TYR B 436 -19.13 -26.13 -27.67
N TRP B 437 -19.17 -25.25 -26.67
CA TRP B 437 -18.45 -24.00 -26.71
C TRP B 437 -18.21 -23.55 -25.28
N TRP B 438 -17.34 -22.56 -25.12
CA TRP B 438 -17.01 -22.09 -23.77
C TRP B 438 -16.79 -20.59 -23.79
N ASP B 439 -16.95 -20.00 -22.61
CA ASP B 439 -16.74 -18.58 -22.38
C ASP B 439 -16.29 -18.42 -20.93
N GLY B 440 -16.29 -17.18 -20.45
CA GLY B 440 -15.98 -16.97 -19.04
C GLY B 440 -15.17 -15.72 -18.78
N LEU B 441 -14.37 -15.75 -17.72
CA LEU B 441 -13.57 -14.59 -17.35
C LEU B 441 -12.24 -15.06 -16.78
N GLN B 442 -11.21 -14.24 -16.98
CA GLN B 442 -9.87 -14.53 -16.52
C GLN B 442 -9.25 -13.28 -15.91
N SER B 443 -8.55 -13.46 -14.80
CA SER B 443 -7.79 -12.39 -14.15
C SER B 443 -6.42 -12.94 -13.79
N SER B 444 -5.37 -12.34 -14.35
CA SER B 444 -4.02 -12.83 -14.14
C SER B 444 -3.95 -14.32 -14.47
N ASP B 445 -4.04 -15.19 -13.47
CA ASP B 445 -4.04 -16.62 -13.68
C ASP B 445 -5.33 -17.31 -13.29
N ASP B 446 -6.12 -16.72 -12.38
CA ASP B 446 -7.38 -17.33 -11.98
C ASP B 446 -8.40 -17.18 -13.10
N PHE B 447 -9.28 -18.17 -13.22
CA PHE B 447 -10.28 -18.11 -14.27
C PHE B 447 -11.54 -18.86 -13.85
N ALA B 448 -12.66 -18.39 -14.37
CA ALA B 448 -13.94 -19.08 -14.31
C ALA B 448 -14.36 -19.36 -15.74
N LEU B 449 -14.47 -20.64 -16.09
CA LEU B 449 -14.75 -21.05 -17.46
C LEU B 449 -16.11 -21.74 -17.49
N ILE B 450 -17.02 -21.25 -18.32
CA ILE B 450 -18.37 -21.78 -18.45
C ILE B 450 -18.46 -22.48 -19.80
N VAL B 451 -18.72 -23.78 -19.77
CA VAL B 451 -18.78 -24.60 -20.98
C VAL B 451 -20.21 -25.08 -21.17
N ASN B 452 -20.74 -24.87 -22.37
CA ASN B 452 -22.08 -25.30 -22.74
C ASN B 452 -21.97 -26.36 -23.83
N ALA B 453 -22.66 -27.47 -23.63
CA ALA B 453 -22.67 -28.56 -24.60
C ALA B 453 -23.97 -29.33 -24.45
N PRO B 454 -24.44 -29.99 -25.52
CA PRO B 454 -25.72 -30.71 -25.42
C PRO B 454 -25.75 -31.78 -24.35
N ASN B 455 -24.65 -32.50 -24.13
CA ASN B 455 -24.63 -33.63 -23.22
C ASN B 455 -23.33 -33.62 -22.44
N HIS B 456 -23.21 -34.58 -21.51
CA HIS B 456 -22.04 -34.63 -20.63
C HIS B 456 -20.75 -34.89 -21.42
N GLU B 457 -20.81 -35.79 -22.40
CA GLU B 457 -19.63 -36.04 -23.20
C GLU B 457 -19.18 -34.78 -23.94
N GLY B 458 -20.12 -33.93 -24.34
CA GLY B 458 -19.74 -32.67 -24.93
C GLY B 458 -19.01 -31.77 -23.96
N ILE B 459 -19.48 -31.73 -22.71
CA ILE B 459 -18.79 -30.95 -21.69
C ILE B 459 -17.38 -31.47 -21.48
N GLN B 460 -17.23 -32.80 -21.41
CA GLN B 460 -15.90 -33.38 -21.24
C GLN B 460 -15.00 -33.03 -22.41
N ALA B 461 -15.52 -33.12 -23.63
CA ALA B 461 -14.72 -32.79 -24.81
C ALA B 461 -14.30 -31.32 -24.79
N GLY B 462 -15.23 -30.43 -24.43
CA GLY B 462 -14.89 -29.02 -24.37
C GLY B 462 -13.82 -28.74 -23.32
N VAL B 463 -13.95 -29.35 -22.15
CA VAL B 463 -12.95 -29.14 -21.10
C VAL B 463 -11.59 -29.66 -21.55
N ASP B 464 -11.57 -30.84 -22.17
CA ASP B 464 -10.30 -31.39 -22.65
C ASP B 464 -9.69 -30.49 -23.71
N ARG B 465 -10.51 -29.98 -24.63
CA ARG B 465 -10.01 -29.11 -25.68
C ARG B 465 -9.42 -27.84 -25.09
N PHE B 466 -10.11 -27.23 -24.13
CA PHE B 466 -9.59 -26.02 -23.50
C PHE B 466 -8.28 -26.30 -22.77
N TYR B 467 -8.23 -27.41 -22.03
CA TYR B 467 -7.01 -27.76 -21.31
C TYR B 467 -5.84 -27.97 -22.26
N ARG B 468 -6.08 -28.69 -23.36
CA ARG B 468 -5.01 -28.95 -24.31
C ARG B 468 -4.55 -27.67 -25.01
N THR B 469 -5.49 -26.80 -25.36
CA THR B 469 -5.10 -25.52 -25.96
C THR B 469 -4.27 -24.69 -24.99
N CYS B 470 -4.68 -24.65 -23.73
CA CYS B 470 -3.90 -23.90 -22.72
C CYS B 470 -2.49 -24.47 -22.61
N LYS B 471 -2.37 -25.80 -22.54
CA LYS B 471 -1.03 -26.39 -22.50
C LYS B 471 -0.25 -26.07 -23.76
N LEU B 472 -0.92 -25.97 -24.89
CA LEU B 472 -0.24 -25.63 -26.15
C LEU B 472 0.34 -24.22 -26.09
N VAL B 473 -0.42 -23.27 -25.57
CA VAL B 473 0.07 -21.89 -25.48
C VAL B 473 1.06 -21.71 -24.34
N GLY B 474 1.13 -22.66 -23.41
CA GLY B 474 2.05 -22.59 -22.29
C GLY B 474 1.40 -22.38 -20.94
N ILE B 475 0.10 -22.66 -20.81
CA ILE B 475 -0.63 -22.45 -19.57
C ILE B 475 -1.00 -23.81 -19.01
N ASN B 476 -0.61 -24.06 -17.77
CA ASN B 476 -0.83 -25.35 -17.11
C ASN B 476 -1.93 -25.18 -16.07
N MET B 477 -3.10 -25.76 -16.34
CA MET B 477 -4.19 -25.70 -15.38
C MET B 477 -3.86 -26.58 -14.17
N SER B 478 -4.16 -26.06 -12.99
CA SER B 478 -3.92 -26.77 -11.74
C SER B 478 -5.12 -27.68 -11.48
N LYS B 479 -4.90 -28.99 -11.63
CA LYS B 479 -6.00 -29.94 -11.45
C LYS B 479 -6.39 -30.08 -9.99
N LYS B 480 -5.42 -30.02 -9.08
CA LYS B 480 -5.71 -30.22 -7.67
C LYS B 480 -6.42 -29.03 -7.04
N LYS B 481 -6.32 -27.85 -7.63
CA LYS B 481 -6.95 -26.65 -7.08
C LYS B 481 -8.21 -26.23 -7.84
N SER B 482 -8.47 -26.80 -9.01
CA SER B 482 -9.63 -26.46 -9.80
C SER B 482 -10.71 -27.52 -9.63
N TYR B 483 -11.96 -27.10 -9.87
CA TYR B 483 -13.06 -28.05 -9.84
C TYR B 483 -14.17 -27.53 -10.75
N ILE B 484 -15.12 -28.41 -11.07
CA ILE B 484 -16.17 -28.14 -12.02
C ILE B 484 -17.50 -28.61 -11.44
N ASN B 485 -18.55 -27.84 -11.67
CA ASN B 485 -19.89 -28.22 -11.24
C ASN B 485 -20.89 -27.58 -12.18
N ARG B 486 -22.17 -27.79 -11.91
CA ARG B 486 -23.21 -27.16 -12.70
C ARG B 486 -23.21 -25.66 -12.45
N THR B 487 -23.51 -24.89 -13.50
CA THR B 487 -23.45 -23.44 -13.38
C THR B 487 -24.48 -22.94 -12.38
N GLY B 488 -24.11 -21.89 -11.65
CA GLY B 488 -24.97 -21.32 -10.63
C GLY B 488 -24.19 -20.93 -9.39
N THR B 489 -23.12 -21.68 -9.10
CA THR B 489 -22.25 -21.40 -7.97
C THR B 489 -20.82 -21.59 -8.40
N PHE B 490 -19.94 -20.71 -7.91
CA PHE B 490 -18.52 -20.80 -8.24
C PHE B 490 -17.75 -19.83 -7.35
N GLU B 491 -16.43 -19.82 -7.51
CA GLU B 491 -15.55 -18.93 -6.78
C GLU B 491 -14.53 -18.33 -7.74
N PHE B 492 -14.16 -17.07 -7.49
CA PHE B 492 -13.23 -16.37 -8.36
C PHE B 492 -12.59 -15.24 -7.55
N THR B 493 -11.29 -15.34 -7.29
CA THR B 493 -10.55 -14.30 -6.59
C THR B 493 -11.25 -13.98 -5.26
N SER B 494 -11.43 -15.03 -4.46
CA SER B 494 -12.07 -14.94 -3.15
C SER B 494 -13.47 -14.35 -3.20
N PHE B 495 -14.07 -14.23 -4.38
CA PHE B 495 -15.46 -13.83 -4.52
C PHE B 495 -16.29 -15.09 -4.74
N PHE B 496 -17.25 -15.33 -3.85
CA PHE B 496 -18.05 -16.54 -3.88
C PHE B 496 -19.43 -16.21 -4.44
N TYR B 497 -19.75 -16.75 -5.61
CA TYR B 497 -21.02 -16.53 -6.27
C TYR B 497 -21.90 -17.73 -6.02
N ARG B 498 -23.08 -17.50 -5.44
CA ARG B 498 -24.10 -18.54 -5.25
C ARG B 498 -25.43 -17.93 -5.66
N TYR B 499 -25.75 -18.01 -6.96
CA TYR B 499 -26.92 -17.33 -7.50
C TYR B 499 -26.89 -15.85 -7.11
N GLY B 500 -25.71 -15.27 -7.17
CA GLY B 500 -25.49 -13.91 -6.71
C GLY B 500 -24.34 -13.86 -5.72
N PHE B 501 -23.49 -12.85 -5.82
CA PHE B 501 -22.32 -12.77 -4.95
C PHE B 501 -22.73 -12.58 -3.50
N VAL B 502 -22.05 -13.28 -2.61
CA VAL B 502 -22.33 -13.23 -1.18
C VAL B 502 -21.24 -12.41 -0.50
N ALA B 503 -21.62 -11.77 0.60
CA ALA B 503 -20.67 -10.94 1.33
C ALA B 503 -19.63 -11.80 2.05
N ASN B 504 -18.40 -11.30 2.09
CA ASN B 504 -17.31 -11.94 2.80
C ASN B 504 -16.67 -10.87 3.69
N PHE B 505 -17.21 -10.71 4.89
CA PHE B 505 -16.78 -9.63 5.78
C PHE B 505 -15.43 -9.92 6.45
N SER B 506 -15.00 -11.17 6.49
CA SER B 506 -13.75 -11.49 7.18
C SER B 506 -12.57 -10.79 6.56
N MET B 507 -12.51 -10.74 5.22
CA MET B 507 -11.37 -10.15 4.54
C MET B 507 -11.18 -8.68 4.89
N GLU B 508 -12.22 -8.00 5.36
CA GLU B 508 -12.12 -6.59 5.72
C GLU B 508 -11.75 -6.38 7.18
N LEU B 509 -11.62 -7.45 7.97
CA LEU B 509 -11.35 -7.27 9.39
C LEU B 509 -10.08 -6.48 9.67
N PRO B 510 -8.96 -6.70 8.97
CA PRO B 510 -7.74 -5.95 9.30
C PRO B 510 -7.90 -4.44 9.19
N SER B 511 -8.79 -3.96 8.32
CA SER B 511 -8.97 -2.52 8.18
C SER B 511 -9.57 -1.89 9.43
N PHE B 512 -10.20 -2.68 10.31
CA PHE B 512 -10.80 -2.15 11.52
C PHE B 512 -9.72 -1.90 12.57
N GLY B 513 -9.77 -0.74 13.21
CA GLY B 513 -8.84 -0.41 14.26
C GLY B 513 -8.41 1.04 14.14
N VAL B 514 -7.30 1.37 14.82
CA VAL B 514 -6.75 2.71 14.82
C VAL B 514 -5.57 2.74 13.86
N SER B 515 -5.58 3.69 12.92
CA SER B 515 -4.55 3.77 11.90
C SER B 515 -3.28 4.44 12.39
N GLY B 516 -3.31 5.10 13.53
CA GLY B 516 -2.09 5.70 14.08
C GLY B 516 -1.52 6.81 13.22
N ILE B 517 -2.37 7.70 12.72
CA ILE B 517 -1.91 8.89 12.01
C ILE B 517 -1.96 10.06 12.98
N ASN B 518 -3.14 10.34 13.50
CA ASN B 518 -3.36 11.33 14.56
C ASN B 518 -4.79 11.14 15.05
N GLU B 519 -5.24 12.04 15.92
CA GLU B 519 -6.55 11.86 16.54
C GLU B 519 -7.68 12.02 15.51
N SER B 520 -7.76 13.20 14.89
CA SER B 520 -8.86 13.45 13.96
C SER B 520 -8.79 12.51 12.76
N ALA B 521 -7.59 12.29 12.23
CA ALA B 521 -7.46 11.41 11.07
C ALA B 521 -7.90 10.00 11.40
N ASP B 522 -7.49 9.49 12.57
CA ASP B 522 -7.89 8.13 12.96
C ASP B 522 -9.40 8.04 13.16
N MET B 523 -10.00 9.06 13.78
CA MET B 523 -11.45 9.03 13.97
C MET B 523 -12.16 9.00 12.62
N SER B 524 -11.74 9.85 11.69
CA SER B 524 -12.35 9.86 10.37
C SER B 524 -12.18 8.51 9.67
N VAL B 525 -10.97 7.94 9.74
CA VAL B 525 -10.71 6.68 9.06
C VAL B 525 -11.60 5.59 9.63
N GLY B 526 -11.69 5.49 10.95
CA GLY B 526 -12.49 4.44 11.56
C GLY B 526 -13.97 4.57 11.22
N VAL B 527 -14.51 5.78 11.35
CA VAL B 527 -15.94 5.97 11.07
C VAL B 527 -16.23 5.68 9.60
N THR B 528 -15.38 6.17 8.68
CA THR B 528 -15.61 5.92 7.27
C THR B 528 -15.44 4.45 6.93
N VAL B 529 -14.53 3.74 7.61
CA VAL B 529 -14.40 2.31 7.38
C VAL B 529 -15.68 1.59 7.77
N ILE B 530 -16.25 1.94 8.93
CA ILE B 530 -17.50 1.33 9.34
C ILE B 530 -18.58 1.62 8.31
N LYS B 531 -18.68 2.86 7.85
CA LYS B 531 -19.71 3.23 6.89
C LYS B 531 -19.54 2.45 5.58
N ASN B 532 -18.32 2.37 5.08
CA ASN B 532 -18.09 1.70 3.80
C ASN B 532 -18.35 0.20 3.91
N ASN B 533 -18.02 -0.40 5.06
CA ASN B 533 -18.34 -1.80 5.26
C ASN B 533 -19.83 -2.03 5.37
N MET B 534 -20.56 -1.08 5.96
CA MET B 534 -22.01 -1.16 5.95
C MET B 534 -22.55 -1.13 4.52
N ILE B 535 -22.00 -0.24 3.68
CA ILE B 535 -22.50 -0.08 2.32
C ILE B 535 -22.19 -1.32 1.49
N ASN B 536 -20.94 -1.79 1.54
CA ASN B 536 -20.45 -2.80 0.61
C ASN B 536 -20.56 -4.22 1.14
N ASN B 537 -19.92 -4.50 2.27
CA ASN B 537 -19.75 -5.87 2.76
C ASN B 537 -20.90 -6.35 3.62
N ASP B 538 -22.08 -5.74 3.51
CA ASP B 538 -23.27 -6.22 4.19
C ASP B 538 -23.07 -6.31 5.70
N LEU B 539 -22.39 -5.32 6.27
CA LEU B 539 -22.28 -5.23 7.71
C LEU B 539 -23.61 -4.73 8.29
N GLY B 540 -24.13 -5.43 9.29
CA GLY B 540 -25.44 -5.14 9.82
C GLY B 540 -25.47 -3.88 10.64
N PRO B 541 -26.69 -3.35 10.89
CA PRO B 541 -26.78 -2.13 11.72
C PRO B 541 -26.30 -2.34 13.14
N ALA B 542 -26.80 -3.38 13.83
CA ALA B 542 -26.37 -3.62 15.20
C ALA B 542 -24.89 -3.96 15.26
N THR B 543 -24.40 -4.77 14.31
CA THR B 543 -22.98 -5.06 14.25
C THR B 543 -22.19 -3.78 13.98
N ALA B 544 -22.73 -2.88 13.16
CA ALA B 544 -22.06 -1.62 12.92
C ALA B 544 -21.97 -0.80 14.20
N GLN B 545 -23.04 -0.77 14.99
CA GLN B 545 -23.01 -0.05 16.26
C GLN B 545 -21.98 -0.66 17.21
N MET B 546 -21.93 -1.99 17.28
CA MET B 546 -20.96 -2.63 18.14
C MET B 546 -19.53 -2.34 17.67
N ALA B 547 -19.31 -2.34 16.37
CA ALA B 547 -18.00 -1.99 15.83
C ALA B 547 -17.65 -0.55 16.17
N LEU B 548 -18.62 0.36 16.10
CA LEU B 548 -18.39 1.74 16.48
C LEU B 548 -17.98 1.83 17.95
N GLN B 549 -18.67 1.10 18.82
CA GLN B 549 -18.32 1.12 20.24
C GLN B 549 -16.91 0.58 20.47
N LEU B 550 -16.58 -0.54 19.82
CA LEU B 550 -15.25 -1.11 19.99
C LEU B 550 -14.17 -0.16 19.48
N PHE B 551 -14.41 0.46 18.33
CA PHE B 551 -13.43 1.40 17.80
C PHE B 551 -13.27 2.60 18.73
N ILE B 552 -14.37 3.10 19.29
CA ILE B 552 -14.27 4.23 20.20
C ILE B 552 -13.46 3.84 21.43
N LYS B 553 -13.69 2.64 21.96
CA LYS B 553 -12.93 2.18 23.13
C LYS B 553 -11.44 2.10 22.80
N ASP B 554 -11.12 1.46 21.67
CA ASP B 554 -9.72 1.30 21.28
C ASP B 554 -9.06 2.66 21.05
N TYR B 555 -9.76 3.58 20.39
CA TYR B 555 -9.24 4.91 20.13
C TYR B 555 -9.00 5.67 21.44
N ARG B 556 -9.96 5.59 22.37
CA ARG B 556 -9.81 6.27 23.64
C ARG B 556 -8.60 5.75 24.40
N TYR B 557 -8.41 4.43 24.40
CA TYR B 557 -7.24 3.89 25.09
C TYR B 557 -5.95 4.29 24.38
N THR B 558 -5.94 4.24 23.05
CA THR B 558 -4.72 4.51 22.31
C THR B 558 -4.26 5.95 22.52
N TYR B 559 -5.18 6.90 22.48
CA TYR B 559 -4.83 8.31 22.59
C TYR B 559 -5.07 8.87 23.98
N ARG B 560 -5.33 8.01 24.96
CA ARG B 560 -5.45 8.43 26.36
C ARG B 560 -6.44 9.59 26.50
N CYS B 561 -7.53 9.51 25.75
CA CYS B 561 -8.54 10.56 25.72
C CYS B 561 -9.86 10.07 26.33
N HIS B 562 -9.78 9.36 27.44
CA HIS B 562 -10.96 8.86 28.11
C HIS B 562 -11.88 10.03 28.49
N ARG B 563 -13.14 9.69 28.78
CA ARG B 563 -14.13 10.70 29.07
C ARG B 563 -13.70 11.55 30.26
N GLY B 564 -14.02 12.84 30.20
CA GLY B 564 -13.63 13.75 31.27
C GLY B 564 -14.19 13.32 32.62
N ASP B 565 -15.44 12.89 32.65
CA ASP B 565 -16.08 12.46 33.89
C ASP B 565 -15.81 10.98 34.18
N THR B 566 -14.53 10.61 34.17
CA THR B 566 -14.10 9.23 34.39
C THR B 566 -13.02 9.21 35.45
N GLN B 567 -12.95 8.11 36.19
CA GLN B 567 -11.99 7.95 37.26
C GLN B 567 -10.66 7.38 36.80
N ILE B 568 -10.54 6.98 35.53
CA ILE B 568 -9.27 6.50 35.02
C ILE B 568 -8.22 7.58 35.15
N GLN B 569 -7.04 7.20 35.61
CA GLN B 569 -5.94 8.13 35.83
C GLN B 569 -4.82 7.84 34.86
N THR B 570 -4.26 8.90 34.27
CA THR B 570 -3.15 8.79 33.34
C THR B 570 -2.55 10.17 33.16
N ARG B 571 -1.49 10.24 32.37
CA ARG B 571 -0.80 11.52 32.17
C ARG B 571 -1.76 12.61 31.72
N ARG B 572 -2.68 12.26 30.82
CA ARG B 572 -3.61 13.23 30.24
C ARG B 572 -4.89 13.39 31.05
N ALA B 573 -5.05 12.64 32.15
CA ALA B 573 -6.30 12.68 32.89
C ALA B 573 -6.55 14.05 33.52
N PHE B 574 -5.52 14.67 34.08
CA PHE B 574 -5.71 15.93 34.80
C PHE B 574 -6.20 17.02 33.86
N GLU B 575 -5.54 17.18 32.71
CA GLU B 575 -5.95 18.20 31.76
C GLU B 575 -7.36 17.92 31.23
N LEU B 576 -7.66 16.66 30.94
CA LEU B 576 -8.99 16.32 30.44
C LEU B 576 -10.06 16.66 31.46
N GLY B 577 -9.82 16.34 32.73
CA GLY B 577 -10.78 16.68 33.77
C GLY B 577 -10.95 18.18 33.94
N LYS B 578 -9.85 18.92 33.89
CA LYS B 578 -9.93 20.37 34.00
C LYS B 578 -10.77 20.94 32.85
N LEU B 579 -10.51 20.48 31.63
CA LEU B 579 -11.28 20.96 30.48
C LEU B 579 -12.74 20.56 30.61
N TRP B 580 -13.01 19.35 31.08
CA TRP B 580 -14.39 18.90 31.22
C TRP B 580 -15.15 19.77 32.20
N GLU B 581 -14.54 20.09 33.35
CA GLU B 581 -15.22 20.93 34.32
C GLU B 581 -15.35 22.36 33.84
N GLN B 582 -14.36 22.86 33.10
CA GLN B 582 -14.40 24.25 32.66
C GLN B 582 -15.53 24.49 31.66
N THR B 583 -15.75 23.55 30.74
CA THR B 583 -16.73 23.75 29.68
C THR B 583 -18.14 23.58 30.20
N ARG B 584 -19.10 24.14 29.45
CA ARG B 584 -20.51 24.13 29.80
C ARG B 584 -21.30 23.15 28.95
N SER B 585 -21.22 23.27 27.63
CA SER B 585 -21.87 22.32 26.71
C SER B 585 -20.95 21.12 26.55
N LYS B 586 -21.16 20.12 27.41
CA LYS B 586 -20.26 18.97 27.46
C LYS B 586 -20.33 18.12 26.20
N ALA B 587 -21.40 18.25 25.41
CA ALA B 587 -21.51 17.45 24.19
C ALA B 587 -20.66 18.01 23.05
N GLY B 588 -20.21 19.26 23.16
CA GLY B 588 -19.45 19.87 22.08
C GLY B 588 -18.01 19.44 22.00
N LEU B 589 -17.44 18.92 23.08
CA LEU B 589 -16.05 18.52 23.06
C LEU B 589 -15.85 17.30 22.17
N LEU B 590 -14.69 17.26 21.51
CA LEU B 590 -14.34 16.10 20.71
C LEU B 590 -14.03 14.91 21.61
N VAL B 591 -14.08 13.72 21.02
CA VAL B 591 -13.73 12.52 21.78
C VAL B 591 -12.29 12.59 22.25
N SER B 592 -11.41 13.14 21.42
CA SER B 592 -10.01 13.29 21.82
C SER B 592 -9.84 14.25 22.99
N ASP B 593 -10.82 15.10 23.25
CA ASP B 593 -10.81 16.00 24.38
C ASP B 593 -11.64 15.48 25.56
N GLY B 594 -11.96 14.18 25.55
CA GLY B 594 -12.77 13.60 26.60
C GLY B 594 -14.26 13.81 26.45
N GLY B 595 -14.71 14.30 25.29
CA GLY B 595 -16.11 14.53 25.07
C GLY B 595 -16.85 13.23 24.81
N PRO B 596 -18.19 13.28 24.83
CA PRO B 596 -18.97 12.06 24.60
C PRO B 596 -18.96 11.65 23.13
N ASN B 597 -19.42 10.44 22.89
CA ASN B 597 -19.52 9.89 21.54
C ASN B 597 -20.93 10.12 21.03
N LEU B 598 -21.08 11.05 20.09
CA LEU B 598 -22.37 11.38 19.50
C LEU B 598 -22.64 10.64 18.20
N TYR B 599 -21.74 9.74 17.78
CA TYR B 599 -21.89 9.07 16.51
C TYR B 599 -22.97 8.00 16.57
N ASN B 600 -23.55 7.70 15.42
CA ASN B 600 -24.55 6.65 15.28
C ASN B 600 -24.67 6.33 13.80
N ILE B 601 -25.59 5.42 13.47
CA ILE B 601 -25.76 5.02 12.08
C ILE B 601 -26.21 6.20 11.23
N ARG B 602 -26.91 7.16 11.82
CA ARG B 602 -27.41 8.29 11.06
C ARG B 602 -26.27 9.09 10.44
N ASN B 603 -25.27 9.46 11.24
CA ASN B 603 -24.26 10.43 10.85
C ASN B 603 -22.87 9.80 10.78
N LEU B 604 -22.77 8.58 10.27
CA LEU B 604 -21.48 7.97 10.03
C LEU B 604 -20.72 8.65 8.89
N HIS B 605 -21.38 9.51 8.13
CA HIS B 605 -20.78 10.14 6.95
C HIS B 605 -20.38 11.59 7.21
N ILE B 606 -20.40 12.04 8.45
CA ILE B 606 -20.13 13.43 8.82
C ILE B 606 -18.85 13.48 9.64
N PRO B 607 -17.90 14.36 9.33
CA PRO B 607 -16.70 14.47 10.17
C PRO B 607 -17.05 14.93 11.57
N GLU B 608 -16.23 14.51 12.53
CA GLU B 608 -16.54 14.74 13.93
C GLU B 608 -16.64 16.23 14.25
N VAL B 609 -15.70 17.03 13.74
CA VAL B 609 -15.70 18.45 14.07
C VAL B 609 -16.98 19.11 13.60
N CYS B 610 -17.39 18.82 12.36
CA CYS B 610 -18.64 19.37 11.84
C CYS B 610 -19.86 18.73 12.46
N LEU B 611 -19.74 17.52 13.00
CA LEU B 611 -20.88 16.84 13.61
C LEU B 611 -21.40 17.62 14.81
N LYS B 612 -20.49 18.11 15.66
CA LYS B 612 -20.85 18.76 16.91
C LYS B 612 -20.43 20.22 16.93
N TRP B 613 -20.32 20.84 15.75
CA TRP B 613 -19.89 22.23 15.69
C TRP B 613 -20.87 23.16 16.38
N GLU B 614 -22.18 22.95 16.18
CA GLU B 614 -23.17 23.82 16.80
C GLU B 614 -23.17 23.69 18.32
N LEU B 615 -22.78 22.53 18.84
CA LEU B 615 -22.76 22.31 20.28
C LEU B 615 -21.50 22.80 20.96
N MET B 616 -20.49 23.21 20.18
CA MET B 616 -19.22 23.64 20.77
C MET B 616 -19.40 24.95 21.53
N ASP B 617 -18.65 25.08 22.62
CA ASP B 617 -18.57 26.34 23.34
C ASP B 617 -17.83 27.38 22.50
N GLU B 618 -18.26 28.63 22.62
CA GLU B 618 -17.64 29.69 21.83
C GLU B 618 -16.15 29.79 22.12
N ASP B 619 -15.77 29.87 23.40
CA ASP B 619 -14.36 29.94 23.75
C ASP B 619 -13.63 28.65 23.37
N TYR B 620 -14.24 27.50 23.65
CA TYR B 620 -13.63 26.23 23.26
C TYR B 620 -13.50 26.12 21.75
N GLN B 621 -14.54 26.54 21.02
CA GLN B 621 -14.48 26.50 19.57
C GLN B 621 -13.36 27.38 19.04
N GLY B 622 -13.21 28.59 19.60
CA GLY B 622 -12.13 29.45 19.17
C GLY B 622 -10.76 28.86 19.47
N ARG B 623 -10.60 28.30 20.67
CA ARG B 623 -9.30 27.72 21.02
C ARG B 623 -8.96 26.53 20.13
N LEU B 624 -9.93 25.66 19.89
CA LEU B 624 -9.66 24.45 19.10
C LEU B 624 -9.31 24.78 17.67
N CYS B 625 -10.01 25.75 17.07
CA CYS B 625 -9.83 26.11 15.67
C CYS B 625 -9.13 27.45 15.53
N ASN B 626 -8.16 27.72 16.39
CA ASN B 626 -7.42 28.97 16.30
C ASN B 626 -6.66 29.01 14.97
N PRO B 627 -6.56 30.18 14.34
CA PRO B 627 -5.74 30.27 13.12
C PRO B 627 -4.26 29.97 13.34
N MET B 628 -3.79 30.00 14.58
CA MET B 628 -2.37 29.90 14.85
C MET B 628 -2.03 28.70 15.72
N ASN B 629 -2.56 27.53 15.38
CA ASN B 629 -2.21 26.32 16.10
C ASN B 629 -0.71 26.05 15.95
N PRO B 630 0.03 25.91 17.06
CA PRO B 630 1.47 25.61 16.93
C PRO B 630 1.77 24.21 16.47
N PHE B 631 0.79 23.30 16.48
CA PHE B 631 1.03 21.91 16.13
C PHE B 631 0.92 21.62 14.64
N VAL B 632 0.45 22.57 13.84
CA VAL B 632 0.30 22.40 12.41
C VAL B 632 1.25 23.36 11.71
N SER B 633 1.90 22.88 10.65
CA SER B 633 2.84 23.71 9.92
C SER B 633 2.13 24.89 9.28
N HIS B 634 2.81 26.04 9.28
CA HIS B 634 2.29 27.26 8.68
C HIS B 634 3.13 27.64 7.47
N LYS B 635 2.50 28.33 6.53
CA LYS B 635 3.13 28.70 5.26
C LYS B 635 3.33 30.21 5.20
N GLU B 636 4.51 30.60 4.72
CA GLU B 636 4.81 32.02 4.54
C GLU B 636 4.01 32.59 3.38
N ILE B 637 3.58 33.84 3.53
CA ILE B 637 2.79 34.48 2.48
C ILE B 637 3.59 34.56 1.20
N ASP B 638 2.90 34.44 0.07
CA ASP B 638 3.53 34.46 -1.26
C ASP B 638 3.42 35.86 -1.85
N SER B 639 4.55 36.35 -2.39
CA SER B 639 4.61 37.65 -3.04
C SER B 639 4.17 38.76 -2.07
N VAL B 640 4.93 38.89 -0.99
CA VAL B 640 4.67 39.92 0.02
C VAL B 640 5.85 40.89 0.05
N SER B 654 6.59 39.18 7.73
CA SER B 654 6.78 37.74 7.85
C SER B 654 5.46 37.06 8.22
N MET B 655 4.36 37.63 7.76
CA MET B 655 3.04 37.11 8.10
C MET B 655 2.81 35.78 7.39
N GLU B 656 2.15 34.86 8.09
CA GLU B 656 1.90 33.52 7.57
C GLU B 656 0.41 33.33 7.27
N TYR B 657 0.12 32.40 6.38
CA TYR B 657 -1.27 32.09 6.06
C TYR B 657 -1.99 31.52 7.27
N ASP B 658 -3.27 31.84 7.40
CA ASP B 658 -4.07 31.31 8.49
C ASP B 658 -4.25 29.81 8.34
N ALA B 659 -4.45 29.13 9.46
CA ALA B 659 -4.65 27.69 9.50
C ALA B 659 -6.07 27.36 9.91
N VAL B 660 -6.65 26.35 9.26
CA VAL B 660 -7.98 25.88 9.62
C VAL B 660 -7.95 24.51 10.28
N ALA B 661 -6.88 23.74 10.11
CA ALA B 661 -6.79 22.45 10.77
C ALA B 661 -6.86 22.61 12.28
N THR B 662 -7.57 21.69 12.94
CA THR B 662 -7.69 21.73 14.39
C THR B 662 -6.36 21.33 15.04
N THR B 663 -6.29 21.55 16.36
CA THR B 663 -5.08 21.23 17.10
C THR B 663 -4.84 19.72 17.21
N HIS B 664 -5.82 18.90 16.85
CA HIS B 664 -5.69 17.45 16.95
C HIS B 664 -5.03 16.82 15.73
N SER B 665 -4.63 17.63 14.75
CA SER B 665 -3.94 17.13 13.56
C SER B 665 -2.43 17.27 13.67
N TRP B 666 -1.90 17.14 14.89
CA TRP B 666 -0.47 17.24 15.12
C TRP B 666 0.28 16.15 14.34
N ILE B 667 1.59 16.29 14.30
CA ILE B 667 2.48 15.39 13.57
C ILE B 667 3.22 14.54 14.60
N PRO B 668 3.06 13.21 14.59
CA PRO B 668 3.82 12.38 15.52
C PRO B 668 5.30 12.31 15.16
N LYS B 669 6.11 12.01 16.17
CA LYS B 669 7.55 11.89 15.97
C LYS B 669 7.86 10.66 15.12
N ARG B 670 8.83 10.80 14.23
CA ARG B 670 9.28 9.72 13.36
C ARG B 670 10.76 9.49 13.59
N ASN B 671 11.16 8.23 13.68
CA ASN B 671 12.54 7.84 13.93
C ASN B 671 13.04 6.94 12.81
N ARG B 672 14.24 7.24 12.31
CA ARG B 672 14.83 6.50 11.20
C ARG B 672 16.30 6.23 11.46
N SER B 673 16.63 5.83 12.68
CA SER B 673 18.01 5.60 13.07
C SER B 673 18.40 4.13 12.85
N ILE B 674 19.67 3.93 12.55
CA ILE B 674 20.24 2.60 12.40
C ILE B 674 21.07 2.29 13.64
N LEU B 675 21.23 1.00 13.93
CA LEU B 675 21.98 0.56 15.10
C LEU B 675 23.47 0.56 14.77
N ASN B 676 24.25 1.29 15.56
CA ASN B 676 25.71 1.30 15.42
C ASN B 676 26.14 1.68 14.01
N THR B 677 25.42 2.62 13.40
CA THR B 677 25.75 3.09 12.07
C THR B 677 25.56 4.60 11.99
N SER B 678 26.47 5.26 11.29
CA SER B 678 26.42 6.70 11.08
C SER B 678 26.23 6.97 9.59
N GLN B 679 25.29 7.86 9.27
CA GLN B 679 24.98 8.19 7.88
C GLN B 679 24.94 9.69 7.65
N ARG B 680 25.64 10.47 8.49
CA ARG B 680 25.61 11.92 8.35
C ARG B 680 26.09 12.38 6.99
N GLY B 681 26.91 11.57 6.29
CA GLY B 681 27.37 11.93 4.97
C GLY B 681 26.35 11.75 3.87
N ILE B 682 25.22 11.10 4.16
CA ILE B 682 24.21 10.83 3.16
C ILE B 682 22.93 11.62 3.38
N LEU B 683 22.61 11.98 4.63
CA LEU B 683 21.43 12.80 4.89
C LEU B 683 21.66 14.26 4.52
N GLU B 684 22.91 14.67 4.35
CA GLU B 684 23.18 16.05 3.92
C GLU B 684 22.58 16.31 2.55
N ASP B 685 22.72 15.35 1.62
CA ASP B 685 22.14 15.53 0.30
C ASP B 685 20.63 15.72 0.39
N GLU B 686 19.97 14.92 1.21
CA GLU B 686 18.52 15.07 1.39
C GLU B 686 18.18 16.44 1.96
N GLN B 687 18.95 16.91 2.95
CA GLN B 687 18.67 18.20 3.55
C GLN B 687 18.82 19.33 2.52
N MET B 688 19.89 19.31 1.73
CA MET B 688 20.08 20.35 0.74
C MET B 688 19.00 20.29 -0.35
N TYR B 689 18.62 19.08 -0.76
CA TYR B 689 17.55 18.96 -1.74
C TYR B 689 16.25 19.54 -1.19
N GLN B 690 15.93 19.26 0.07
CA GLN B 690 14.72 19.83 0.66
C GLN B 690 14.80 21.35 0.71
N LYS B 691 15.97 21.89 1.05
CA LYS B 691 16.12 23.35 1.10
C LYS B 691 15.88 23.95 -0.28
N CYS B 692 16.49 23.37 -1.32
CA CYS B 692 16.31 23.89 -2.67
C CYS B 692 14.86 23.79 -3.11
N CYS B 693 14.21 22.67 -2.81
CA CYS B 693 12.81 22.51 -3.18
C CYS B 693 11.93 23.53 -2.49
N ASN B 694 12.18 23.79 -1.20
CA ASN B 694 11.42 24.79 -0.49
C ASN B 694 11.60 26.18 -1.11
N LEU B 695 12.85 26.52 -1.46
CA LEU B 695 13.08 27.81 -2.10
C LEU B 695 12.33 27.91 -3.43
N PHE B 696 12.39 26.85 -4.24
CA PHE B 696 11.68 26.89 -5.52
C PHE B 696 10.19 27.05 -5.31
N GLU B 697 9.62 26.31 -4.36
CA GLU B 697 8.20 26.48 -4.06
C GLU B 697 7.90 27.92 -3.65
N LYS B 698 8.83 28.55 -2.93
CA LYS B 698 8.68 29.97 -2.61
C LYS B 698 8.62 30.81 -3.88
N PHE B 699 9.45 30.48 -4.87
CA PHE B 699 9.45 31.23 -6.11
C PHE B 699 8.23 30.92 -6.97
N PHE B 700 7.78 29.67 -6.98
CA PHE B 700 6.66 29.24 -7.82
C PHE B 700 5.52 28.76 -6.92
N PRO B 701 4.49 29.58 -6.68
CA PRO B 701 3.46 29.21 -5.70
C PRO B 701 2.72 27.92 -6.03
N SER B 702 2.49 27.64 -7.31
CA SER B 702 1.66 26.51 -7.72
C SER B 702 2.45 25.22 -7.87
N SER B 703 3.74 25.23 -7.52
CA SER B 703 4.56 24.04 -7.71
C SER B 703 4.02 22.86 -6.90
N SER B 704 3.59 23.11 -5.66
CA SER B 704 3.12 22.03 -4.81
C SER B 704 1.80 21.45 -5.33
N TYR B 705 0.90 22.30 -5.81
CA TYR B 705 -0.41 21.82 -6.23
C TYR B 705 -0.29 20.85 -7.41
N ARG B 706 0.54 21.18 -8.39
CA ARG B 706 0.77 20.31 -9.53
C ARG B 706 2.26 20.29 -9.84
N ARG B 707 2.75 19.11 -10.21
CA ARG B 707 4.18 18.96 -10.49
C ARG B 707 4.55 19.86 -11.66
N PRO B 708 5.54 20.74 -11.51
CA PRO B 708 5.97 21.58 -12.63
C PRO B 708 6.85 20.81 -13.60
N VAL B 709 6.90 21.32 -14.82
CA VAL B 709 7.72 20.74 -15.89
C VAL B 709 8.57 21.84 -16.50
N GLY B 710 9.65 21.43 -17.15
CA GLY B 710 10.56 22.37 -17.79
C GLY B 710 11.99 21.89 -17.80
N ILE B 711 12.70 22.12 -18.92
CA ILE B 711 14.07 21.67 -19.04
C ILE B 711 15.08 22.65 -18.44
N SER B 712 14.66 23.87 -18.15
CA SER B 712 15.58 24.87 -17.60
C SER B 712 16.04 24.47 -16.20
N SER B 713 17.20 25.00 -15.82
CA SER B 713 17.74 24.73 -14.50
C SER B 713 16.93 25.44 -13.43
N MET B 714 17.09 24.99 -12.19
CA MET B 714 16.42 25.62 -11.06
C MET B 714 16.68 27.11 -11.01
N VAL B 715 17.95 27.49 -10.89
CA VAL B 715 18.29 28.90 -10.69
C VAL B 715 17.84 29.72 -11.90
N GLU B 716 17.96 29.17 -13.10
CA GLU B 716 17.54 29.92 -14.29
C GLU B 716 16.06 30.25 -14.21
N ALA B 717 15.22 29.27 -13.89
CA ALA B 717 13.79 29.50 -13.78
C ALA B 717 13.48 30.49 -12.66
N MET B 718 14.14 30.34 -11.51
CA MET B 718 13.89 31.25 -10.40
C MET B 718 14.25 32.68 -10.77
N VAL B 719 15.40 32.88 -11.41
CA VAL B 719 15.81 34.24 -11.77
C VAL B 719 14.88 34.82 -12.82
N SER B 720 14.47 34.02 -13.81
CA SER B 720 13.55 34.53 -14.83
C SER B 720 12.22 34.93 -14.21
N ARG B 721 11.70 34.10 -13.30
CA ARG B 721 10.45 34.45 -12.62
C ARG B 721 10.62 35.70 -11.78
N ALA B 722 11.75 35.84 -11.10
CA ALA B 722 11.98 37.04 -10.30
C ALA B 722 11.99 38.28 -11.18
N ARG B 723 12.68 38.21 -12.33
CA ARG B 723 12.75 39.35 -13.22
C ARG B 723 11.37 39.74 -13.75
N ILE B 724 10.61 38.74 -14.21
CA ILE B 724 9.29 39.04 -14.76
C ILE B 724 8.36 39.57 -13.67
N ASP B 725 8.44 39.00 -12.47
CA ASP B 725 7.59 39.46 -11.38
C ASP B 725 7.92 40.89 -11.00
N ALA B 726 9.21 41.22 -10.93
CA ALA B 726 9.60 42.59 -10.63
C ALA B 726 9.11 43.55 -11.70
N ARG B 727 9.27 43.19 -12.98
CA ARG B 727 8.80 44.05 -14.05
C ARG B 727 7.30 44.27 -13.98
N ILE B 728 6.55 43.19 -13.74
CA ILE B 728 5.09 43.30 -13.68
C ILE B 728 4.66 44.13 -12.48
N ASP B 729 5.31 43.93 -11.34
CA ASP B 729 4.96 44.72 -10.15
C ASP B 729 5.24 46.20 -10.38
N PHE B 730 6.39 46.51 -11.01
CA PHE B 730 6.69 47.91 -11.32
C PHE B 730 5.66 48.49 -12.28
N GLU B 731 5.29 47.74 -13.31
CA GLU B 731 4.29 48.23 -14.26
C GLU B 731 2.96 48.49 -13.56
N SER B 732 2.52 47.56 -12.71
CA SER B 732 1.26 47.75 -12.00
C SER B 732 1.34 48.90 -11.01
N GLY B 733 2.45 49.01 -10.29
CA GLY B 733 2.63 50.05 -9.31
C GLY B 733 2.71 49.58 -7.86
N ARG B 734 3.01 48.31 -7.62
CA ARG B 734 3.14 47.81 -6.26
C ARG B 734 4.52 48.09 -5.66
N ILE B 735 5.51 48.47 -6.47
CA ILE B 735 6.86 48.75 -6.00
C ILE B 735 7.39 49.97 -6.72
N LYS B 736 8.33 50.66 -6.07
CA LYS B 736 8.90 51.88 -6.62
C LYS B 736 10.18 51.57 -7.38
N LYS B 737 10.84 52.63 -7.87
CA LYS B 737 11.99 52.45 -8.74
C LYS B 737 13.16 51.77 -8.03
N GLU B 738 13.41 52.17 -6.78
CA GLU B 738 14.59 51.66 -6.08
C GLU B 738 14.51 50.16 -5.83
N GLU B 739 13.33 49.67 -5.45
CA GLU B 739 13.19 48.23 -5.22
C GLU B 739 13.37 47.45 -6.52
N PHE B 740 12.81 47.96 -7.62
CA PHE B 740 13.01 47.31 -8.90
C PHE B 740 14.48 47.26 -9.27
N ALA B 741 15.21 48.37 -9.07
CA ALA B 741 16.63 48.40 -9.39
C ALA B 741 17.40 47.41 -8.53
N GLU B 742 17.08 47.35 -7.23
CA GLU B 742 17.78 46.43 -6.34
C GLU B 742 17.52 44.98 -6.73
N ILE B 743 16.27 44.65 -7.06
CA ILE B 743 15.95 43.28 -7.47
C ILE B 743 16.67 42.94 -8.76
N MET B 744 16.72 43.87 -9.71
CA MET B 744 17.42 43.62 -10.96
C MET B 744 18.91 43.40 -10.71
N LYS B 745 19.51 44.20 -9.84
CA LYS B 745 20.93 44.03 -9.53
C LYS B 745 21.19 42.68 -8.89
N ILE B 746 20.32 42.27 -7.97
CA ILE B 746 20.51 40.98 -7.32
C ILE B 746 20.38 39.85 -8.33
N CYS B 747 19.41 39.96 -9.24
CA CYS B 747 19.26 38.95 -10.28
C CYS B 747 20.50 38.88 -11.16
N SER B 748 21.04 40.04 -11.54
CA SER B 748 22.22 40.06 -12.39
C SER B 748 23.42 39.43 -11.70
N THR B 749 23.62 39.75 -10.42
CA THR B 749 24.75 39.16 -9.71
C THR B 749 24.56 37.66 -9.51
N ILE B 750 23.33 37.21 -9.29
CA ILE B 750 23.07 35.78 -9.19
C ILE B 750 23.40 35.09 -10.51
N GLU B 751 22.99 35.69 -11.62
CA GLU B 751 23.29 35.11 -12.93
C GLU B 751 24.79 35.06 -13.17
N GLU B 752 25.50 36.13 -12.81
CA GLU B 752 26.95 36.15 -12.99
C GLU B 752 27.62 35.08 -12.14
N LEU B 753 27.15 34.90 -10.90
CA LEU B 753 27.70 33.86 -10.05
C LEU B 753 27.42 32.48 -10.64
N ARG B 754 26.24 32.28 -11.20
CA ARG B 754 25.92 31.02 -11.86
C ARG B 754 26.87 30.74 -13.02
N ARG B 755 27.10 31.76 -13.86
CA ARG B 755 27.97 31.57 -15.01
C ARG B 755 29.40 31.26 -14.59
N GLN B 756 29.90 31.97 -13.58
CA GLN B 756 31.28 31.83 -13.12
C GLN B 756 31.24 31.27 -11.70
N LYS B 757 31.39 29.96 -11.59
CA LYS B 757 31.39 29.30 -10.29
C LYS B 757 32.61 29.66 -9.47
N MET C 1 12.28 40.18 -3.24
CA MET C 1 13.32 40.85 -2.40
C MET C 1 13.88 39.88 -1.36
N GLU C 2 13.00 39.36 -0.51
CA GLU C 2 13.45 38.37 0.48
C GLU C 2 13.81 37.06 -0.21
N ARG C 3 12.97 36.60 -1.13
CA ARG C 3 13.24 35.34 -1.81
C ARG C 3 14.50 35.43 -2.66
N ILE C 4 14.70 36.57 -3.34
CA ILE C 4 15.89 36.70 -4.19
C ILE C 4 17.15 36.76 -3.35
N LYS C 5 17.10 37.45 -2.20
CA LYS C 5 18.24 37.44 -1.30
C LYS C 5 18.53 36.04 -0.78
N GLU C 6 17.47 35.30 -0.45
CA GLU C 6 17.65 33.92 -0.02
C GLU C 6 18.30 33.09 -1.12
N LEU C 7 17.88 33.29 -2.37
CA LEU C 7 18.47 32.57 -3.48
C LEU C 7 19.94 32.92 -3.65
N ARG C 8 20.28 34.20 -3.53
CA ARG C 8 21.68 34.61 -3.63
C ARG C 8 22.52 33.94 -2.54
N ASP C 9 22.02 33.97 -1.30
CA ASP C 9 22.75 33.35 -0.21
C ASP C 9 22.91 31.85 -0.45
N LEU C 10 21.84 31.18 -0.91
CA LEU C 10 21.89 29.74 -1.10
C LEU C 10 22.84 29.37 -2.24
N MET C 11 22.91 30.19 -3.28
CA MET C 11 23.85 29.95 -4.37
C MET C 11 25.27 30.34 -4.01
N SER C 12 25.46 31.14 -2.95
CA SER C 12 26.81 31.49 -2.53
C SER C 12 27.61 30.25 -2.16
N GLN C 13 26.96 29.27 -1.54
CA GLN C 13 27.64 28.04 -1.14
C GLN C 13 28.10 27.27 -2.38
N SER C 14 28.81 26.16 -2.15
CA SER C 14 29.37 25.37 -3.23
C SER C 14 28.44 24.24 -3.66
N ARG C 15 28.11 23.34 -2.72
CA ARG C 15 27.29 22.19 -3.08
C ARG C 15 25.91 22.63 -3.56
N THR C 16 25.31 23.61 -2.88
CA THR C 16 23.98 24.05 -3.29
C THR C 16 24.01 24.73 -4.65
N ARG C 17 25.11 25.42 -4.97
CA ARG C 17 25.24 25.99 -6.32
C ARG C 17 25.17 24.87 -7.36
N GLU C 18 25.89 23.77 -7.12
CA GLU C 18 25.83 22.64 -8.04
C GLU C 18 24.42 22.06 -8.11
N ILE C 19 23.76 21.91 -6.96
CA ILE C 19 22.43 21.32 -6.95
C ILE C 19 21.47 22.17 -7.78
N LEU C 20 21.52 23.49 -7.58
CA LEU C 20 20.58 24.37 -8.27
C LEU C 20 20.91 24.46 -9.76
N THR C 21 22.19 24.55 -10.11
CA THR C 21 22.57 24.79 -11.49
C THR C 21 22.56 23.52 -12.34
N LYS C 22 22.75 22.36 -11.71
CA LYS C 22 22.83 21.09 -12.44
C LYS C 22 21.54 20.28 -12.32
N THR C 23 20.46 20.88 -11.83
CA THR C 23 19.17 20.20 -11.70
C THR C 23 18.11 20.99 -12.48
N THR C 24 17.37 20.29 -13.33
CA THR C 24 16.31 20.91 -14.09
C THR C 24 15.01 20.92 -13.29
N VAL C 25 14.01 21.63 -13.82
CA VAL C 25 12.73 21.74 -13.14
C VAL C 25 12.06 20.37 -13.05
N ASP C 26 12.16 19.57 -14.10
CA ASP C 26 11.59 18.22 -14.05
C ASP C 26 12.24 17.40 -12.93
N HIS C 27 13.57 17.38 -12.89
CA HIS C 27 14.28 16.57 -11.90
C HIS C 27 13.95 16.98 -10.47
N MET C 28 13.41 18.18 -10.25
CA MET C 28 12.89 18.53 -8.94
C MET C 28 12.02 17.41 -8.40
N ALA C 29 11.04 16.96 -9.20
CA ALA C 29 10.12 15.95 -8.71
C ALA C 29 10.85 14.71 -8.23
N ILE C 30 12.01 14.43 -8.80
CA ILE C 30 12.78 13.26 -8.38
C ILE C 30 13.51 13.54 -7.08
N ILE C 31 14.14 14.71 -6.97
CA ILE C 31 14.95 14.99 -5.79
C ILE C 31 14.11 15.40 -4.60
N LYS C 32 12.89 15.90 -4.82
CA LYS C 32 12.02 16.25 -3.70
C LYS C 32 11.65 15.01 -2.90
N LYS C 33 11.41 13.89 -3.58
CA LYS C 33 11.10 12.63 -2.91
C LYS C 33 12.34 11.90 -2.41
N TYR C 34 13.53 12.41 -2.71
CA TYR C 34 14.76 11.72 -2.32
C TYR C 34 14.81 11.54 -0.80
N THR C 35 15.15 10.32 -0.38
CA THR C 35 15.31 10.01 1.03
C THR C 35 16.39 8.95 1.17
N SER C 36 16.99 8.90 2.37
CA SER C 36 18.06 7.95 2.63
C SER C 36 17.98 7.30 4.01
N GLY C 37 16.95 7.59 4.79
CA GLY C 37 16.82 7.00 6.11
C GLY C 37 16.02 5.70 6.08
N ARG C 38 15.88 5.11 7.26
CA ARG C 38 15.11 3.89 7.39
C ARG C 38 13.64 4.14 7.09
N GLN C 39 12.99 3.13 6.53
CA GLN C 39 11.57 3.20 6.24
C GLN C 39 10.75 2.74 7.44
N GLU C 40 9.56 3.31 7.57
CA GLU C 40 8.69 3.05 8.71
C GLU C 40 7.53 2.15 8.28
N LYS C 41 7.27 1.10 9.07
CA LYS C 41 6.22 0.16 8.78
C LYS C 41 5.34 -0.01 10.02
N ASN C 42 4.09 -0.41 9.79
CA ASN C 42 3.13 -0.61 10.86
C ASN C 42 2.95 0.69 11.66
N PRO C 43 2.38 1.73 11.05
CA PRO C 43 2.16 2.97 11.81
C PRO C 43 1.25 2.78 13.00
N ALA C 44 0.27 1.87 12.92
CA ALA C 44 -0.67 1.69 14.02
C ALA C 44 0.05 1.18 15.27
N LEU C 45 0.94 0.20 15.10
CA LEU C 45 1.71 -0.29 16.24
C LEU C 45 2.61 0.81 16.81
N ARG C 46 3.23 1.59 15.93
CA ARG C 46 4.09 2.68 16.39
C ARG C 46 3.31 3.67 17.24
N MET C 47 2.12 4.05 16.78
CA MET C 47 1.28 4.93 17.59
C MET C 47 0.88 4.26 18.89
N LYS C 48 0.59 2.96 18.84
CA LYS C 48 0.14 2.26 20.04
C LYS C 48 1.20 2.31 21.13
N TRP C 49 2.46 2.06 20.77
CA TRP C 49 3.51 2.01 21.78
C TRP C 49 4.23 3.34 21.97
N MET C 50 3.90 4.37 21.18
CA MET C 50 4.48 5.69 21.37
C MET C 50 3.59 6.62 22.19
N MET C 51 2.28 6.42 22.16
CA MET C 51 1.40 7.28 22.95
C MET C 51 1.62 7.12 24.44
N ALA C 52 2.28 6.05 24.87
CA ALA C 52 2.66 5.88 26.26
C ALA C 52 3.92 6.66 26.62
N MET C 53 4.66 7.16 25.65
CA MET C 53 5.86 7.93 25.91
C MET C 53 5.50 9.34 26.35
N LYS C 54 6.50 10.04 26.90
CA LYS C 54 6.26 11.37 27.43
C LYS C 54 5.89 12.35 26.33
N TYR C 55 6.69 12.41 25.26
CA TYR C 55 6.53 13.38 24.19
C TYR C 55 6.51 12.68 22.85
N PRO C 56 5.35 12.22 22.39
CA PRO C 56 5.24 11.60 21.07
C PRO C 56 4.98 12.56 19.92
N ILE C 57 4.87 13.86 20.18
CA ILE C 57 4.55 14.85 19.16
C ILE C 57 5.78 15.71 18.90
N THR C 58 5.85 16.26 17.68
CA THR C 58 6.90 17.20 17.31
C THR C 58 6.25 18.49 16.82
N ALA C 59 6.71 19.62 17.34
CA ALA C 59 6.12 20.90 17.00
C ALA C 59 7.22 21.91 16.68
N ASP C 60 6.83 22.99 16.03
CA ASP C 60 7.77 24.07 15.76
C ASP C 60 8.23 24.71 17.06
N LYS C 61 9.46 25.24 17.05
CA LYS C 61 10.02 25.84 18.25
C LYS C 61 9.18 27.02 18.74
N ARG C 62 8.36 27.61 17.87
CA ARG C 62 7.52 28.72 18.30
C ARG C 62 6.60 28.32 19.45
N ILE C 63 6.26 27.04 19.55
CA ILE C 63 5.41 26.57 20.62
C ILE C 63 6.02 26.87 21.98
N MET C 64 7.35 27.01 22.05
CA MET C 64 7.99 27.33 23.32
C MET C 64 7.51 28.69 23.84
N GLU C 65 7.23 29.63 22.94
CA GLU C 65 6.81 30.96 23.35
C GLU C 65 5.34 31.02 23.77
N MET C 66 4.56 30.00 23.45
CA MET C 66 3.13 29.99 23.74
C MET C 66 2.77 29.06 24.89
N ILE C 67 3.19 27.81 24.83
CA ILE C 67 2.81 26.80 25.82
C ILE C 67 3.86 26.81 26.92
N PRO C 68 3.50 27.00 28.19
CA PRO C 68 4.50 26.91 29.25
C PRO C 68 5.06 25.50 29.37
N GLU C 69 6.28 25.42 29.89
CA GLU C 69 6.97 24.12 29.98
C GLU C 69 6.16 23.13 30.80
N ARG C 70 5.54 23.59 31.89
CA ARG C 70 4.76 22.73 32.76
C ARG C 70 3.45 23.43 33.12
N ASN C 71 2.45 22.62 33.45
CA ASN C 71 1.15 23.13 33.87
C ASN C 71 1.15 23.31 35.38
N GLU C 72 -0.02 23.62 35.95
CA GLU C 72 -0.11 23.85 37.39
C GLU C 72 0.27 22.61 38.18
N GLN C 73 -0.04 21.42 37.66
CA GLN C 73 0.29 20.17 38.33
C GLN C 73 1.70 19.68 38.03
N ARG C 74 2.59 20.57 37.61
CA ARG C 74 3.99 20.27 37.38
C ARG C 74 4.20 19.24 36.27
N GLN C 75 3.17 18.98 35.46
CA GLN C 75 3.28 18.00 34.39
C GLN C 75 3.93 18.67 33.18
N THR C 76 5.13 18.23 32.82
CA THR C 76 5.85 18.82 31.70
C THR C 76 5.04 18.68 30.42
N LEU C 77 5.01 19.75 29.63
CA LEU C 77 4.29 19.77 28.37
C LEU C 77 5.19 19.59 27.16
N TRP C 78 6.39 20.16 27.18
CA TRP C 78 7.35 19.97 26.10
C TRP C 78 8.75 20.02 26.67
N SER C 79 9.68 19.38 25.96
CA SER C 79 11.08 19.34 26.37
C SER C 79 11.96 19.63 25.17
N LYS C 80 13.10 20.26 25.43
CA LYS C 80 14.04 20.59 24.38
C LYS C 80 14.63 19.32 23.78
N THR C 81 14.86 19.36 22.48
CA THR C 81 15.38 18.22 21.73
C THR C 81 16.86 18.43 21.39
N ASN C 82 17.58 17.32 21.30
CA ASN C 82 18.98 17.32 20.90
C ASN C 82 19.16 16.88 19.46
N ASP C 83 18.51 15.79 19.05
CA ASP C 83 18.60 15.26 17.69
C ASP C 83 17.64 16.04 16.80
N ALA C 84 18.05 17.26 16.47
CA ALA C 84 17.25 18.14 15.62
C ALA C 84 18.13 19.26 15.10
N GLY C 85 17.60 20.00 14.14
CA GLY C 85 18.30 21.14 13.59
C GLY C 85 17.96 22.43 14.29
N SER C 86 17.40 22.33 15.49
CA SER C 86 16.98 23.47 16.30
C SER C 86 15.71 24.13 15.76
N ASP C 87 14.94 23.41 14.96
CA ASP C 87 13.68 23.91 14.43
C ASP C 87 12.49 23.07 14.89
N ARG C 88 12.71 22.08 15.74
CA ARG C 88 11.66 21.21 16.23
C ARG C 88 11.83 21.00 17.72
N VAL C 89 10.71 20.72 18.39
CA VAL C 89 10.70 20.50 19.83
C VAL C 89 9.71 19.38 20.14
N MET C 90 10.09 18.54 21.10
CA MET C 90 9.21 17.47 21.54
C MET C 90 8.02 18.04 22.30
N VAL C 91 6.88 17.36 22.18
CA VAL C 91 5.62 17.84 22.74
C VAL C 91 4.79 16.64 23.18
N SER C 92 4.03 16.84 24.24
CA SER C 92 3.14 15.84 24.80
C SER C 92 1.68 16.21 24.52
N PRO C 93 0.77 15.23 24.53
CA PRO C 93 -0.65 15.58 24.35
C PRO C 93 -1.17 16.50 25.43
N LEU C 94 -0.52 16.53 26.59
CA LEU C 94 -0.86 17.51 27.60
C LEU C 94 -0.80 18.92 27.04
N ALA C 95 0.15 19.17 26.14
CA ALA C 95 0.23 20.48 25.50
C ALA C 95 -1.02 20.76 24.67
N VAL C 96 -1.49 19.77 23.92
CA VAL C 96 -2.69 19.95 23.10
C VAL C 96 -3.89 20.27 24.00
N THR C 97 -4.05 19.49 25.07
CA THR C 97 -5.18 19.73 25.97
C THR C 97 -5.06 21.09 26.64
N TRP C 98 -3.85 21.48 27.03
CA TRP C 98 -3.65 22.78 27.66
C TRP C 98 -4.01 23.90 26.70
N TRP C 99 -3.61 23.79 25.43
CA TRP C 99 -4.02 24.79 24.46
C TRP C 99 -5.52 24.81 24.29
N ASN C 100 -6.15 23.64 24.26
CA ASN C 100 -7.58 23.58 24.01
C ASN C 100 -8.39 24.16 25.17
N ARG C 101 -7.85 24.09 26.39
CA ARG C 101 -8.59 24.56 27.56
C ARG C 101 -8.15 25.94 28.05
N ASN C 102 -6.97 26.41 27.65
CA ASN C 102 -6.46 27.69 28.13
C ASN C 102 -5.78 28.52 27.04
N GLY C 103 -5.76 28.07 25.79
CA GLY C 103 -5.09 28.80 24.74
C GLY C 103 -5.84 30.05 24.35
N PRO C 104 -5.21 30.90 23.55
CA PRO C 104 -5.88 32.14 23.12
C PRO C 104 -7.16 31.84 22.35
N THR C 105 -8.17 32.66 22.58
CA THR C 105 -9.47 32.48 21.95
C THR C 105 -9.72 33.60 20.95
N THR C 106 -10.34 33.24 19.83
CA THR C 106 -10.64 34.19 18.77
C THR C 106 -12.04 33.90 18.22
N SER C 107 -12.67 34.94 17.69
CA SER C 107 -14.02 34.82 17.14
C SER C 107 -14.02 34.55 15.64
N THR C 108 -12.86 34.46 15.00
CA THR C 108 -12.75 34.22 13.56
C THR C 108 -12.13 32.85 13.36
N VAL C 109 -12.90 31.93 12.79
CA VAL C 109 -12.45 30.57 12.49
C VAL C 109 -12.83 30.25 11.06
N HIS C 110 -11.90 29.63 10.33
CA HIS C 110 -12.11 29.33 8.92
C HIS C 110 -12.68 27.94 8.68
N TYR C 111 -12.93 27.15 9.72
CA TYR C 111 -13.44 25.80 9.51
C TYR C 111 -14.77 25.79 8.78
N PRO C 112 -15.77 26.59 9.17
CA PRO C 112 -17.04 26.57 8.44
C PRO C 112 -16.89 26.91 6.96
N LYS C 113 -15.99 27.84 6.63
CA LYS C 113 -15.83 28.24 5.24
C LYS C 113 -15.13 27.17 4.41
N VAL C 114 -14.06 26.60 4.95
CA VAL C 114 -13.27 25.63 4.18
C VAL C 114 -14.01 24.31 4.00
N TYR C 115 -15.00 24.02 4.86
CA TYR C 115 -15.69 22.74 4.80
C TYR C 115 -17.19 22.96 4.67
N LYS C 116 -17.58 23.84 3.74
CA LYS C 116 -18.99 24.14 3.54
C LYS C 116 -19.78 22.90 3.14
N THR C 117 -19.15 21.97 2.40
CA THR C 117 -19.87 20.79 1.95
C THR C 117 -20.29 19.91 3.13
N TYR C 118 -19.41 19.73 4.10
CA TYR C 118 -19.76 18.90 5.26
C TYR C 118 -20.85 19.57 6.09
N PHE C 119 -20.82 20.89 6.22
CA PHE C 119 -21.89 21.58 6.91
C PHE C 119 -23.21 21.48 6.15
N GLU C 120 -23.15 21.48 4.82
CA GLU C 120 -24.35 21.25 4.02
C GLU C 120 -24.90 19.86 4.28
N LYS C 121 -24.01 18.85 4.36
CA LYS C 121 -24.46 17.51 4.70
C LYS C 121 -25.11 17.47 6.07
N VAL C 122 -24.52 18.16 7.04
CA VAL C 122 -25.09 18.21 8.38
C VAL C 122 -26.47 18.83 8.35
N GLU C 123 -26.63 19.94 7.62
CA GLU C 123 -27.94 20.58 7.53
C GLU C 123 -28.95 19.68 6.85
N ARG C 124 -28.53 18.97 5.80
CA ARG C 124 -29.44 18.06 5.12
C ARG C 124 -29.91 16.95 6.05
N LEU C 125 -28.98 16.38 6.84
CA LEU C 125 -29.35 15.33 7.77
C LEU C 125 -30.24 15.86 8.88
N LYS C 126 -29.98 17.07 9.34
CA LYS C 126 -30.74 17.61 10.47
C LYS C 126 -32.21 17.78 10.12
N HIS C 127 -32.50 18.24 8.91
CA HIS C 127 -33.87 18.52 8.50
C HIS C 127 -34.52 17.36 7.75
N GLY C 128 -33.83 16.23 7.62
CA GLY C 128 -34.43 15.09 6.94
C GLY C 128 -35.57 14.49 7.75
N THR C 129 -36.47 13.83 7.04
CA THR C 129 -37.62 13.16 7.64
C THR C 129 -37.47 11.65 7.45
N PHE C 130 -37.79 10.90 8.51
CA PHE C 130 -37.64 9.46 8.53
C PHE C 130 -39.00 8.79 8.40
N GLY C 131 -39.11 7.83 7.50
CA GLY C 131 -40.32 7.07 7.32
C GLY C 131 -40.23 5.71 7.98
N PRO C 132 -41.21 4.86 7.74
CA PRO C 132 -41.19 3.52 8.34
C PRO C 132 -40.11 2.65 7.71
N VAL C 133 -39.73 1.61 8.45
CA VAL C 133 -38.75 0.63 8.00
C VAL C 133 -39.50 -0.59 7.50
N HIS C 134 -39.20 -1.00 6.28
CA HIS C 134 -39.85 -2.15 5.64
C HIS C 134 -38.86 -3.29 5.55
N PHE C 135 -39.24 -4.43 6.13
CA PHE C 135 -38.44 -5.66 6.03
C PHE C 135 -38.90 -6.41 4.79
N ARG C 136 -38.15 -6.26 3.69
CA ARG C 136 -38.49 -6.89 2.43
C ARG C 136 -37.21 -7.32 1.74
N ASN C 137 -37.36 -8.26 0.80
CA ASN C 137 -36.23 -8.69 -0.01
C ASN C 137 -35.65 -7.49 -0.75
N GLN C 138 -34.33 -7.32 -0.64
CA GLN C 138 -33.64 -6.18 -1.23
C GLN C 138 -32.82 -6.64 -2.41
N VAL C 139 -33.09 -6.08 -3.58
CA VAL C 139 -32.33 -6.37 -4.79
C VAL C 139 -31.40 -5.19 -5.05
N LYS C 140 -30.11 -5.47 -5.13
CA LYS C 140 -29.09 -4.46 -5.29
C LYS C 140 -28.43 -4.60 -6.65
N ILE C 141 -28.20 -3.48 -7.32
CA ILE C 141 -27.55 -3.44 -8.62
C ILE C 141 -26.25 -2.68 -8.47
N ARG C 142 -25.15 -3.29 -8.92
CA ARG C 142 -23.84 -2.63 -8.86
C ARG C 142 -23.73 -1.70 -10.06
N ARG C 143 -23.80 -0.39 -9.80
CA ARG C 143 -23.78 0.60 -10.86
C ARG C 143 -22.92 1.79 -10.45
N ARG C 144 -22.57 2.60 -11.43
CA ARG C 144 -21.73 3.78 -11.22
C ARG C 144 -22.63 4.95 -10.83
N VAL C 145 -22.51 5.40 -9.59
CA VAL C 145 -23.23 6.57 -9.11
C VAL C 145 -22.22 7.62 -8.72
N ASP C 146 -22.68 8.79 -8.30
CA ASP C 146 -21.79 9.85 -7.85
C ASP C 146 -21.83 9.98 -6.34
N ILE C 147 -20.68 10.36 -5.77
CA ILE C 147 -20.58 10.61 -4.34
C ILE C 147 -20.46 12.10 -4.05
N ASN C 148 -19.77 12.84 -4.91
CA ASN C 148 -19.71 14.30 -4.82
C ASN C 148 -20.40 14.89 -6.03
N PRO C 149 -21.55 15.55 -5.87
CA PRO C 149 -22.23 16.09 -7.06
C PRO C 149 -21.40 17.09 -7.83
N GLY C 150 -20.57 17.87 -7.16
CA GLY C 150 -19.82 18.89 -7.83
C GLY C 150 -20.73 19.95 -8.42
N HIS C 151 -20.29 20.54 -9.53
CA HIS C 151 -21.07 21.50 -10.27
C HIS C 151 -21.67 20.82 -11.50
N ALA C 152 -22.99 20.91 -11.66
CA ALA C 152 -23.64 20.23 -12.76
C ALA C 152 -23.13 20.73 -14.11
N ASP C 153 -22.98 22.05 -14.26
CA ASP C 153 -22.54 22.60 -15.53
C ASP C 153 -21.11 22.16 -15.85
N LEU C 154 -20.22 22.18 -14.87
CA LEU C 154 -18.82 21.89 -15.08
C LEU C 154 -18.54 20.40 -14.99
N SER C 155 -17.69 19.91 -15.89
CA SER C 155 -17.20 18.55 -15.83
C SER C 155 -15.93 18.52 -14.96
N ALA C 156 -15.28 17.37 -14.89
CA ALA C 156 -14.06 17.27 -14.10
C ALA C 156 -12.97 18.17 -14.67
N LYS C 157 -12.74 18.10 -15.99
CA LYS C 157 -11.72 18.93 -16.61
C LYS C 157 -12.06 20.41 -16.48
N GLU C 158 -13.33 20.76 -16.71
CA GLU C 158 -13.73 22.17 -16.59
C GLU C 158 -13.55 22.66 -15.17
N ALA C 159 -13.92 21.83 -14.19
CA ALA C 159 -13.75 22.22 -12.79
C ALA C 159 -12.28 22.41 -12.44
N GLN C 160 -11.42 21.50 -12.91
CA GLN C 160 -9.99 21.64 -12.63
C GLN C 160 -9.44 22.92 -13.25
N ASP C 161 -9.83 23.20 -14.50
CA ASP C 161 -9.35 24.41 -15.16
C ASP C 161 -9.82 25.66 -14.44
N VAL C 162 -11.09 25.68 -14.02
CA VAL C 162 -11.61 26.83 -13.29
C VAL C 162 -10.87 27.01 -11.98
N ILE C 163 -10.58 25.91 -11.29
CA ILE C 163 -9.86 25.99 -10.02
C ILE C 163 -8.48 26.58 -10.24
N MET C 164 -7.78 26.10 -11.26
CA MET C 164 -6.44 26.61 -11.52
C MET C 164 -6.49 28.10 -11.88
N GLU C 165 -7.48 28.50 -12.67
CA GLU C 165 -7.61 29.91 -13.03
C GLU C 165 -7.89 30.77 -11.80
N VAL C 166 -8.75 30.28 -10.90
CA VAL C 166 -9.13 31.08 -9.73
C VAL C 166 -7.96 31.19 -8.75
N VAL C 167 -7.27 30.08 -8.49
CA VAL C 167 -6.25 30.07 -7.44
C VAL C 167 -4.89 30.50 -7.96
N PHE C 168 -4.53 30.09 -9.18
CA PHE C 168 -3.22 30.39 -9.77
C PHE C 168 -3.43 31.00 -11.15
N PRO C 169 -3.82 32.27 -11.21
CA PRO C 169 -4.09 32.88 -12.53
C PRO C 169 -2.91 32.87 -13.46
N ASN C 170 -1.70 33.07 -12.93
CA ASN C 170 -0.51 33.23 -13.76
C ASN C 170 0.17 31.91 -14.09
N GLU C 171 -0.36 30.78 -13.63
CA GLU C 171 0.25 29.47 -13.87
C GLU C 171 -0.67 28.55 -14.66
N VAL C 172 -1.76 29.06 -15.23
CA VAL C 172 -2.67 28.20 -15.97
C VAL C 172 -1.96 27.57 -17.16
N GLY C 173 -1.08 28.32 -17.81
CA GLY C 173 -0.37 27.83 -18.97
C GLY C 173 -1.07 28.17 -20.26
N ALA C 174 -1.12 27.21 -21.19
CA ALA C 174 -1.81 27.42 -22.46
C ALA C 174 -3.32 27.28 -22.36
N ARG C 175 -3.83 26.81 -21.23
CA ARG C 175 -5.27 26.58 -21.10
C ARG C 175 -6.03 27.90 -21.13
N ILE C 176 -7.25 27.83 -21.65
CA ILE C 176 -8.14 28.98 -21.72
C ILE C 176 -9.55 28.52 -21.36
N LEU C 177 -10.27 29.36 -20.62
CA LEU C 177 -11.65 29.06 -20.27
C LEU C 177 -12.56 29.46 -21.42
N THR C 178 -13.40 28.51 -21.86
CA THR C 178 -14.28 28.71 -23.00
C THR C 178 -15.75 28.79 -22.61
N SER C 179 -16.23 27.81 -21.86
CA SER C 179 -17.65 27.78 -21.50
C SER C 179 -18.03 29.04 -20.73
N GLU C 180 -19.20 29.58 -21.06
CA GLU C 180 -19.66 30.79 -20.37
C GLU C 180 -19.86 30.53 -18.88
N SER C 181 -20.39 29.36 -18.53
CA SER C 181 -20.53 29.00 -17.12
C SER C 181 -19.18 28.95 -16.44
N GLN C 182 -18.15 28.45 -17.13
CA GLN C 182 -16.80 28.45 -16.55
C GLN C 182 -16.37 29.86 -16.18
N LEU C 183 -16.56 30.81 -17.10
CA LEU C 183 -16.17 32.18 -16.84
C LEU C 183 -16.98 32.77 -15.69
N THR C 184 -18.28 32.49 -15.66
CA THR C 184 -19.12 33.05 -14.60
C THR C 184 -18.68 32.52 -13.23
N ILE C 185 -18.44 31.21 -13.13
CA ILE C 185 -18.00 30.64 -11.86
C ILE C 185 -16.63 31.19 -11.48
N THR C 186 -15.73 31.34 -12.46
CA THR C 186 -14.42 31.90 -12.16
C THR C 186 -14.53 33.30 -11.60
N LYS C 187 -15.37 34.14 -12.21
CA LYS C 187 -15.56 35.49 -11.71
C LYS C 187 -16.17 35.48 -10.31
N GLU C 188 -17.16 34.63 -10.09
CA GLU C 188 -17.81 34.57 -8.78
C GLU C 188 -16.81 34.17 -7.71
N LYS C 189 -16.00 33.15 -7.99
CA LYS C 189 -15.03 32.69 -6.99
C LYS C 189 -13.94 33.73 -6.77
N LYS C 190 -13.48 34.39 -7.84
CA LYS C 190 -12.48 35.43 -7.68
C LYS C 190 -12.99 36.55 -6.78
N LYS C 191 -14.25 36.95 -6.98
CA LYS C 191 -14.84 37.95 -6.10
C LYS C 191 -14.96 37.43 -4.68
N GLU C 192 -15.37 36.17 -4.51
CA GLU C 192 -15.62 35.64 -3.18
C GLU C 192 -14.31 35.40 -2.43
N LEU C 193 -13.31 34.85 -3.10
CA LEU C 193 -12.05 34.50 -2.48
C LEU C 193 -11.05 35.66 -2.42
N GLN C 194 -11.42 36.83 -2.92
CA GLN C 194 -10.51 37.96 -2.90
C GLN C 194 -10.09 38.29 -1.47
N ASP C 195 -8.79 38.52 -1.28
CA ASP C 195 -8.25 38.87 0.03
C ASP C 195 -8.43 37.73 1.03
N CYS C 196 -8.25 36.50 0.57
CA CYS C 196 -8.34 35.34 1.44
C CYS C 196 -7.04 35.17 2.23
N LYS C 197 -7.18 34.78 3.49
CA LYS C 197 -6.05 34.61 4.39
C LYS C 197 -5.62 33.15 4.50
N ILE C 198 -6.14 32.28 3.65
CA ILE C 198 -5.81 30.85 3.68
C ILE C 198 -4.77 30.57 2.59
N ALA C 199 -4.04 29.49 2.79
CA ALA C 199 -3.02 29.12 1.83
C ALA C 199 -3.65 28.79 0.48
N PRO C 200 -3.01 29.12 -0.64
CA PRO C 200 -3.63 28.82 -1.94
C PRO C 200 -3.91 27.35 -2.15
N LEU C 201 -3.06 26.47 -1.66
CA LEU C 201 -3.26 25.03 -1.87
C LEU C 201 -4.55 24.55 -1.19
N MET C 202 -4.80 25.01 0.03
CA MET C 202 -5.99 24.58 0.74
C MET C 202 -7.24 25.21 0.15
N VAL C 203 -7.15 26.44 -0.37
CA VAL C 203 -8.27 27.01 -1.10
C VAL C 203 -8.55 26.21 -2.36
N ALA C 204 -7.50 25.75 -3.04
CA ALA C 204 -7.70 24.92 -4.23
C ALA C 204 -8.39 23.62 -3.87
N TYR C 205 -8.00 22.99 -2.76
CA TYR C 205 -8.67 21.77 -2.33
C TYR C 205 -10.13 22.05 -1.96
N MET C 206 -10.38 23.18 -1.32
CA MET C 206 -11.76 23.58 -1.02
C MET C 206 -12.58 23.66 -2.30
N LEU C 207 -12.05 24.34 -3.32
CA LEU C 207 -12.76 24.48 -4.57
C LEU C 207 -12.95 23.13 -5.25
N GLU C 208 -11.94 22.25 -5.15
CA GLU C 208 -12.08 20.90 -5.71
C GLU C 208 -13.24 20.16 -5.05
N ARG C 209 -13.33 20.26 -3.72
CA ARG C 209 -14.44 19.62 -3.02
C ARG C 209 -15.78 20.22 -3.46
N GLU C 210 -15.82 21.53 -3.66
CA GLU C 210 -17.09 22.19 -3.98
C GLU C 210 -17.53 21.98 -5.43
N LEU C 211 -16.60 21.76 -6.35
CA LEU C 211 -16.89 21.77 -7.78
C LEU C 211 -16.70 20.44 -8.48
N VAL C 212 -15.60 19.72 -8.21
CA VAL C 212 -15.30 18.52 -8.97
C VAL C 212 -16.34 17.44 -8.65
N ARG C 213 -16.58 16.58 -9.64
CA ARG C 213 -17.54 15.49 -9.52
C ARG C 213 -16.80 14.16 -9.46
N LYS C 214 -17.15 13.33 -8.48
CA LYS C 214 -16.53 12.03 -8.27
C LYS C 214 -17.58 10.93 -8.35
N THR C 215 -17.27 9.87 -9.09
CA THR C 215 -18.18 8.76 -9.29
C THR C 215 -17.51 7.47 -8.85
N ARG C 216 -18.30 6.59 -8.21
CA ARG C 216 -17.84 5.29 -7.76
C ARG C 216 -18.87 4.24 -8.12
N PHE C 217 -18.40 3.01 -8.24
CA PHE C 217 -19.27 1.86 -8.49
C PHE C 217 -19.72 1.28 -7.16
N LEU C 218 -21.02 1.34 -6.89
CA LEU C 218 -21.59 0.89 -5.63
C LEU C 218 -22.80 0.03 -5.90
N PRO C 219 -23.16 -0.86 -4.95
CA PRO C 219 -24.43 -1.58 -5.03
C PRO C 219 -25.56 -0.71 -4.49
N VAL C 220 -26.42 -0.24 -5.38
CA VAL C 220 -27.50 0.67 -5.03
C VAL C 220 -28.83 -0.05 -5.25
N ALA C 221 -29.83 0.38 -4.47
CA ALA C 221 -31.20 -0.12 -4.61
C ALA C 221 -32.13 1.02 -4.25
N GLY C 222 -32.58 1.74 -5.28
CA GLY C 222 -33.44 2.89 -5.07
C GLY C 222 -32.91 4.14 -5.74
N GLY C 223 -32.75 5.22 -4.95
CA GLY C 223 -32.32 6.48 -5.51
C GLY C 223 -30.89 6.44 -5.99
N THR C 224 -30.55 7.41 -6.84
CA THR C 224 -29.21 7.54 -7.40
C THR C 224 -28.59 8.92 -7.16
N SER C 225 -29.39 9.93 -6.83
CA SER C 225 -28.85 11.27 -6.64
C SER C 225 -27.85 11.29 -5.50
N SER C 226 -26.94 12.27 -5.55
CA SER C 226 -25.87 12.34 -4.56
C SER C 226 -26.42 12.45 -3.15
N VAL C 227 -27.51 13.21 -2.97
CA VAL C 227 -28.09 13.37 -1.64
C VAL C 227 -28.53 12.03 -1.09
N TYR C 228 -28.87 11.07 -1.96
CA TYR C 228 -29.26 9.75 -1.51
C TYR C 228 -28.07 8.80 -1.37
N ILE C 229 -27.02 8.99 -2.18
CA ILE C 229 -25.85 8.13 -2.07
C ILE C 229 -25.11 8.40 -0.77
N GLU C 230 -25.04 9.67 -0.36
CA GLU C 230 -24.35 10.00 0.89
C GLU C 230 -24.98 9.32 2.09
N VAL C 231 -26.26 8.94 2.01
CA VAL C 231 -26.97 8.28 3.09
C VAL C 231 -27.30 6.83 2.77
N LEU C 232 -26.61 6.22 1.81
CA LEU C 232 -26.88 4.84 1.42
C LEU C 232 -26.67 3.88 2.58
N HIS C 233 -25.66 4.15 3.42
CA HIS C 233 -25.40 3.29 4.56
C HIS C 233 -26.59 3.21 5.50
N LEU C 234 -27.45 4.23 5.51
CA LEU C 234 -28.57 4.31 6.45
C LEU C 234 -29.90 3.92 5.84
N THR C 235 -30.10 4.19 4.55
CA THR C 235 -31.40 3.97 3.91
C THR C 235 -31.50 2.63 3.21
N GLN C 236 -30.47 1.79 3.28
CA GLN C 236 -30.45 0.55 2.52
C GLN C 236 -29.75 -0.53 3.34
N GLY C 237 -30.28 -1.75 3.26
CA GLY C 237 -29.71 -2.88 3.95
C GLY C 237 -29.96 -4.17 3.18
N THR C 238 -29.40 -5.26 3.70
CA THR C 238 -29.55 -6.54 3.03
C THR C 238 -31.02 -6.98 2.98
N CYS C 239 -31.77 -6.73 4.06
CA CYS C 239 -33.15 -7.17 4.15
C CYS C 239 -34.11 -6.09 4.61
N TRP C 240 -33.65 -4.85 4.79
CA TRP C 240 -34.49 -3.78 5.29
C TRP C 240 -34.30 -2.54 4.43
N GLU C 241 -35.35 -1.72 4.36
CA GLU C 241 -35.33 -0.44 3.66
C GLU C 241 -35.87 0.63 4.59
N GLN C 242 -35.09 1.68 4.79
CA GLN C 242 -35.44 2.77 5.68
C GLN C 242 -35.86 3.97 4.84
N MET C 243 -37.16 4.26 4.82
CA MET C 243 -37.66 5.39 4.07
C MET C 243 -37.05 6.68 4.61
N TYR C 244 -36.59 7.55 3.72
CA TYR C 244 -35.91 8.76 4.12
C TYR C 244 -36.12 9.84 3.08
N THR C 245 -36.03 11.09 3.52
CA THR C 245 -36.18 12.25 2.65
C THR C 245 -35.21 13.33 3.12
N PRO C 246 -34.11 13.53 2.41
CA PRO C 246 -33.14 14.55 2.83
C PRO C 246 -33.78 15.93 2.88
N GLY C 247 -33.33 16.74 3.85
CA GLY C 247 -33.88 18.07 4.03
C GLY C 247 -33.60 19.02 2.89
N GLY C 248 -32.66 18.70 2.01
CA GLY C 248 -32.33 19.57 0.91
C GLY C 248 -33.36 19.53 -0.20
N GLU C 249 -33.20 20.43 -1.16
CA GLU C 249 -34.11 20.54 -2.28
C GLU C 249 -33.70 19.62 -3.43
N SER F 7 -32.64 -6.73 30.92
CA SER F 7 -33.90 -7.45 30.83
C SER F 7 -33.69 -8.86 30.30
N TYR F 8 -32.78 -9.00 29.33
CA TYR F 8 -32.48 -10.29 28.73
C TYR F 8 -31.28 -10.91 29.42
N SER F 9 -31.46 -12.07 30.02
CA SER F 9 -30.38 -12.81 30.66
C SER F 9 -30.06 -14.05 29.84
N PRO F 10 -28.87 -14.17 29.25
CA PRO F 10 -28.56 -15.38 28.48
C PRO F 10 -28.64 -16.62 29.37
N THR F 11 -29.17 -17.70 28.79
CA THR F 11 -29.27 -18.97 29.50
C THR F 11 -29.03 -20.11 28.52
N PRO F 13 -29.27 -24.47 27.95
CA PRO F 13 -29.77 -25.74 28.50
C PRO F 13 -28.66 -26.63 29.02
N SER F 14 -27.44 -26.38 28.53
CA SER F 14 -26.27 -27.14 28.99
C SER F 14 -25.75 -26.66 30.33
N TYR F 15 -26.27 -25.56 30.86
CA TYR F 15 -25.82 -25.05 32.15
C TYR F 15 -26.39 -25.91 33.27
N SER F 16 -25.51 -26.56 34.03
CA SER F 16 -25.92 -27.37 35.17
C SER F 16 -25.84 -26.54 36.44
N PRO F 17 -26.92 -26.42 37.21
CA PRO F 17 -26.86 -25.60 38.44
C PRO F 17 -26.15 -26.28 39.60
N THR F 18 -25.91 -27.59 39.54
CA THR F 18 -25.31 -28.33 40.64
C THR F 18 -24.04 -29.05 40.24
N SER F 19 -23.97 -29.60 39.03
CA SER F 19 -22.76 -30.30 38.60
C SER F 19 -21.50 -29.47 38.78
N PRO F 20 -21.45 -28.20 38.36
CA PRO F 20 -20.32 -27.35 38.75
C PRO F 20 -20.44 -26.93 40.22
N SER F 21 -20.10 -27.85 41.11
CA SER F 21 -20.25 -27.62 42.54
C SER F 21 -19.54 -26.33 42.96
N TYR F 22 -18.34 -26.12 42.44
CA TYR F 22 -17.58 -24.90 42.68
C TYR F 22 -16.96 -24.45 41.37
N SER F 23 -16.56 -23.18 41.32
CA SER F 23 -15.95 -22.62 40.13
C SER F 23 -14.44 -22.84 40.18
N PRO F 24 -13.88 -23.76 39.40
CA PRO F 24 -12.43 -23.99 39.46
C PRO F 24 -11.61 -22.85 38.88
N THR F 25 -12.23 -21.94 38.15
CA THR F 25 -11.51 -20.84 37.53
C THR F 25 -11.66 -19.58 38.37
N PRO F 27 -13.19 -19.34 42.03
CA PRO F 27 -13.85 -19.79 43.26
C PRO F 27 -13.86 -18.73 44.36
N SER F 28 -14.63 -18.98 45.41
CA SER F 28 -14.67 -18.11 46.58
C SER F 28 -13.80 -18.71 47.66
N TYR F 29 -12.82 -17.94 48.14
CA TYR F 29 -11.86 -18.44 49.11
C TYR F 29 -11.69 -17.51 50.32
N SER F 30 -12.40 -16.39 50.37
CA SER F 30 -12.27 -15.48 51.50
C SER F 30 -12.83 -16.15 52.75
N PRO F 31 -12.09 -16.16 53.87
CA PRO F 31 -12.58 -16.86 55.06
C PRO F 31 -13.61 -16.05 55.85
#